data_7P6L
#
_entry.id   7P6L
#
_cell.length_a   171.490
_cell.length_b   171.490
_cell.length_c   175.647
_cell.angle_alpha   90.000
_cell.angle_beta   90.000
_cell.angle_gamma   90.000
#
_symmetry.space_group_name_H-M   'P 42 21 2'
#
loop_
_entity.id
_entity.type
_entity.pdbx_description
1 polymer 'Bifunctional cytochrome P450/NADPH--P450 reductase'
2 non-polymer 'PROTOPORPHYRIN IX CONTAINING FE'
3 non-polymer 'LAURIC ACID'
4 water water
#
_entity_poly.entity_id   1
_entity_poly.type   'polypeptide(L)'
_entity_poly.pdbx_seq_one_letter_code
;MADKTTETVPIPGPPGLPLVGNALAFDSELPLRTFQEFAEEYGEIYRLTLPTGTTLVVSSQALVHELCDDKRFKKPVAAA
LAEVRNGVNDGLFTAREEEPNWGIAHRILMPAFGPASIQGMFTEMHEIASQLALKWARHGPDTPIFVTDDFTRLTLDTLA
LCTMNFRFNSYYHDELHPFINAMGNFLTESGARAMRPAITSIFHQAANRKYWEDIEVLRKTAQGVLDTRRKHPTNRKDLL
SAMLDGVDAKTGQKLSDSSIIDNLITFLIAGHETTSGLLSFAFYLLIKHQDAYRKAQEEVDRVIGKGPIKVEHIKKLPYI
AAVLRETLRLCPTIPIINRAAKQDEVIGGKYAVAKDQRLALLLAQSHLDPAVYGETAKQFIPERMLDENFERLNREYPDC
WKPFGTGMRACIGRPFAWQEAVLVMAMLLQNFDFVLHDPYYELHYKQTLTTKPKDFYMRAILRD
;
_entity_poly.pdbx_strand_id   B,A,C,D
#
loop_
_chem_comp.id
_chem_comp.type
_chem_comp.name
_chem_comp.formula
DAO non-polymer 'LAURIC ACID' 'C12 H24 O2'
HEM non-polymer 'PROTOPORPHYRIN IX CONTAINING FE' 'C34 H32 Fe N4 O4'
#
# COMPACT_ATOMS: atom_id res chain seq x y z
N GLU A 7 41.71 -50.33 11.03
CA GLU A 7 41.73 -49.02 10.31
C GLU A 7 40.48 -48.17 10.69
N THR A 8 39.24 -48.61 10.38
CA THR A 8 38.10 -47.68 10.16
C THR A 8 37.35 -47.35 11.47
N VAL A 9 37.09 -46.05 11.67
CA VAL A 9 36.34 -45.36 12.76
C VAL A 9 34.86 -45.26 12.37
N PRO A 10 33.88 -45.46 13.29
CA PRO A 10 32.47 -45.34 12.92
C PRO A 10 32.10 -43.87 12.66
N ILE A 11 31.30 -43.66 11.61
CA ILE A 11 30.77 -42.34 11.18
C ILE A 11 29.59 -41.94 12.07
N PRO A 12 29.61 -40.79 12.77
CA PRO A 12 28.48 -40.40 13.60
C PRO A 12 27.29 -39.91 12.75
N GLY A 13 26.19 -39.52 13.42
CA GLY A 13 24.99 -39.03 12.71
C GLY A 13 23.82 -38.91 13.67
N PRO A 14 22.78 -38.11 13.31
CA PRO A 14 21.59 -37.99 14.15
C PRO A 14 20.90 -39.35 14.19
N PRO A 15 20.40 -39.79 15.36
CA PRO A 15 19.74 -41.09 15.45
C PRO A 15 18.46 -41.01 14.60
N GLY A 16 18.20 -42.06 13.83
CA GLY A 16 17.02 -42.17 12.94
C GLY A 16 15.78 -42.59 13.73
N LEU A 17 14.66 -42.78 13.03
CA LEU A 17 13.46 -43.43 13.60
C LEU A 17 13.16 -44.64 12.75
N PRO A 18 12.40 -45.63 13.29
CA PRO A 18 11.91 -46.74 12.49
C PRO A 18 11.12 -46.16 11.30
N LEU A 19 11.27 -46.77 10.12
CA LEU A 19 10.41 -46.52 8.93
C LEU A 19 10.80 -45.22 8.22
N VAL A 20 11.30 -44.21 8.92
CA VAL A 20 11.51 -42.87 8.30
C VAL A 20 12.98 -42.46 8.38
N GLY A 21 13.81 -43.12 9.18
CA GLY A 21 15.22 -42.72 9.33
C GLY A 21 15.30 -41.27 9.79
N ASN A 22 16.06 -40.44 9.10
CA ASN A 22 16.18 -39.00 9.48
C ASN A 22 15.43 -38.16 8.46
N ALA A 23 14.58 -38.74 7.64
CA ALA A 23 13.96 -38.04 6.47
C ALA A 23 13.15 -36.83 6.99
N LEU A 24 12.37 -37.04 8.04
CA LEU A 24 11.40 -36.04 8.54
C LEU A 24 12.10 -34.91 9.33
N ALA A 25 13.41 -34.98 9.59
CA ALA A 25 14.21 -33.87 10.15
C ALA A 25 14.36 -32.72 9.14
N PHE A 26 14.17 -32.96 7.84
CA PHE A 26 14.46 -31.95 6.79
C PHE A 26 13.31 -30.95 6.73
N ASP A 27 13.67 -29.66 6.85
CA ASP A 27 12.76 -28.50 6.66
C ASP A 27 12.30 -28.59 5.19
N SER A 28 11.00 -28.73 4.94
CA SER A 28 10.43 -28.85 3.58
C SER A 28 10.96 -27.73 2.65
N GLU A 29 11.05 -26.50 3.20
CA GLU A 29 11.31 -25.25 2.44
C GLU A 29 12.80 -24.91 2.36
N LEU A 30 13.60 -25.32 3.33
CA LEU A 30 15.04 -25.02 3.31
C LEU A 30 15.85 -26.21 3.80
N PRO A 31 15.82 -27.35 3.08
CA PRO A 31 16.59 -28.53 3.49
C PRO A 31 18.09 -28.27 3.67
N LEU A 32 18.64 -27.26 2.99
CA LEU A 32 20.09 -26.95 3.13
C LEU A 32 20.43 -26.66 4.59
N ARG A 33 19.56 -25.93 5.30
CA ARG A 33 19.73 -25.58 6.74
C ARG A 33 19.94 -26.88 7.53
N THR A 34 19.08 -27.88 7.32
CA THR A 34 19.11 -29.14 8.08
C THR A 34 20.50 -29.75 7.85
N PHE A 35 20.93 -29.81 6.59
CA PHE A 35 22.23 -30.40 6.19
C PHE A 35 23.34 -29.71 6.97
N GLN A 36 23.30 -28.38 7.07
CA GLN A 36 24.42 -27.59 7.64
C GLN A 36 24.38 -27.61 9.17
N GLU A 37 23.20 -27.69 9.79
CA GLU A 37 23.08 -27.79 11.26
C GLU A 37 23.66 -29.15 11.70
N PHE A 38 23.37 -30.22 10.99
CA PHE A 38 23.94 -31.57 11.26
C PHE A 38 25.45 -31.53 11.08
N ALA A 39 25.97 -30.76 10.11
CA ALA A 39 27.42 -30.62 9.86
C ALA A 39 28.08 -29.85 11.00
N GLU A 40 27.40 -28.86 11.54
CA GLU A 40 27.88 -28.07 12.71
C GLU A 40 27.94 -29.03 13.89
N GLU A 41 26.98 -29.97 13.99
CA GLU A 41 26.83 -30.79 15.20
C GLU A 41 27.76 -32.01 15.19
N TYR A 42 28.00 -32.66 14.05
CA TYR A 42 28.71 -33.96 13.99
C TYR A 42 30.07 -33.84 13.27
N GLY A 43 30.31 -32.73 12.57
CA GLY A 43 31.62 -32.37 11.97
C GLY A 43 31.77 -32.81 10.51
N GLU A 44 33.00 -33.19 10.15
CA GLU A 44 33.44 -33.32 8.73
C GLU A 44 32.65 -34.42 8.00
N ILE A 45 32.13 -35.42 8.70
CA ILE A 45 31.33 -36.49 8.04
C ILE A 45 30.27 -36.99 9.03
N TYR A 46 29.05 -37.21 8.53
CA TYR A 46 27.92 -37.82 9.28
C TYR A 46 27.03 -38.63 8.31
N ARG A 47 26.22 -39.52 8.90
CA ARG A 47 25.34 -40.48 8.17
C ARG A 47 23.90 -39.95 8.25
N LEU A 48 23.14 -40.13 7.18
CA LEU A 48 21.67 -39.98 7.18
C LEU A 48 21.06 -41.25 6.60
N THR A 49 19.97 -41.74 7.19
CA THR A 49 19.11 -42.79 6.62
C THR A 49 17.96 -42.07 5.91
N LEU A 50 17.98 -42.07 4.57
CA LEU A 50 16.92 -41.41 3.77
C LEU A 50 16.24 -42.50 2.93
N PRO A 51 15.15 -42.18 2.21
CA PRO A 51 14.44 -43.19 1.44
C PRO A 51 15.24 -43.79 0.29
N THR A 52 16.21 -43.07 -0.29
CA THR A 52 16.99 -43.56 -1.46
C THR A 52 18.21 -44.38 -0.99
N GLY A 53 18.46 -44.52 0.32
CA GLY A 53 19.62 -45.23 0.92
C GLY A 53 20.31 -44.41 2.02
N THR A 54 21.34 -44.98 2.64
CA THR A 54 22.24 -44.29 3.61
C THR A 54 23.13 -43.27 2.85
N THR A 55 22.94 -41.97 3.13
CA THR A 55 23.77 -40.87 2.60
C THR A 55 24.88 -40.56 3.60
N LEU A 56 26.08 -40.26 3.11
CA LEU A 56 27.17 -39.70 3.94
C LEU A 56 27.42 -38.23 3.54
N VAL A 57 27.46 -37.35 4.53
CA VAL A 57 27.54 -35.88 4.28
C VAL A 57 28.89 -35.36 4.77
N VAL A 58 29.69 -34.98 3.77
CA VAL A 58 31.09 -34.51 3.89
C VAL A 58 31.10 -32.97 3.82
N SER A 59 31.74 -32.33 4.80
CA SER A 59 31.63 -30.88 5.08
C SER A 59 33.03 -30.25 5.13
N SER A 60 34.11 -31.00 4.87
CA SER A 60 35.53 -30.55 5.04
C SER A 60 36.29 -30.59 3.71
N GLN A 61 37.25 -29.68 3.54
CA GLN A 61 38.07 -29.58 2.31
C GLN A 61 38.93 -30.84 2.15
N ALA A 62 39.48 -31.37 3.25
CA ALA A 62 40.21 -32.66 3.25
C ALA A 62 39.38 -33.73 2.50
N LEU A 63 38.16 -33.97 2.95
CA LEU A 63 37.32 -35.06 2.40
C LEU A 63 36.81 -34.69 1.00
N VAL A 64 36.38 -33.45 0.78
CA VAL A 64 35.90 -32.98 -0.56
C VAL A 64 37.02 -33.22 -1.60
N HIS A 65 38.27 -32.95 -1.25
CA HIS A 65 39.40 -33.06 -2.22
C HIS A 65 39.60 -34.52 -2.63
N GLU A 66 39.61 -35.43 -1.64
CA GLU A 66 39.77 -36.88 -1.89
C GLU A 66 38.65 -37.32 -2.85
N LEU A 67 37.41 -36.93 -2.52
CA LEU A 67 36.18 -37.33 -3.26
C LEU A 67 36.17 -36.73 -4.67
N CYS A 68 37.02 -35.74 -4.97
CA CYS A 68 37.14 -35.14 -6.33
C CYS A 68 38.11 -35.92 -7.22
N ASP A 69 38.52 -37.11 -6.79
CA ASP A 69 39.40 -38.04 -7.53
C ASP A 69 38.52 -38.87 -8.49
N ASP A 70 38.52 -38.51 -9.77
CA ASP A 70 37.68 -39.18 -10.81
C ASP A 70 38.13 -40.65 -10.95
N LYS A 71 39.33 -41.02 -10.49
CA LYS A 71 39.80 -42.43 -10.63
C LYS A 71 39.05 -43.31 -9.63
N ARG A 72 38.70 -42.78 -8.45
CA ARG A 72 38.05 -43.53 -7.34
C ARG A 72 36.55 -43.20 -7.21
N PHE A 73 36.09 -42.02 -7.64
CA PHE A 73 34.67 -41.59 -7.43
C PHE A 73 34.04 -41.04 -8.73
N LYS A 74 32.70 -40.97 -8.75
CA LYS A 74 31.93 -40.46 -9.91
C LYS A 74 30.61 -39.85 -9.44
N LYS A 75 30.07 -38.91 -10.23
CA LYS A 75 28.69 -38.42 -10.12
C LYS A 75 27.76 -39.60 -10.36
N PRO A 76 26.91 -39.96 -9.37
CA PRO A 76 26.00 -41.08 -9.51
C PRO A 76 24.67 -40.72 -10.16
N VAL A 77 24.26 -39.44 -10.11
CA VAL A 77 22.83 -39.02 -10.34
C VAL A 77 21.96 -39.76 -9.33
N ALA A 78 21.98 -39.31 -8.07
CA ALA A 78 21.20 -39.88 -6.95
C ALA A 78 20.28 -38.81 -6.38
N ALA A 79 19.41 -39.20 -5.45
CA ALA A 79 18.61 -38.30 -4.60
C ALA A 79 17.76 -37.41 -5.52
N ALA A 80 17.86 -36.09 -5.38
CA ALA A 80 17.03 -35.11 -6.11
C ALA A 80 17.29 -35.23 -7.62
N LEU A 81 18.56 -35.35 -8.01
CA LEU A 81 18.95 -35.38 -9.44
C LEU A 81 18.29 -36.57 -10.11
N ALA A 82 18.25 -37.70 -9.42
CA ALA A 82 17.63 -38.93 -9.93
C ALA A 82 16.15 -38.63 -10.23
N GLU A 83 15.46 -37.90 -9.36
CA GLU A 83 14.05 -37.50 -9.59
C GLU A 83 13.97 -36.48 -10.73
N VAL A 84 14.93 -35.55 -10.84
CA VAL A 84 14.99 -34.56 -11.96
C VAL A 84 14.98 -35.31 -13.30
N ARG A 85 15.46 -36.55 -13.38
CA ARG A 85 15.39 -37.36 -14.64
C ARG A 85 13.93 -37.53 -15.10
N ASN A 86 12.96 -37.39 -14.20
CA ASN A 86 11.53 -37.46 -14.59
C ASN A 86 11.23 -36.43 -15.68
N GLY A 87 11.92 -35.28 -15.67
CA GLY A 87 11.67 -34.14 -16.57
C GLY A 87 12.64 -34.08 -17.73
N VAL A 88 13.89 -34.51 -17.54
CA VAL A 88 14.97 -34.34 -18.56
C VAL A 88 15.71 -35.66 -18.83
N ASN A 89 15.29 -36.78 -18.25
CA ASN A 89 15.82 -38.11 -18.58
C ASN A 89 17.36 -38.13 -18.59
N ASP A 90 18.00 -38.61 -19.66
CA ASP A 90 19.48 -38.77 -19.77
C ASP A 90 20.05 -37.63 -20.63
N GLY A 91 19.51 -36.41 -20.46
CA GLY A 91 20.16 -35.18 -20.93
C GLY A 91 21.45 -34.98 -20.17
N LEU A 92 22.22 -33.97 -20.53
CA LEU A 92 23.65 -33.86 -20.16
C LEU A 92 23.81 -33.86 -18.63
N PHE A 93 22.88 -33.25 -17.90
CA PHE A 93 22.98 -33.02 -16.43
C PHE A 93 22.63 -34.27 -15.62
N THR A 94 21.77 -35.14 -16.15
CA THR A 94 21.09 -36.19 -15.36
C THR A 94 21.39 -37.59 -15.92
N ALA A 95 22.14 -37.69 -17.02
CA ALA A 95 22.67 -38.98 -17.53
C ALA A 95 23.72 -39.51 -16.57
N ARG A 96 23.74 -40.84 -16.39
CA ARG A 96 24.81 -41.58 -15.67
C ARG A 96 25.97 -41.80 -16.65
N GLU A 97 27.18 -41.97 -16.10
CA GLU A 97 28.44 -41.93 -16.90
C GLU A 97 28.42 -43.11 -17.88
N GLU A 98 27.81 -44.24 -17.53
CA GLU A 98 27.72 -45.46 -18.38
C GLU A 98 26.58 -45.38 -19.43
N GLU A 99 25.76 -44.33 -19.41
CA GLU A 99 24.68 -44.14 -20.42
C GLU A 99 25.27 -43.45 -21.63
N PRO A 100 25.26 -44.09 -22.82
CA PRO A 100 26.06 -43.61 -23.95
C PRO A 100 25.66 -42.17 -24.34
N ASN A 101 24.45 -41.75 -23.96
CA ASN A 101 23.89 -40.43 -24.32
C ASN A 101 24.56 -39.28 -23.56
N TRP A 102 25.19 -39.53 -22.41
CA TRP A 102 26.04 -38.51 -21.76
C TRP A 102 27.12 -38.10 -22.76
N GLY A 103 27.87 -39.08 -23.26
CA GLY A 103 29.05 -38.87 -24.11
C GLY A 103 28.67 -38.24 -25.42
N ILE A 104 27.61 -38.74 -26.06
CA ILE A 104 27.12 -38.24 -27.37
C ILE A 104 26.80 -36.74 -27.23
N ALA A 105 26.02 -36.38 -26.21
CA ALA A 105 25.61 -34.99 -25.93
C ALA A 105 26.85 -34.15 -25.55
N HIS A 106 27.72 -34.69 -24.69
CA HIS A 106 28.94 -34.01 -24.20
C HIS A 106 29.83 -33.60 -25.38
N ARG A 107 30.16 -34.56 -26.25
CA ARG A 107 31.16 -34.34 -27.31
C ARG A 107 30.56 -33.39 -28.36
N ILE A 108 29.26 -33.51 -28.62
CA ILE A 108 28.54 -32.69 -29.64
C ILE A 108 28.43 -31.24 -29.15
N LEU A 109 28.20 -31.01 -27.85
CA LEU A 109 27.84 -29.68 -27.30
C LEU A 109 29.07 -28.93 -26.74
N MET A 110 30.14 -29.63 -26.41
CA MET A 110 31.34 -29.04 -25.76
C MET A 110 31.86 -27.86 -26.58
N PRO A 111 31.99 -27.97 -27.92
CA PRO A 111 32.58 -26.90 -28.71
C PRO A 111 31.82 -25.57 -28.67
N ALA A 112 30.52 -25.58 -28.37
CA ALA A 112 29.68 -24.35 -28.32
C ALA A 112 30.14 -23.43 -27.17
N PHE A 113 30.82 -23.99 -26.16
CA PHE A 113 31.32 -23.30 -24.94
C PHE A 113 32.85 -23.07 -24.96
N GLY A 114 33.48 -23.28 -26.12
CA GLY A 114 34.90 -22.91 -26.36
C GLY A 114 35.09 -21.40 -26.26
N PRO A 115 36.30 -20.89 -25.97
CA PRO A 115 36.50 -19.45 -25.74
C PRO A 115 36.10 -18.58 -26.94
N ALA A 116 36.34 -19.08 -28.16
CA ALA A 116 35.99 -18.44 -29.44
C ALA A 116 34.48 -18.16 -29.45
N SER A 117 33.68 -19.20 -29.20
CA SER A 117 32.19 -19.18 -29.26
C SER A 117 31.61 -18.27 -28.18
N ILE A 118 32.18 -18.35 -26.97
CA ILE A 118 31.73 -17.55 -25.80
C ILE A 118 31.93 -16.06 -26.14
N GLN A 119 33.10 -15.70 -26.64
CA GLN A 119 33.34 -14.29 -27.06
C GLN A 119 32.36 -13.90 -28.16
N GLY A 120 32.07 -14.84 -29.06
CA GLY A 120 31.11 -14.62 -30.17
C GLY A 120 29.73 -14.23 -29.65
N MET A 121 29.36 -14.64 -28.43
CA MET A 121 28.03 -14.41 -27.82
C MET A 121 28.03 -13.11 -27.00
N PHE A 122 29.15 -12.39 -26.92
CA PHE A 122 29.28 -11.18 -26.08
C PHE A 122 28.23 -10.13 -26.50
N THR A 123 28.09 -9.86 -27.79
CA THR A 123 27.15 -8.83 -28.33
C THR A 123 25.76 -9.12 -27.78
N GLU A 124 25.28 -10.35 -27.93
CA GLU A 124 23.90 -10.68 -27.49
C GLU A 124 23.82 -10.67 -25.96
N MET A 125 24.85 -11.08 -25.23
CA MET A 125 24.83 -10.95 -23.75
C MET A 125 24.66 -9.47 -23.41
N HIS A 126 25.34 -8.59 -24.15
CA HIS A 126 25.39 -7.13 -23.88
C HIS A 126 24.02 -6.54 -24.21
N GLU A 127 23.31 -7.05 -25.23
CA GLU A 127 21.94 -6.58 -25.54
C GLU A 127 21.02 -6.83 -24.35
N ILE A 128 20.97 -8.06 -23.85
CA ILE A 128 19.99 -8.42 -22.80
C ILE A 128 20.34 -7.63 -21.55
N ALA A 129 21.63 -7.49 -21.22
CA ALA A 129 22.08 -6.64 -20.08
C ALA A 129 21.57 -5.19 -20.26
N SER A 130 21.69 -4.61 -21.45
CA SER A 130 21.15 -3.27 -21.80
C SER A 130 19.65 -3.20 -21.58
N GLN A 131 18.90 -4.25 -21.90
CA GLN A 131 17.44 -4.21 -21.67
C GLN A 131 17.19 -4.01 -20.18
N LEU A 132 17.94 -4.75 -19.35
CA LEU A 132 17.78 -4.65 -17.89
C LEU A 132 18.16 -3.23 -17.45
N ALA A 133 19.34 -2.76 -17.86
CA ALA A 133 19.82 -1.40 -17.53
C ALA A 133 18.75 -0.36 -17.90
N LEU A 134 18.22 -0.41 -19.12
CA LEU A 134 17.20 0.57 -19.57
C LEU A 134 15.93 0.43 -18.75
N LYS A 135 15.49 -0.80 -18.46
CA LYS A 135 14.30 -1.02 -17.59
C LYS A 135 14.47 -0.24 -16.29
N TRP A 136 15.61 -0.42 -15.60
CA TRP A 136 15.86 0.23 -14.29
C TRP A 136 16.01 1.74 -14.48
N ALA A 137 16.79 2.18 -15.45
CA ALA A 137 16.98 3.62 -15.76
C ALA A 137 15.59 4.25 -15.97
N ARG A 138 14.78 3.66 -16.83
CA ARG A 138 13.45 4.21 -17.22
C ARG A 138 12.45 4.17 -16.07
N HIS A 139 12.55 3.21 -15.16
CA HIS A 139 11.60 3.06 -14.02
C HIS A 139 12.05 4.00 -12.90
N GLY A 140 13.29 4.47 -12.96
CA GLY A 140 13.78 5.50 -12.02
C GLY A 140 14.12 4.98 -10.64
N PRO A 141 14.54 5.88 -9.75
CA PRO A 141 15.07 5.48 -8.45
C PRO A 141 14.05 5.11 -7.38
N ASP A 142 12.74 5.35 -7.57
CA ASP A 142 11.72 5.06 -6.51
C ASP A 142 11.06 3.69 -6.74
N THR A 143 11.27 3.05 -7.90
CA THR A 143 10.64 1.75 -8.22
C THR A 143 11.42 0.68 -7.48
N PRO A 144 10.78 -0.07 -6.56
CA PRO A 144 11.39 -1.25 -5.93
C PRO A 144 11.66 -2.30 -6.98
N ILE A 145 12.87 -2.81 -7.01
CA ILE A 145 13.32 -3.89 -7.92
C ILE A 145 13.30 -5.21 -7.17
N PHE A 146 12.58 -6.19 -7.68
CA PHE A 146 12.57 -7.58 -7.19
C PHE A 146 13.82 -8.21 -7.77
N VAL A 147 14.91 -8.25 -7.00
CA VAL A 147 16.26 -8.52 -7.57
C VAL A 147 16.25 -9.85 -8.30
N THR A 148 15.78 -10.92 -7.65
CA THR A 148 15.81 -12.28 -8.24
C THR A 148 14.94 -12.34 -9.51
N ASP A 149 13.80 -11.68 -9.51
CA ASP A 149 12.90 -11.59 -10.70
C ASP A 149 13.65 -10.98 -11.90
N ASP A 150 14.29 -9.82 -11.73
CA ASP A 150 14.92 -9.10 -12.87
C ASP A 150 16.17 -9.86 -13.32
N PHE A 151 16.87 -10.52 -12.39
CA PHE A 151 18.08 -11.31 -12.76
C PHE A 151 17.66 -12.63 -13.44
N THR A 152 16.51 -13.22 -13.06
CA THR A 152 15.95 -14.43 -13.75
C THR A 152 15.59 -14.02 -15.18
N ARG A 153 14.94 -12.90 -15.37
CA ARG A 153 14.62 -12.38 -16.72
C ARG A 153 15.90 -12.25 -17.52
N LEU A 154 16.91 -11.60 -16.94
CA LEU A 154 18.22 -11.39 -17.63
C LEU A 154 18.83 -12.73 -18.03
N THR A 155 18.92 -13.68 -17.09
CA THR A 155 19.71 -14.92 -17.33
C THR A 155 18.91 -15.84 -18.26
N LEU A 156 17.59 -15.92 -18.10
CA LEU A 156 16.78 -16.76 -19.01
C LEU A 156 16.89 -16.20 -20.42
N ASP A 157 16.75 -14.88 -20.58
CA ASP A 157 16.70 -14.24 -21.91
C ASP A 157 18.09 -14.34 -22.54
N THR A 158 19.15 -14.18 -21.75
CA THR A 158 20.54 -14.26 -22.25
C THR A 158 20.83 -15.68 -22.73
N LEU A 159 20.50 -16.68 -21.91
CA LEU A 159 20.70 -18.10 -22.24
C LEU A 159 19.96 -18.43 -23.54
N ALA A 160 18.68 -18.12 -23.62
CA ALA A 160 17.80 -18.52 -24.74
C ALA A 160 18.21 -17.80 -26.03
N LEU A 161 18.59 -16.51 -25.96
CA LEU A 161 19.01 -15.75 -27.17
C LEU A 161 20.34 -16.30 -27.65
N CYS A 162 21.33 -16.43 -26.78
CA CYS A 162 22.73 -16.74 -27.19
C CYS A 162 22.85 -18.18 -27.70
N THR A 163 22.11 -19.14 -27.11
CA THR A 163 22.30 -20.58 -27.39
C THR A 163 21.22 -21.13 -28.30
N MET A 164 20.00 -20.56 -28.31
CA MET A 164 18.84 -21.16 -29.05
C MET A 164 18.22 -20.17 -30.03
N ASN A 165 18.80 -18.98 -30.08
CA ASN A 165 18.35 -17.86 -30.93
C ASN A 165 16.85 -17.63 -30.75
N PHE A 166 16.42 -17.62 -29.49
CA PHE A 166 15.01 -17.53 -29.07
C PHE A 166 14.87 -16.36 -28.11
N ARG A 167 13.83 -15.56 -28.26
CA ARG A 167 13.61 -14.40 -27.36
C ARG A 167 12.40 -14.67 -26.48
N PHE A 168 12.56 -14.83 -25.17
CA PHE A 168 11.40 -14.85 -24.24
C PHE A 168 10.83 -13.42 -24.12
N ASN A 169 11.65 -12.40 -24.44
CA ASN A 169 11.28 -10.98 -24.29
C ASN A 169 10.70 -10.74 -22.90
N SER A 170 11.39 -11.20 -21.87
CA SER A 170 10.89 -11.18 -20.46
C SER A 170 10.68 -9.74 -19.98
N TYR A 171 11.45 -8.78 -20.49
CA TYR A 171 11.30 -7.36 -20.06
C TYR A 171 10.10 -6.66 -20.73
N TYR A 172 9.37 -7.32 -21.63
CA TYR A 172 8.11 -6.80 -22.21
C TYR A 172 6.86 -7.33 -21.51
N HIS A 173 7.01 -8.17 -20.47
CA HIS A 173 5.86 -8.90 -19.84
C HIS A 173 5.93 -8.74 -18.32
N ASP A 174 4.81 -8.41 -17.70
CA ASP A 174 4.78 -8.10 -16.24
C ASP A 174 5.19 -9.37 -15.47
N GLU A 175 4.67 -10.53 -15.88
CA GLU A 175 4.83 -11.85 -15.22
C GLU A 175 5.99 -12.60 -15.87
N LEU A 176 6.70 -13.43 -15.11
CA LEU A 176 7.71 -14.37 -15.70
C LEU A 176 6.95 -15.37 -16.56
N HIS A 177 7.57 -15.82 -17.64
CA HIS A 177 7.07 -16.95 -18.46
C HIS A 177 6.69 -18.11 -17.53
N PRO A 178 5.59 -18.85 -17.83
CA PRO A 178 5.17 -19.98 -17.02
C PRO A 178 6.27 -21.03 -16.74
N PHE A 179 7.24 -21.13 -17.65
CA PHE A 179 8.41 -22.03 -17.54
C PHE A 179 9.07 -21.86 -16.17
N ILE A 180 9.20 -20.65 -15.66
CA ILE A 180 10.00 -20.31 -14.45
C ILE A 180 9.36 -20.93 -13.20
N ASN A 181 8.05 -20.83 -13.05
CA ASN A 181 7.31 -21.42 -11.90
C ASN A 181 7.30 -22.95 -11.99
N ALA A 182 7.01 -23.45 -13.19
CA ALA A 182 7.00 -24.89 -13.49
C ALA A 182 8.37 -25.46 -13.08
N MET A 183 9.43 -24.74 -13.43
CA MET A 183 10.82 -25.16 -13.15
C MET A 183 11.05 -25.23 -11.64
N GLY A 184 10.70 -24.14 -10.96
CA GLY A 184 10.91 -24.02 -9.51
C GLY A 184 10.20 -25.14 -8.77
N ASN A 185 8.97 -25.44 -9.14
CA ASN A 185 8.18 -26.50 -8.47
C ASN A 185 8.72 -27.89 -8.88
N PHE A 186 9.05 -28.09 -10.16
CA PHE A 186 9.67 -29.34 -10.66
C PHE A 186 10.96 -29.66 -9.88
N LEU A 187 11.79 -28.65 -9.61
CA LEU A 187 13.09 -28.86 -8.92
C LEU A 187 12.79 -29.15 -7.44
N THR A 188 11.98 -28.32 -6.79
CA THR A 188 11.66 -28.45 -5.35
C THR A 188 11.07 -29.84 -5.08
N GLU A 189 10.03 -30.19 -5.85
CA GLU A 189 9.27 -31.44 -5.69
C GLU A 189 10.17 -32.63 -6.04
N SER A 190 11.14 -32.47 -6.94
CA SER A 190 12.11 -33.55 -7.24
C SER A 190 12.88 -33.90 -5.94
N GLY A 191 13.37 -32.89 -5.22
CA GLY A 191 14.03 -33.06 -3.91
C GLY A 191 13.08 -33.69 -2.90
N ALA A 192 11.85 -33.18 -2.84
CA ALA A 192 10.81 -33.59 -1.88
C ALA A 192 10.51 -35.09 -2.05
N ARG A 193 10.35 -35.51 -3.31
CA ARG A 193 10.09 -36.91 -3.70
C ARG A 193 11.21 -37.82 -3.19
N ALA A 194 12.47 -37.39 -3.26
CA ALA A 194 13.63 -38.25 -2.95
C ALA A 194 13.79 -38.38 -1.42
N MET A 195 13.23 -37.41 -0.68
CA MET A 195 13.20 -37.33 0.81
C MET A 195 11.93 -38.00 1.37
N ARG A 196 10.94 -38.34 0.54
CA ARG A 196 9.62 -38.82 0.99
C ARG A 196 9.71 -40.31 1.36
N PRO A 197 9.54 -40.68 2.65
CA PRO A 197 9.66 -42.07 3.07
C PRO A 197 8.48 -42.85 2.53
N ALA A 198 8.71 -44.12 2.17
CA ALA A 198 7.69 -45.08 1.68
C ALA A 198 6.36 -44.94 2.46
N ILE A 199 6.48 -44.97 3.78
CA ILE A 199 5.35 -45.01 4.76
C ILE A 199 4.37 -43.86 4.44
N THR A 200 4.84 -42.63 4.13
CA THR A 200 4.02 -41.40 3.99
C THR A 200 3.52 -41.21 2.55
N SER A 201 4.08 -41.89 1.53
CA SER A 201 4.05 -41.43 0.10
C SER A 201 2.60 -41.27 -0.37
N ILE A 202 1.73 -42.13 0.14
CA ILE A 202 0.33 -42.21 -0.34
C ILE A 202 -0.37 -40.84 -0.17
N PHE A 203 0.00 -39.98 0.79
CA PHE A 203 -0.72 -38.72 1.08
C PHE A 203 -0.24 -37.55 0.20
N HIS A 204 0.25 -37.80 -1.02
CA HIS A 204 0.90 -36.78 -1.87
C HIS A 204 0.37 -36.81 -3.31
N GLN A 205 -0.89 -37.20 -3.51
CA GLN A 205 -1.40 -37.41 -4.90
C GLN A 205 -1.63 -36.07 -5.60
N ALA A 206 -2.02 -35.02 -4.87
CA ALA A 206 -2.21 -33.65 -5.41
C ALA A 206 -0.85 -33.11 -5.89
N ALA A 207 0.21 -33.28 -5.08
CA ALA A 207 1.60 -32.84 -5.40
C ALA A 207 2.12 -33.57 -6.65
N ASN A 208 1.62 -34.77 -6.88
CA ASN A 208 2.06 -35.71 -7.93
C ASN A 208 1.45 -35.28 -9.28
N ARG A 209 0.14 -35.07 -9.34
CA ARG A 209 -0.59 -34.55 -10.53
C ARG A 209 0.10 -33.26 -11.00
N LYS A 210 0.40 -32.37 -10.05
CA LYS A 210 1.04 -31.05 -10.27
C LYS A 210 2.48 -31.18 -10.78
N TYR A 211 3.23 -32.15 -10.24
CA TYR A 211 4.63 -32.43 -10.67
C TYR A 211 4.63 -32.72 -12.18
N TRP A 212 3.80 -33.64 -12.65
CA TRP A 212 3.74 -34.04 -14.09
C TRP A 212 3.17 -32.91 -14.94
N GLU A 213 2.27 -32.09 -14.41
CA GLU A 213 1.71 -30.92 -15.14
C GLU A 213 2.81 -29.88 -15.37
N ASP A 214 3.64 -29.66 -14.34
CA ASP A 214 4.76 -28.68 -14.40
C ASP A 214 5.82 -29.22 -15.35
N ILE A 215 6.05 -30.54 -15.38
CA ILE A 215 6.99 -31.16 -16.37
C ILE A 215 6.46 -30.92 -17.79
N GLU A 216 5.15 -31.00 -18.00
CA GLU A 216 4.53 -30.76 -19.33
C GLU A 216 4.81 -29.31 -19.77
N VAL A 217 4.69 -28.36 -18.87
CA VAL A 217 5.04 -26.95 -19.22
C VAL A 217 6.49 -26.88 -19.71
N LEU A 218 7.42 -27.55 -19.02
CA LEU A 218 8.86 -27.54 -19.43
C LEU A 218 8.98 -28.11 -20.86
N ARG A 219 8.36 -29.27 -21.12
CA ARG A 219 8.50 -29.97 -22.42
C ARG A 219 7.88 -29.08 -23.49
N LYS A 220 6.71 -28.49 -23.22
CA LYS A 220 6.00 -27.60 -24.18
C LYS A 220 6.90 -26.41 -24.51
N THR A 221 7.48 -25.71 -23.52
CA THR A 221 8.33 -24.53 -23.75
C THR A 221 9.47 -24.92 -24.71
N ALA A 222 10.14 -26.05 -24.46
CA ALA A 222 11.29 -26.52 -25.26
C ALA A 222 10.82 -26.82 -26.69
N GLN A 223 9.66 -27.47 -26.81
CA GLN A 223 8.98 -27.73 -28.12
C GLN A 223 8.83 -26.40 -28.88
N GLY A 224 8.49 -25.32 -28.16
CA GLY A 224 8.31 -23.98 -28.73
C GLY A 224 9.59 -23.44 -29.30
N VAL A 225 10.72 -23.61 -28.58
CA VAL A 225 12.07 -23.16 -29.01
C VAL A 225 12.49 -23.91 -30.27
N LEU A 226 12.22 -25.20 -30.32
CA LEU A 226 12.60 -26.12 -31.42
C LEU A 226 11.74 -25.79 -32.64
N ASP A 227 10.46 -25.54 -32.42
CA ASP A 227 9.48 -25.16 -33.47
C ASP A 227 9.91 -23.82 -34.10
N THR A 228 10.34 -22.86 -33.28
CA THR A 228 10.84 -21.55 -33.77
C THR A 228 12.04 -21.78 -34.71
N ARG A 229 12.98 -22.64 -34.34
CA ARG A 229 14.19 -22.90 -35.17
C ARG A 229 13.81 -23.58 -36.50
N ARG A 230 12.79 -24.43 -36.47
CA ARG A 230 12.31 -25.15 -37.67
C ARG A 230 11.59 -24.15 -38.58
N LYS A 231 10.93 -23.16 -38.00
CA LYS A 231 10.06 -22.24 -38.75
C LYS A 231 10.94 -21.09 -39.29
N HIS A 232 12.03 -20.74 -38.61
CA HIS A 232 12.93 -19.61 -38.95
C HIS A 232 14.37 -20.11 -38.95
N PRO A 233 14.79 -20.95 -39.94
CA PRO A 233 16.14 -21.50 -39.95
C PRO A 233 17.16 -20.36 -39.96
N THR A 234 18.34 -20.62 -39.40
CA THR A 234 19.44 -19.62 -39.27
C THR A 234 20.77 -20.30 -39.60
N ASN A 235 21.67 -19.49 -40.15
CA ASN A 235 22.99 -19.90 -40.67
C ASN A 235 24.01 -19.86 -39.54
N ARG A 236 23.67 -19.37 -38.36
CA ARG A 236 24.65 -19.32 -37.24
C ARG A 236 24.84 -20.72 -36.68
N LYS A 237 25.99 -20.92 -36.08
CA LYS A 237 26.33 -22.08 -35.23
C LYS A 237 25.93 -21.71 -33.80
N ASP A 238 25.19 -22.55 -33.09
CA ASP A 238 24.94 -22.34 -31.63
C ASP A 238 24.62 -23.69 -31.03
N LEU A 239 24.35 -23.71 -29.73
CA LEU A 239 24.00 -24.94 -28.99
C LEU A 239 22.95 -25.73 -29.78
N LEU A 240 21.90 -25.07 -30.26
CA LEU A 240 20.72 -25.75 -30.85
C LEU A 240 21.08 -26.26 -32.25
N SER A 241 21.84 -25.51 -33.06
CA SER A 241 22.34 -26.00 -34.38
C SER A 241 23.22 -27.23 -34.17
N ALA A 242 24.03 -27.25 -33.10
CA ALA A 242 24.87 -28.41 -32.72
C ALA A 242 23.96 -29.60 -32.39
N MET A 243 22.91 -29.40 -31.60
CA MET A 243 21.96 -30.48 -31.22
C MET A 243 21.29 -31.05 -32.47
N LEU A 244 20.85 -30.21 -33.41
CA LEU A 244 20.07 -30.65 -34.60
C LEU A 244 20.97 -31.31 -35.64
N ASP A 245 22.16 -30.76 -35.87
CA ASP A 245 23.05 -31.11 -37.03
C ASP A 245 24.26 -31.95 -36.61
N GLY A 246 24.85 -31.64 -35.45
CA GLY A 246 26.05 -32.28 -34.88
C GLY A 246 25.94 -33.79 -34.85
N VAL A 247 27.01 -34.46 -35.27
CA VAL A 247 27.22 -35.93 -35.17
C VAL A 247 28.42 -36.19 -34.27
N ASP A 248 28.33 -37.18 -33.39
CA ASP A 248 29.43 -37.59 -32.48
C ASP A 248 30.39 -38.52 -33.25
N ALA A 249 31.62 -38.09 -33.49
CA ALA A 249 32.65 -38.89 -34.21
C ALA A 249 32.72 -40.30 -33.61
N LYS A 250 32.72 -40.42 -32.27
CA LYS A 250 33.03 -41.67 -31.52
C LYS A 250 31.94 -42.72 -31.76
N THR A 251 30.66 -42.38 -31.64
CA THR A 251 29.50 -43.33 -31.74
C THR A 251 28.84 -43.30 -33.12
N GLY A 252 29.07 -42.21 -33.88
CA GLY A 252 28.45 -41.93 -35.18
C GLY A 252 26.99 -41.46 -35.08
N GLN A 253 26.53 -41.03 -33.90
CA GLN A 253 25.09 -40.74 -33.60
C GLN A 253 24.84 -39.24 -33.44
N LYS A 254 23.60 -38.83 -33.73
CA LYS A 254 23.05 -37.48 -33.44
C LYS A 254 22.04 -37.60 -32.29
N LEU A 255 21.62 -36.48 -31.72
CA LEU A 255 20.57 -36.51 -30.68
C LEU A 255 19.21 -36.79 -31.32
N SER A 256 18.46 -37.77 -30.77
CA SER A 256 17.00 -37.98 -31.02
C SER A 256 16.23 -36.70 -30.68
N ASP A 257 15.02 -36.50 -31.20
CA ASP A 257 14.21 -35.29 -30.86
C ASP A 257 13.89 -35.30 -29.37
N SER A 258 13.60 -36.48 -28.83
CA SER A 258 13.35 -36.73 -27.40
C SER A 258 14.51 -36.13 -26.56
N SER A 259 15.76 -36.41 -26.96
CA SER A 259 17.01 -35.90 -26.31
C SER A 259 17.22 -34.40 -26.58
N ILE A 260 16.83 -33.90 -27.75
CA ILE A 260 16.94 -32.44 -28.08
C ILE A 260 16.05 -31.68 -27.09
N ILE A 261 14.85 -32.20 -26.83
CA ILE A 261 13.91 -31.59 -25.86
C ILE A 261 14.52 -31.73 -24.46
N ASP A 262 14.99 -32.92 -24.09
CA ASP A 262 15.68 -33.14 -22.79
C ASP A 262 16.77 -32.08 -22.60
N ASN A 263 17.62 -31.85 -23.59
CA ASN A 263 18.82 -30.99 -23.43
C ASN A 263 18.41 -29.52 -23.46
N LEU A 264 17.40 -29.17 -24.29
CA LEU A 264 16.86 -27.79 -24.30
C LEU A 264 16.33 -27.46 -22.89
N ILE A 265 15.55 -28.35 -22.27
CA ILE A 265 15.01 -28.07 -20.90
C ILE A 265 16.20 -27.90 -19.95
N THR A 266 17.15 -28.85 -20.00
CA THR A 266 18.37 -28.88 -19.16
C THR A 266 19.09 -27.52 -19.23
N PHE A 267 19.36 -27.03 -20.43
CA PHE A 267 20.10 -25.75 -20.62
C PHE A 267 19.23 -24.54 -20.21
N LEU A 268 17.93 -24.56 -20.48
CA LEU A 268 17.03 -23.46 -20.04
C LEU A 268 17.08 -23.33 -18.53
N ILE A 269 17.17 -24.45 -17.78
CA ILE A 269 17.24 -24.46 -16.28
C ILE A 269 18.68 -24.16 -15.83
N ALA A 270 19.60 -25.09 -16.05
CA ALA A 270 21.02 -25.01 -15.64
C ALA A 270 21.65 -23.72 -16.15
N GLY A 271 21.19 -23.25 -17.31
CA GLY A 271 21.82 -22.13 -18.04
C GLY A 271 21.34 -20.76 -17.56
N HIS A 272 20.44 -20.69 -16.57
CA HIS A 272 19.97 -19.39 -16.07
C HIS A 272 19.78 -19.41 -14.56
N GLU A 273 19.16 -20.45 -14.01
CA GLU A 273 18.77 -20.49 -12.57
C GLU A 273 19.97 -20.11 -11.67
N THR A 274 21.14 -20.71 -11.84
CA THR A 274 22.27 -20.57 -10.90
C THR A 274 22.96 -19.22 -11.13
N THR A 275 22.97 -18.70 -12.36
CA THR A 275 23.50 -17.37 -12.67
C THR A 275 22.61 -16.28 -12.07
N SER A 276 21.30 -16.46 -12.05
CA SER A 276 20.36 -15.50 -11.41
C SER A 276 20.66 -15.49 -9.92
N GLY A 277 20.87 -16.66 -9.32
CA GLY A 277 21.32 -16.76 -7.92
C GLY A 277 22.61 -16.00 -7.67
N LEU A 278 23.63 -16.20 -8.51
CA LEU A 278 24.97 -15.61 -8.32
C LEU A 278 24.80 -14.10 -8.24
N LEU A 279 24.19 -13.52 -9.26
CA LEU A 279 24.04 -12.06 -9.39
C LEU A 279 23.18 -11.55 -8.23
N SER A 280 22.12 -12.27 -7.86
CA SER A 280 21.21 -11.82 -6.77
C SER A 280 21.97 -11.77 -5.43
N PHE A 281 22.77 -12.79 -5.13
CA PHE A 281 23.55 -12.86 -3.88
C PHE A 281 24.64 -11.79 -3.94
N ALA A 282 25.36 -11.73 -5.05
CA ALA A 282 26.50 -10.77 -5.23
C ALA A 282 26.03 -9.33 -4.95
N PHE A 283 24.89 -8.90 -5.50
CA PHE A 283 24.39 -7.53 -5.29
C PHE A 283 23.92 -7.36 -3.83
N TYR A 284 23.38 -8.39 -3.17
CA TYR A 284 23.06 -8.25 -1.73
C TYR A 284 24.35 -7.96 -0.96
N LEU A 285 25.39 -8.73 -1.27
CA LEU A 285 26.68 -8.70 -0.53
C LEU A 285 27.39 -7.38 -0.80
N LEU A 286 27.49 -6.91 -2.05
CA LEU A 286 28.09 -5.57 -2.36
C LEU A 286 27.32 -4.49 -1.59
N ILE A 287 26.00 -4.50 -1.61
CA ILE A 287 25.23 -3.43 -0.92
C ILE A 287 25.57 -3.45 0.56
N LYS A 288 25.68 -4.65 1.15
CA LYS A 288 25.80 -4.80 2.62
C LYS A 288 27.22 -4.46 3.03
N HIS A 289 28.20 -4.75 2.17
CA HIS A 289 29.64 -4.56 2.43
C HIS A 289 30.15 -3.35 1.64
N GLN A 290 29.84 -2.14 2.10
CA GLN A 290 30.15 -0.85 1.39
C GLN A 290 31.61 -0.76 0.98
N ASP A 291 32.53 -1.32 1.75
CA ASP A 291 33.97 -1.30 1.45
C ASP A 291 34.20 -1.94 0.08
N ALA A 292 33.61 -3.13 -0.13
CA ALA A 292 33.70 -3.95 -1.37
C ALA A 292 32.91 -3.28 -2.49
N TYR A 293 31.74 -2.71 -2.18
CA TYR A 293 30.95 -1.90 -3.16
C TYR A 293 31.84 -0.83 -3.79
N ARG A 294 32.53 -0.06 -2.95
CA ARG A 294 33.40 1.05 -3.40
C ARG A 294 34.53 0.50 -4.28
N LYS A 295 35.17 -0.58 -3.87
CA LYS A 295 36.32 -1.12 -4.64
C LYS A 295 35.82 -1.60 -6.03
N ALA A 296 34.68 -2.26 -6.10
CA ALA A 296 34.11 -2.78 -7.37
C ALA A 296 33.75 -1.59 -8.28
N GLN A 297 33.12 -0.54 -7.73
CA GLN A 297 32.79 0.68 -8.48
C GLN A 297 34.09 1.36 -8.97
N GLU A 298 35.06 1.53 -8.07
CA GLU A 298 36.37 2.17 -8.35
C GLU A 298 37.04 1.43 -9.50
N GLU A 299 36.98 0.09 -9.50
CA GLU A 299 37.55 -0.73 -10.58
C GLU A 299 36.86 -0.41 -11.92
N VAL A 300 35.52 -0.43 -11.95
CA VAL A 300 34.80 -0.20 -13.23
C VAL A 300 35.16 1.19 -13.75
N ASP A 301 35.19 2.20 -12.87
CA ASP A 301 35.49 3.60 -13.25
C ASP A 301 36.91 3.68 -13.84
N ARG A 302 37.92 3.08 -13.20
CA ARG A 302 39.31 3.18 -13.72
C ARG A 302 39.40 2.41 -15.05
N VAL A 303 38.84 1.20 -15.16
CA VAL A 303 39.13 0.28 -16.30
C VAL A 303 38.26 0.65 -17.51
N ILE A 304 36.98 0.93 -17.27
CA ILE A 304 35.96 1.08 -18.34
C ILE A 304 35.54 2.55 -18.43
N GLY A 305 35.47 3.24 -17.28
CA GLY A 305 35.02 4.63 -17.15
C GLY A 305 33.59 4.77 -17.59
N LYS A 306 33.35 5.66 -18.53
CA LYS A 306 32.01 6.01 -19.04
C LYS A 306 31.90 5.47 -20.48
N GLY A 307 32.89 4.72 -20.94
CA GLY A 307 32.96 4.25 -22.33
C GLY A 307 32.31 2.88 -22.45
N PRO A 308 32.19 2.32 -23.66
CA PRO A 308 31.45 1.07 -23.84
C PRO A 308 32.23 -0.09 -23.20
N ILE A 309 31.48 -1.09 -22.72
CA ILE A 309 32.03 -2.37 -22.21
C ILE A 309 32.19 -3.29 -23.40
N LYS A 310 33.43 -3.63 -23.73
CA LYS A 310 33.80 -4.55 -24.82
C LYS A 310 34.26 -5.86 -24.19
N VAL A 311 34.39 -6.89 -25.02
CA VAL A 311 34.75 -8.27 -24.56
C VAL A 311 36.10 -8.25 -23.84
N GLU A 312 37.06 -7.44 -24.29
CA GLU A 312 38.44 -7.40 -23.72
C GLU A 312 38.36 -7.08 -22.23
N HIS A 313 37.36 -6.29 -21.80
CA HIS A 313 37.26 -5.83 -20.40
C HIS A 313 36.95 -6.97 -19.44
N ILE A 314 36.40 -8.09 -19.91
CA ILE A 314 35.94 -9.17 -18.99
C ILE A 314 37.16 -9.66 -18.17
N LYS A 315 38.31 -9.86 -18.79
CA LYS A 315 39.50 -10.38 -18.08
C LYS A 315 40.34 -9.21 -17.55
N LYS A 316 39.83 -7.97 -17.54
CA LYS A 316 40.58 -6.79 -17.04
C LYS A 316 39.89 -6.20 -15.80
N LEU A 317 39.05 -6.98 -15.13
CA LEU A 317 38.25 -6.57 -13.94
C LEU A 317 38.47 -7.58 -12.82
N PRO A 318 39.67 -7.61 -12.22
CA PRO A 318 40.00 -8.65 -11.24
C PRO A 318 39.17 -8.60 -9.94
N TYR A 319 38.79 -7.40 -9.49
CA TYR A 319 38.01 -7.22 -8.24
C TYR A 319 36.60 -7.77 -8.42
N ILE A 320 36.00 -7.51 -9.58
CA ILE A 320 34.64 -8.05 -9.92
C ILE A 320 34.73 -9.58 -9.97
N ALA A 321 35.73 -10.15 -10.63
CA ALA A 321 36.01 -11.60 -10.60
C ALA A 321 36.06 -12.09 -9.15
N ALA A 322 36.75 -11.36 -8.26
CA ALA A 322 36.96 -11.73 -6.84
C ALA A 322 35.60 -11.73 -6.13
N VAL A 323 34.77 -10.74 -6.43
CA VAL A 323 33.43 -10.56 -5.80
C VAL A 323 32.57 -11.78 -6.13
N LEU A 324 32.65 -12.23 -7.38
CA LEU A 324 31.83 -13.37 -7.87
C LEU A 324 32.38 -14.65 -7.22
N ARG A 325 33.68 -14.87 -7.27
CA ARG A 325 34.37 -15.99 -6.57
C ARG A 325 33.98 -16.03 -5.10
N GLU A 326 34.03 -14.88 -4.41
CA GLU A 326 33.72 -14.84 -2.96
C GLU A 326 32.23 -15.13 -2.76
N THR A 327 31.38 -14.62 -3.63
CA THR A 327 29.91 -14.85 -3.56
C THR A 327 29.65 -16.34 -3.70
N LEU A 328 30.28 -17.01 -4.67
CA LEU A 328 30.09 -18.48 -4.93
C LEU A 328 30.71 -19.30 -3.80
N ARG A 329 31.72 -18.77 -3.10
CA ARG A 329 32.30 -19.43 -1.90
C ARG A 329 31.20 -19.51 -0.83
N LEU A 330 30.65 -18.39 -0.38
CA LEU A 330 29.63 -18.34 0.68
C LEU A 330 28.26 -18.81 0.17
N CYS A 331 27.92 -18.53 -1.09
CA CYS A 331 26.57 -18.79 -1.64
C CYS A 331 26.70 -19.63 -2.90
N PRO A 332 27.15 -20.90 -2.81
CA PRO A 332 27.24 -21.78 -3.98
C PRO A 332 25.80 -22.15 -4.37
N THR A 333 25.36 -21.70 -5.53
CA THR A 333 23.91 -21.63 -5.87
C THR A 333 23.42 -23.04 -6.22
N ILE A 334 24.34 -23.96 -6.54
CA ILE A 334 24.16 -25.42 -6.27
C ILE A 334 24.99 -25.75 -5.03
N PRO A 335 24.35 -25.92 -3.85
CA PRO A 335 25.06 -26.08 -2.59
C PRO A 335 25.51 -27.51 -2.25
N ILE A 336 25.02 -28.50 -2.98
CA ILE A 336 25.44 -29.92 -2.77
C ILE A 336 25.68 -30.54 -4.14
N ILE A 337 26.82 -31.19 -4.32
CA ILE A 337 27.03 -32.14 -5.44
C ILE A 337 27.26 -33.53 -4.85
N ASN A 338 26.92 -34.56 -5.61
CA ASN A 338 27.01 -35.97 -5.13
C ASN A 338 28.20 -36.70 -5.75
N ARG A 339 28.88 -37.51 -4.95
CA ARG A 339 29.90 -38.45 -5.47
C ARG A 339 29.54 -39.84 -4.94
N ALA A 340 29.99 -40.89 -5.61
CA ALA A 340 29.82 -42.27 -5.14
C ALA A 340 31.08 -43.06 -5.47
N ALA A 341 31.49 -43.95 -4.57
CA ALA A 341 32.76 -44.69 -4.75
C ALA A 341 32.54 -45.75 -5.83
N LYS A 342 33.45 -45.89 -6.80
CA LYS A 342 33.42 -46.94 -7.86
C LYS A 342 33.59 -48.34 -7.27
N GLN A 343 34.31 -48.46 -6.15
CA GLN A 343 34.55 -49.72 -5.40
C GLN A 343 34.44 -49.39 -3.91
N ASP A 344 34.17 -50.37 -3.05
CA ASP A 344 34.28 -50.22 -1.58
C ASP A 344 35.59 -49.49 -1.32
N GLU A 345 35.57 -48.50 -0.43
CA GLU A 345 36.63 -47.48 -0.29
C GLU A 345 36.75 -47.00 1.16
N VAL A 346 37.84 -46.31 1.42
CA VAL A 346 38.14 -45.68 2.73
C VAL A 346 38.58 -44.24 2.44
N ILE A 347 38.03 -43.28 3.17
CA ILE A 347 38.34 -41.84 2.94
C ILE A 347 38.85 -41.26 4.27
N GLY A 348 39.70 -40.23 4.18
CA GLY A 348 40.46 -39.65 5.30
C GLY A 348 41.22 -40.73 6.04
N GLY A 349 41.59 -41.80 5.32
CA GLY A 349 42.04 -43.08 5.87
C GLY A 349 41.43 -43.42 7.22
N LYS A 350 40.11 -43.33 7.41
CA LYS A 350 39.42 -43.98 8.57
C LYS A 350 37.92 -44.19 8.35
N TYR A 351 37.35 -43.83 7.20
CA TYR A 351 35.87 -43.85 6.98
C TYR A 351 35.49 -44.85 5.88
N ALA A 352 34.80 -45.92 6.30
CA ALA A 352 34.22 -46.96 5.44
C ALA A 352 33.15 -46.36 4.52
N VAL A 353 33.27 -46.55 3.21
CA VAL A 353 32.39 -45.97 2.16
C VAL A 353 32.09 -47.06 1.10
N ALA A 354 30.84 -47.49 0.96
CA ALA A 354 30.42 -48.60 0.06
C ALA A 354 30.43 -48.13 -1.41
N LYS A 355 30.69 -49.07 -2.32
CA LYS A 355 30.51 -48.89 -3.78
C LYS A 355 29.11 -48.30 -4.00
N ASP A 356 29.01 -47.34 -4.90
CA ASP A 356 27.72 -46.67 -5.29
C ASP A 356 27.06 -45.96 -4.09
N GLN A 357 27.66 -45.92 -2.90
CA GLN A 357 27.02 -45.22 -1.74
C GLN A 357 27.04 -43.70 -1.99
N ARG A 358 25.90 -43.05 -1.81
CA ARG A 358 25.72 -41.60 -2.06
C ARG A 358 26.53 -40.81 -1.02
N LEU A 359 27.48 -40.03 -1.51
CA LEU A 359 28.26 -39.05 -0.71
C LEU A 359 27.80 -37.65 -1.15
N ALA A 360 27.22 -36.90 -0.22
CA ALA A 360 26.82 -35.49 -0.45
C ALA A 360 28.00 -34.60 -0.10
N LEU A 361 28.61 -33.94 -1.11
CA LEU A 361 29.62 -32.87 -0.86
C LEU A 361 28.84 -31.58 -0.53
N LEU A 362 28.73 -31.26 0.76
CA LEU A 362 28.02 -30.04 1.24
C LEU A 362 28.94 -28.84 1.02
N LEU A 363 29.04 -28.37 -0.23
CA LEU A 363 29.90 -27.23 -0.61
C LEU A 363 29.57 -25.97 0.21
N ALA A 364 28.30 -25.78 0.60
CA ALA A 364 27.91 -24.62 1.41
C ALA A 364 28.67 -24.67 2.74
N GLN A 365 29.16 -25.85 3.17
CA GLN A 365 30.01 -25.98 4.39
C GLN A 365 31.51 -26.12 4.05
N SER A 366 31.94 -26.95 3.06
CA SER A 366 33.35 -27.14 2.61
C SER A 366 34.03 -25.77 2.37
N HIS A 367 33.20 -24.81 1.91
CA HIS A 367 33.60 -23.45 1.51
C HIS A 367 33.81 -22.58 2.75
N LEU A 368 33.44 -23.04 3.94
CA LEU A 368 33.67 -22.32 5.22
C LEU A 368 34.76 -23.02 6.05
N ASP A 369 35.39 -24.09 5.55
CA ASP A 369 36.43 -24.85 6.31
C ASP A 369 37.42 -23.88 6.94
N PRO A 370 37.43 -23.75 8.28
CA PRO A 370 38.37 -22.86 8.98
C PRO A 370 39.84 -23.16 8.64
N ALA A 371 40.16 -24.43 8.42
CA ALA A 371 41.52 -24.94 8.10
C ALA A 371 42.03 -24.28 6.82
N VAL A 372 41.13 -23.92 5.91
CA VAL A 372 41.52 -23.28 4.63
C VAL A 372 41.41 -21.76 4.79
N TYR A 373 40.25 -21.28 5.22
CA TYR A 373 39.82 -19.87 4.99
C TYR A 373 40.01 -19.02 6.25
N GLY A 374 40.31 -19.66 7.39
CA GLY A 374 40.62 -19.01 8.67
C GLY A 374 39.38 -18.60 9.43
N GLU A 375 39.55 -17.80 10.49
CA GLU A 375 38.41 -17.39 11.34
C GLU A 375 37.56 -16.33 10.64
N THR A 376 37.94 -15.87 9.45
CA THR A 376 37.13 -14.91 8.66
C THR A 376 36.24 -15.67 7.66
N ALA A 377 36.20 -17.00 7.72
CA ALA A 377 35.56 -17.87 6.71
C ALA A 377 34.12 -17.41 6.42
N LYS A 378 33.38 -16.98 7.44
CA LYS A 378 31.94 -16.67 7.29
C LYS A 378 31.77 -15.21 6.85
N GLN A 379 32.84 -14.44 6.69
CA GLN A 379 32.73 -13.02 6.26
C GLN A 379 32.88 -12.90 4.74
N PHE A 380 32.33 -11.81 4.20
CA PHE A 380 32.39 -11.48 2.76
C PHE A 380 33.61 -10.58 2.55
N ILE A 381 34.69 -11.16 2.01
CA ILE A 381 35.98 -10.46 1.77
C ILE A 381 36.48 -10.77 0.37
N PRO A 382 36.09 -10.00 -0.66
CA PRO A 382 36.53 -10.29 -2.02
C PRO A 382 38.06 -10.34 -2.17
N GLU A 383 38.79 -9.56 -1.38
CA GLU A 383 40.28 -9.51 -1.37
C GLU A 383 40.82 -10.95 -1.31
N ARG A 384 40.18 -11.80 -0.50
CA ARG A 384 40.48 -13.23 -0.25
C ARG A 384 40.64 -13.98 -1.57
N MET A 385 39.84 -13.65 -2.58
CA MET A 385 39.71 -14.46 -3.80
C MET A 385 40.25 -13.71 -5.01
N LEU A 386 41.09 -12.69 -4.83
CA LEU A 386 41.92 -12.09 -5.92
C LEU A 386 42.91 -13.15 -6.41
N ASP A 387 43.34 -13.06 -7.68
CA ASP A 387 44.12 -14.12 -8.38
C ASP A 387 45.27 -14.60 -7.48
N GLU A 388 46.16 -13.71 -7.03
CA GLU A 388 47.36 -14.12 -6.26
C GLU A 388 46.91 -15.07 -5.13
N ASN A 389 46.02 -14.63 -4.25
CA ASN A 389 45.68 -15.40 -3.02
C ASN A 389 44.88 -16.64 -3.40
N PHE A 390 43.96 -16.53 -4.35
CA PHE A 390 43.09 -17.62 -4.87
C PHE A 390 43.95 -18.77 -5.39
N GLU A 391 44.94 -18.48 -6.23
CA GLU A 391 45.89 -19.47 -6.81
C GLU A 391 46.67 -20.15 -5.68
N ARG A 392 47.00 -19.39 -4.64
CA ARG A 392 47.70 -19.88 -3.42
C ARG A 392 46.79 -20.85 -2.64
N LEU A 393 45.53 -20.51 -2.47
CA LEU A 393 44.57 -21.37 -1.72
C LEU A 393 44.40 -22.70 -2.48
N ASN A 394 44.40 -22.68 -3.83
CA ASN A 394 44.15 -23.87 -4.69
C ASN A 394 45.38 -24.77 -4.69
N ARG A 395 46.58 -24.18 -4.62
CA ARG A 395 47.85 -24.93 -4.50
C ARG A 395 47.89 -25.60 -3.12
N GLU A 396 47.62 -24.86 -2.05
CA GLU A 396 47.80 -25.34 -0.66
C GLU A 396 46.60 -26.16 -0.21
N TYR A 397 45.41 -25.95 -0.76
CA TYR A 397 44.17 -26.67 -0.35
C TYR A 397 43.32 -27.00 -1.58
N PRO A 398 43.79 -27.91 -2.48
CA PRO A 398 43.06 -28.17 -3.73
C PRO A 398 41.60 -28.61 -3.48
N ASP A 399 40.67 -28.12 -4.30
CA ASP A 399 39.19 -28.33 -4.20
C ASP A 399 38.62 -27.66 -2.93
N CYS A 400 39.23 -26.56 -2.47
CA CYS A 400 38.71 -25.70 -1.37
C CYS A 400 37.48 -24.94 -1.84
N TRP A 401 37.34 -24.80 -3.19
CA TRP A 401 36.32 -23.97 -3.89
C TRP A 401 35.78 -24.70 -5.15
N LYS A 402 34.55 -25.21 -5.09
CA LYS A 402 34.03 -26.10 -6.17
C LYS A 402 32.61 -25.73 -6.58
N PRO A 403 32.23 -24.45 -6.77
CA PRO A 403 30.83 -24.10 -7.02
C PRO A 403 30.38 -24.54 -8.43
N PHE A 404 31.34 -24.85 -9.31
CA PHE A 404 31.14 -25.31 -10.72
C PHE A 404 31.37 -26.82 -10.83
N GLY A 405 31.34 -27.56 -9.72
CA GLY A 405 31.45 -29.04 -9.73
C GLY A 405 32.85 -29.50 -10.08
N THR A 406 33.02 -30.79 -10.42
CA THR A 406 34.34 -31.46 -10.45
C THR A 406 34.41 -32.51 -11.56
N GLY A 407 35.55 -32.59 -12.23
CA GLY A 407 35.95 -33.72 -13.09
C GLY A 407 35.25 -33.66 -14.42
N MET A 408 35.11 -34.77 -15.14
CA MET A 408 34.51 -34.74 -16.49
C MET A 408 33.03 -34.35 -16.34
N ARG A 409 32.47 -34.39 -15.11
CA ARG A 409 31.05 -33.99 -14.83
C ARG A 409 30.94 -32.57 -14.25
N ALA A 410 31.99 -31.76 -14.39
CA ALA A 410 31.98 -30.32 -14.01
C ALA A 410 31.13 -29.52 -15.01
N CYS A 411 30.77 -28.30 -14.62
CA CYS A 411 29.91 -27.36 -15.37
C CYS A 411 30.49 -27.06 -16.76
N ILE A 412 29.79 -27.48 -17.82
CA ILE A 412 30.09 -27.16 -19.25
C ILE A 412 29.87 -25.66 -19.50
N GLY A 413 29.07 -24.98 -18.69
CA GLY A 413 28.54 -23.63 -18.95
C GLY A 413 29.33 -22.54 -18.22
N ARG A 414 30.28 -22.94 -17.39
CA ARG A 414 31.08 -22.05 -16.52
C ARG A 414 31.48 -20.79 -17.29
N PRO A 415 32.17 -20.87 -18.45
CA PRO A 415 32.66 -19.68 -19.12
C PRO A 415 31.53 -18.76 -19.61
N PHE A 416 30.36 -19.31 -19.94
CA PHE A 416 29.15 -18.54 -20.33
C PHE A 416 28.70 -17.72 -19.13
N ALA A 417 28.44 -18.40 -18.02
CA ALA A 417 28.05 -17.77 -16.73
C ALA A 417 29.03 -16.66 -16.37
N TRP A 418 30.33 -16.91 -16.57
CA TRP A 418 31.39 -16.00 -16.05
C TRP A 418 31.34 -14.70 -16.86
N GLN A 419 31.41 -14.82 -18.19
CA GLN A 419 31.33 -13.66 -19.11
C GLN A 419 30.05 -12.91 -18.80
N GLU A 420 28.92 -13.62 -18.61
CA GLU A 420 27.65 -12.93 -18.36
C GLU A 420 27.75 -12.13 -17.04
N ALA A 421 28.14 -12.78 -15.94
CA ALA A 421 28.10 -12.20 -14.58
C ALA A 421 29.05 -10.98 -14.51
N VAL A 422 30.24 -11.09 -15.10
CA VAL A 422 31.24 -10.00 -15.08
C VAL A 422 30.68 -8.81 -15.86
N LEU A 423 30.21 -9.04 -17.09
CA LEU A 423 29.63 -8.01 -17.98
C LEU A 423 28.48 -7.27 -17.28
N VAL A 424 27.53 -8.01 -16.71
CA VAL A 424 26.30 -7.43 -16.09
C VAL A 424 26.74 -6.58 -14.91
N MET A 425 27.62 -7.10 -14.06
CA MET A 425 28.03 -6.40 -12.81
C MET A 425 28.78 -5.10 -13.20
N ALA A 426 29.63 -5.16 -14.23
CA ALA A 426 30.35 -3.98 -14.75
C ALA A 426 29.34 -2.95 -15.24
N MET A 427 28.42 -3.38 -16.10
CA MET A 427 27.41 -2.50 -16.71
C MET A 427 26.57 -1.82 -15.61
N LEU A 428 26.11 -2.58 -14.63
CA LEU A 428 25.19 -2.02 -13.62
C LEU A 428 25.97 -1.07 -12.72
N LEU A 429 27.22 -1.37 -12.36
CA LEU A 429 27.97 -0.52 -11.40
C LEU A 429 28.42 0.78 -12.08
N GLN A 430 28.66 0.70 -13.39
CA GLN A 430 28.98 1.84 -14.28
C GLN A 430 27.86 2.86 -14.22
N ASN A 431 26.59 2.44 -14.34
CA ASN A 431 25.45 3.36 -14.59
C ASN A 431 24.63 3.67 -13.33
N PHE A 432 24.74 2.87 -12.27
CA PHE A 432 23.84 2.95 -11.10
C PHE A 432 24.62 2.83 -9.79
N ASP A 433 24.00 3.40 -8.77
CA ASP A 433 24.20 3.07 -7.35
C ASP A 433 23.00 2.22 -6.93
N PHE A 434 23.18 1.39 -5.91
CA PHE A 434 22.17 0.42 -5.41
C PHE A 434 22.05 0.53 -3.90
N VAL A 435 20.85 0.50 -3.38
CA VAL A 435 20.57 0.54 -1.93
C VAL A 435 19.50 -0.49 -1.63
N LEU A 436 19.49 -1.07 -0.43
CA LEU A 436 18.41 -1.97 0.01
C LEU A 436 17.10 -1.19 -0.14
N HIS A 437 16.00 -1.81 -0.53
CA HIS A 437 14.68 -1.15 -0.49
C HIS A 437 14.24 -1.07 0.97
N ASP A 438 14.46 -2.14 1.75
CA ASP A 438 14.26 -2.16 3.22
C ASP A 438 15.63 -2.11 3.87
N PRO A 439 16.03 -1.00 4.52
CA PRO A 439 17.36 -0.92 5.11
C PRO A 439 17.60 -2.01 6.15
N TYR A 440 16.52 -2.50 6.77
CA TYR A 440 16.53 -3.57 7.80
C TYR A 440 16.43 -4.99 7.19
N TYR A 441 16.45 -5.15 5.87
CA TYR A 441 16.47 -6.50 5.24
C TYR A 441 17.61 -7.33 5.81
N GLU A 442 17.28 -8.56 6.23
CA GLU A 442 18.29 -9.60 6.61
C GLU A 442 18.22 -10.71 5.57
N LEU A 443 19.37 -11.17 5.05
CA LEU A 443 19.38 -12.23 3.99
C LEU A 443 18.63 -13.46 4.51
N HIS A 444 17.61 -13.90 3.78
CA HIS A 444 16.95 -15.22 3.89
C HIS A 444 17.14 -15.93 2.56
N TYR A 445 17.02 -17.26 2.54
CA TYR A 445 17.20 -18.09 1.33
C TYR A 445 15.82 -18.57 0.85
N LYS A 446 15.66 -18.66 -0.47
CA LYS A 446 14.63 -19.45 -1.16
C LYS A 446 15.38 -20.61 -1.80
N GLN A 447 14.97 -21.84 -1.48
CA GLN A 447 15.62 -23.04 -2.07
C GLN A 447 14.63 -23.76 -3.00
N THR A 448 15.04 -23.91 -4.25
CA THR A 448 14.45 -24.77 -5.29
C THR A 448 15.52 -25.77 -5.75
N LEU A 449 15.98 -26.62 -4.82
CA LEU A 449 17.27 -27.35 -4.89
C LEU A 449 18.39 -26.31 -4.90
N THR A 450 18.43 -25.46 -5.95
CA THR A 450 19.31 -24.26 -6.07
C THR A 450 18.90 -23.20 -5.04
N THR A 451 19.78 -22.24 -4.75
CA THR A 451 19.53 -21.16 -3.74
C THR A 451 19.58 -19.77 -4.39
N LYS A 452 18.74 -18.88 -3.85
CA LYS A 452 18.63 -17.44 -4.16
C LYS A 452 18.23 -16.73 -2.88
N PRO A 453 18.53 -15.41 -2.76
CA PRO A 453 17.88 -14.57 -1.77
C PRO A 453 16.35 -14.61 -1.90
N LYS A 454 15.65 -14.51 -0.77
CA LYS A 454 14.18 -14.48 -0.70
C LYS A 454 13.73 -13.08 -0.30
N ASP A 455 12.82 -12.48 -1.05
CA ASP A 455 12.17 -11.19 -0.72
C ASP A 455 13.23 -10.08 -0.68
N PHE A 456 14.25 -10.20 -1.52
CA PHE A 456 15.33 -9.17 -1.65
C PHE A 456 14.90 -8.15 -2.71
N TYR A 457 14.60 -6.93 -2.26
CA TYR A 457 14.30 -5.76 -3.10
C TYR A 457 15.41 -4.70 -2.92
N MET A 458 15.75 -4.04 -4.02
CA MET A 458 16.69 -2.90 -4.00
C MET A 458 16.15 -1.75 -4.85
N ARG A 459 16.82 -0.61 -4.83
CA ARG A 459 16.54 0.49 -5.79
C ARG A 459 17.84 0.87 -6.51
N ALA A 460 17.71 1.27 -7.77
CA ALA A 460 18.80 1.71 -8.64
C ALA A 460 18.65 3.22 -8.92
N ILE A 461 19.68 3.97 -8.56
CA ILE A 461 19.78 5.43 -8.79
C ILE A 461 20.86 5.64 -9.84
N LEU A 462 20.51 6.18 -11.00
CA LEU A 462 21.51 6.56 -12.04
C LEU A 462 22.61 7.46 -11.45
N ARG A 463 23.83 7.32 -11.96
CA ARG A 463 25.03 8.08 -11.57
C ARG A 463 25.14 9.38 -12.37
N ASP A 464 26.12 10.23 -12.05
CA ASP A 464 26.30 11.56 -12.71
C ASP A 464 27.62 11.55 -13.52
N GLU B 7 -33.64 36.18 -50.52
CA GLU B 7 -33.89 36.09 -49.03
C GLU B 7 -33.49 34.69 -48.53
N THR B 8 -33.77 34.34 -47.26
CA THR B 8 -33.18 33.14 -46.59
C THR B 8 -34.09 31.92 -46.82
N VAL B 9 -33.44 30.81 -47.19
CA VAL B 9 -33.96 29.46 -47.56
C VAL B 9 -34.08 28.60 -46.31
N PRO B 10 -35.20 27.85 -46.13
CA PRO B 10 -35.34 26.95 -44.97
C PRO B 10 -34.39 25.75 -45.10
N ILE B 11 -33.71 25.42 -43.99
CA ILE B 11 -32.70 24.34 -43.85
C ILE B 11 -33.41 22.99 -43.70
N PRO B 12 -33.16 21.97 -44.56
CA PRO B 12 -33.81 20.67 -44.38
C PRO B 12 -33.23 19.85 -43.19
N GLY B 13 -33.77 18.67 -42.94
CA GLY B 13 -33.35 17.81 -41.81
C GLY B 13 -34.29 16.64 -41.58
N PRO B 14 -33.84 15.54 -40.92
CA PRO B 14 -34.71 14.41 -40.62
C PRO B 14 -35.79 14.86 -39.65
N PRO B 15 -37.06 14.47 -39.84
CA PRO B 15 -38.11 14.88 -38.93
C PRO B 15 -37.83 14.19 -37.58
N GLY B 16 -38.05 14.92 -36.49
CA GLY B 16 -37.80 14.48 -35.11
C GLY B 16 -38.93 13.60 -34.56
N LEU B 17 -38.84 13.26 -33.28
CA LEU B 17 -39.97 12.67 -32.53
C LEU B 17 -40.29 13.58 -31.35
N PRO B 18 -41.52 13.50 -30.82
CA PRO B 18 -41.88 14.19 -29.58
C PRO B 18 -40.88 13.78 -28.50
N LEU B 19 -40.48 14.74 -27.67
CA LEU B 19 -39.71 14.49 -26.42
C LEU B 19 -38.22 14.26 -26.73
N VAL B 20 -37.85 13.69 -27.86
CA VAL B 20 -36.43 13.24 -28.11
C VAL B 20 -35.82 13.90 -29.37
N GLY B 21 -36.61 14.51 -30.24
CA GLY B 21 -36.07 15.10 -31.48
C GLY B 21 -35.43 14.03 -32.32
N ASN B 22 -34.19 14.21 -32.75
CA ASN B 22 -33.50 13.21 -33.60
C ASN B 22 -32.50 12.42 -32.77
N ALA B 23 -32.55 12.52 -31.45
CA ALA B 23 -31.52 11.93 -30.55
C ALA B 23 -31.43 10.41 -30.79
N LEU B 24 -32.57 9.71 -30.88
CA LEU B 24 -32.63 8.24 -30.99
C LEU B 24 -32.08 7.69 -32.30
N ALA B 25 -31.89 8.52 -33.31
CA ALA B 25 -31.29 8.10 -34.61
C ALA B 25 -29.79 7.83 -34.45
N PHE B 26 -29.13 8.31 -33.41
CA PHE B 26 -27.65 8.22 -33.29
C PHE B 26 -27.29 6.84 -32.74
N ASP B 27 -26.45 6.13 -33.51
CA ASP B 27 -25.83 4.83 -33.12
C ASP B 27 -24.97 5.14 -31.89
N SER B 28 -25.24 4.51 -30.76
CA SER B 28 -24.49 4.77 -29.50
C SER B 28 -22.97 4.57 -29.72
N GLU B 29 -22.60 3.58 -30.56
CA GLU B 29 -21.19 3.15 -30.76
C GLU B 29 -20.48 3.92 -31.89
N LEU B 30 -21.20 4.39 -32.89
CA LEU B 30 -20.58 5.10 -34.02
C LEU B 30 -21.48 6.24 -34.48
N PRO B 31 -21.71 7.26 -33.61
CA PRO B 31 -22.54 8.41 -34.00
C PRO B 31 -22.05 9.14 -35.28
N LEU B 32 -20.78 9.05 -35.61
CA LEU B 32 -20.23 9.67 -36.85
C LEU B 32 -21.02 9.16 -38.07
N ARG B 33 -21.32 7.87 -38.13
CA ARG B 33 -22.06 7.25 -39.26
C ARG B 33 -23.39 7.99 -39.44
N THR B 34 -24.13 8.18 -38.36
CA THR B 34 -25.46 8.82 -38.40
C THR B 34 -25.27 10.22 -39.01
N PHE B 35 -24.27 10.96 -38.54
CA PHE B 35 -23.97 12.35 -39.00
C PHE B 35 -23.76 12.31 -40.51
N GLN B 36 -23.00 11.34 -41.02
CA GLN B 36 -22.60 11.32 -42.45
C GLN B 36 -23.74 10.80 -43.32
N GLU B 37 -24.58 9.89 -42.83
CA GLU B 37 -25.75 9.37 -43.57
C GLU B 37 -26.74 10.52 -43.78
N PHE B 38 -26.99 11.30 -42.75
CA PHE B 38 -27.86 12.50 -42.83
C PHE B 38 -27.27 13.50 -43.82
N ALA B 39 -25.94 13.64 -43.87
CA ALA B 39 -25.26 14.59 -44.80
C ALA B 39 -25.41 14.09 -46.24
N GLU B 40 -25.36 12.78 -46.45
CA GLU B 40 -25.59 12.18 -47.78
C GLU B 40 -27.02 12.44 -48.18
N GLU B 41 -27.94 12.43 -47.23
CA GLU B 41 -29.40 12.49 -47.55
C GLU B 41 -29.86 13.93 -47.76
N TYR B 42 -29.40 14.93 -47.01
CA TYR B 42 -29.95 16.31 -46.99
C TYR B 42 -28.97 17.33 -47.58
N GLY B 43 -27.68 16.97 -47.72
CA GLY B 43 -26.67 17.76 -48.44
C GLY B 43 -25.80 18.64 -47.53
N GLU B 44 -25.41 19.81 -48.04
CA GLU B 44 -24.38 20.70 -47.46
C GLU B 44 -24.80 21.21 -46.07
N ILE B 45 -26.10 21.28 -45.77
CA ILE B 45 -26.55 21.74 -44.42
C ILE B 45 -27.87 21.05 -44.06
N TYR B 46 -28.00 20.59 -42.82
CA TYR B 46 -29.24 20.03 -42.24
C TYR B 46 -29.34 20.34 -40.75
N ARG B 47 -30.56 20.26 -40.23
CA ARG B 47 -30.90 20.61 -38.83
C ARG B 47 -31.10 19.32 -38.02
N LEU B 48 -30.65 19.31 -36.77
CA LEU B 48 -31.00 18.25 -35.78
C LEU B 48 -31.57 18.94 -34.54
N THR B 49 -32.60 18.34 -33.96
CA THR B 49 -33.06 18.67 -32.58
C THR B 49 -32.37 17.66 -31.66
N LEU B 50 -31.40 18.10 -30.88
CA LEU B 50 -30.70 17.23 -29.89
C LEU B 50 -30.99 17.74 -28.49
N PRO B 51 -30.62 17.00 -27.43
CA PRO B 51 -31.01 17.40 -26.08
C PRO B 51 -30.38 18.75 -25.65
N THR B 52 -29.19 19.10 -26.15
CA THR B 52 -28.47 20.36 -25.76
C THR B 52 -28.90 21.56 -26.64
N GLY B 53 -29.80 21.40 -27.62
CA GLY B 53 -30.29 22.46 -28.52
C GLY B 53 -30.34 22.04 -30.00
N THR B 54 -30.83 22.94 -30.86
CA THR B 54 -30.90 22.76 -32.33
C THR B 54 -29.50 22.90 -32.93
N THR B 55 -28.95 21.82 -33.47
CA THR B 55 -27.63 21.80 -34.14
C THR B 55 -27.83 21.96 -35.65
N LEU B 56 -26.94 22.69 -36.32
CA LEU B 56 -26.88 22.71 -37.81
C LEU B 56 -25.60 22.00 -38.27
N VAL B 57 -25.71 21.08 -39.22
CA VAL B 57 -24.58 20.21 -39.62
C VAL B 57 -24.20 20.54 -41.07
N VAL B 58 -23.01 21.12 -41.18
CA VAL B 58 -22.41 21.68 -42.41
C VAL B 58 -21.37 20.69 -42.93
N SER B 59 -21.47 20.32 -44.19
CA SER B 59 -20.77 19.16 -44.80
C SER B 59 -20.04 19.60 -46.09
N SER B 60 -20.02 20.91 -46.42
CA SER B 60 -19.46 21.46 -47.69
C SER B 60 -18.29 22.43 -47.42
N GLN B 61 -17.30 22.45 -48.31
CA GLN B 61 -16.12 23.35 -48.20
C GLN B 61 -16.57 24.82 -48.23
N ALA B 62 -17.54 25.17 -49.08
CA ALA B 62 -18.16 26.53 -49.15
C ALA B 62 -18.53 26.97 -47.73
N LEU B 63 -19.36 26.20 -47.04
CA LEU B 63 -19.89 26.56 -45.70
C LEU B 63 -18.78 26.47 -44.64
N VAL B 64 -17.95 25.43 -44.67
CA VAL B 64 -16.82 25.25 -43.71
C VAL B 64 -15.93 26.49 -43.76
N HIS B 65 -15.64 27.01 -44.97
CA HIS B 65 -14.71 28.15 -45.13
C HIS B 65 -15.28 29.41 -44.49
N GLU B 66 -16.56 29.68 -44.75
CA GLU B 66 -17.23 30.88 -44.20
C GLU B 66 -17.14 30.80 -42.68
N LEU B 67 -17.52 29.63 -42.14
CA LEU B 67 -17.60 29.37 -40.68
C LEU B 67 -16.22 29.46 -40.01
N CYS B 68 -15.12 29.40 -40.77
CA CYS B 68 -13.73 29.52 -40.26
C CYS B 68 -13.30 31.00 -40.12
N ASP B 69 -14.25 31.94 -40.25
CA ASP B 69 -14.04 33.41 -40.10
C ASP B 69 -14.15 33.75 -38.60
N ASP B 70 -13.01 33.95 -37.93
CA ASP B 70 -12.97 34.23 -36.48
C ASP B 70 -13.69 35.54 -36.16
N LYS B 71 -13.88 36.42 -37.15
CA LYS B 71 -14.53 37.74 -36.90
C LYS B 71 -16.02 37.51 -36.65
N ARG B 72 -16.62 36.53 -37.32
CA ARG B 72 -18.08 36.23 -37.26
C ARG B 72 -18.39 35.00 -36.39
N PHE B 73 -17.48 34.03 -36.26
CA PHE B 73 -17.76 32.75 -35.55
C PHE B 73 -16.66 32.36 -34.55
N LYS B 74 -17.00 31.46 -33.63
CA LYS B 74 -16.07 31.01 -32.55
C LYS B 74 -16.42 29.59 -32.10
N LYS B 75 -15.43 28.87 -31.56
CA LYS B 75 -15.62 27.63 -30.78
C LYS B 75 -16.50 27.93 -29.58
N PRO B 76 -17.69 27.29 -29.47
CA PRO B 76 -18.58 27.53 -28.34
C PRO B 76 -18.27 26.63 -27.11
N VAL B 77 -17.61 25.49 -27.33
CA VAL B 77 -17.55 24.38 -26.33
C VAL B 77 -18.99 23.93 -26.07
N ALA B 78 -19.55 23.16 -27.01
CA ALA B 78 -20.94 22.65 -26.91
C ALA B 78 -20.94 21.12 -26.90
N ALA B 79 -22.10 20.52 -26.68
CA ALA B 79 -22.37 19.09 -26.94
C ALA B 79 -21.41 18.27 -26.09
N ALA B 80 -20.62 17.39 -26.72
CA ALA B 80 -19.71 16.45 -26.04
C ALA B 80 -18.65 17.26 -25.27
N LEU B 81 -18.07 18.28 -25.90
CA LEU B 81 -16.94 19.05 -25.33
C LEU B 81 -17.40 19.69 -24.04
N ALA B 82 -18.63 20.18 -24.01
CA ALA B 82 -19.23 20.82 -22.82
C ALA B 82 -19.25 19.78 -21.68
N GLU B 83 -19.58 18.52 -21.97
CA GLU B 83 -19.57 17.42 -20.96
C GLU B 83 -18.12 17.09 -20.59
N VAL B 84 -17.19 17.11 -21.55
CA VAL B 84 -15.74 16.88 -21.29
C VAL B 84 -15.26 17.86 -20.21
N ARG B 85 -15.84 19.05 -20.07
CA ARG B 85 -15.46 19.99 -18.99
C ARG B 85 -15.65 19.34 -17.61
N ASN B 86 -16.49 18.32 -17.49
CA ASN B 86 -16.63 17.59 -16.20
C ASN B 86 -15.26 17.09 -15.73
N GLY B 87 -14.37 16.72 -16.65
CA GLY B 87 -13.07 16.09 -16.36
C GLY B 87 -11.90 17.06 -16.44
N VAL B 88 -11.97 18.11 -17.28
CA VAL B 88 -10.83 19.04 -17.48
C VAL B 88 -11.25 20.51 -17.34
N ASN B 89 -12.49 20.80 -16.97
CA ASN B 89 -12.97 22.17 -16.69
C ASN B 89 -12.56 23.15 -17.79
N ASP B 90 -11.92 24.29 -17.42
CA ASP B 90 -11.52 25.37 -18.37
C ASP B 90 -10.03 25.27 -18.69
N GLY B 91 -9.53 24.04 -18.82
CA GLY B 91 -8.24 23.75 -19.46
C GLY B 91 -8.29 24.20 -20.91
N LEU B 92 -7.16 24.13 -21.59
CA LEU B 92 -6.93 24.82 -22.87
C LEU B 92 -8.00 24.39 -23.90
N PHE B 93 -8.42 23.12 -23.89
CA PHE B 93 -9.27 22.50 -24.94
C PHE B 93 -10.74 22.84 -24.72
N THR B 94 -11.17 23.07 -23.48
CA THR B 94 -12.59 23.09 -23.10
C THR B 94 -12.99 24.43 -22.47
N ALA B 95 -12.06 25.37 -22.34
CA ALA B 95 -12.37 26.76 -21.94
C ALA B 95 -13.12 27.47 -23.05
N ARG B 96 -14.09 28.30 -22.69
CA ARG B 96 -14.81 29.24 -23.57
C ARG B 96 -13.94 30.50 -23.72
N GLU B 97 -14.13 31.20 -24.84
CA GLU B 97 -13.30 32.35 -25.31
C GLU B 97 -13.24 33.43 -24.22
N GLU B 98 -14.38 33.66 -23.58
CA GLU B 98 -14.59 34.70 -22.54
C GLU B 98 -14.08 34.27 -21.15
N GLU B 99 -13.60 33.03 -20.98
CA GLU B 99 -12.99 32.58 -19.71
C GLU B 99 -11.54 33.00 -19.70
N PRO B 100 -11.12 33.86 -18.75
CA PRO B 100 -9.75 34.38 -18.73
C PRO B 100 -8.71 33.26 -18.71
N ASN B 101 -9.08 32.06 -18.25
CA ASN B 101 -8.11 30.94 -18.12
C ASN B 101 -7.72 30.33 -19.47
N TRP B 102 -8.53 30.50 -20.51
CA TRP B 102 -8.10 30.14 -21.89
C TRP B 102 -6.81 30.90 -22.20
N GLY B 103 -6.88 32.23 -22.07
CA GLY B 103 -5.79 33.13 -22.47
C GLY B 103 -4.55 32.92 -21.64
N ILE B 104 -4.72 32.81 -20.33
CA ILE B 104 -3.59 32.63 -19.37
C ILE B 104 -2.84 31.36 -19.78
N ALA B 105 -3.56 30.25 -19.95
CA ALA B 105 -2.96 28.94 -20.32
C ALA B 105 -2.35 29.02 -21.73
N HIS B 106 -3.08 29.62 -22.68
CA HIS B 106 -2.62 29.77 -24.09
C HIS B 106 -1.27 30.49 -24.15
N ARG B 107 -1.17 31.65 -23.52
CA ARG B 107 0.01 32.56 -23.63
C ARG B 107 1.20 31.89 -22.92
N ILE B 108 0.94 31.20 -21.82
CA ILE B 108 1.99 30.53 -20.99
C ILE B 108 2.54 29.31 -21.73
N LEU B 109 1.71 28.56 -22.45
CA LEU B 109 2.07 27.22 -22.99
C LEU B 109 2.49 27.30 -24.48
N MET B 110 2.08 28.36 -25.19
CA MET B 110 2.33 28.47 -26.66
C MET B 110 3.82 28.32 -26.96
N PRO B 111 4.75 28.93 -26.18
CA PRO B 111 6.17 28.85 -26.46
C PRO B 111 6.78 27.44 -26.50
N ALA B 112 6.18 26.49 -25.78
CA ALA B 112 6.70 25.10 -25.68
C ALA B 112 6.54 24.38 -27.02
N PHE B 113 5.65 24.89 -27.90
CA PHE B 113 5.33 24.33 -29.24
C PHE B 113 5.96 25.13 -30.41
N GLY B 114 6.84 26.06 -30.07
CA GLY B 114 7.67 26.78 -31.06
C GLY B 114 8.62 25.82 -31.77
N PRO B 115 9.14 26.17 -32.97
CA PRO B 115 9.97 25.24 -33.74
C PRO B 115 11.25 24.81 -33.01
N ALA B 116 11.86 25.71 -32.24
CA ALA B 116 13.08 25.50 -31.43
C ALA B 116 12.80 24.35 -30.46
N SER B 117 11.72 24.46 -29.69
CA SER B 117 11.31 23.50 -28.63
C SER B 117 10.97 22.14 -29.22
N ILE B 118 10.24 22.14 -30.34
CA ILE B 118 9.79 20.92 -31.03
C ILE B 118 11.02 20.15 -31.48
N GLN B 119 11.97 20.81 -32.12
CA GLN B 119 13.21 20.14 -32.55
C GLN B 119 13.95 19.62 -31.33
N GLY B 120 13.92 20.38 -30.24
CA GLY B 120 14.57 20.00 -28.98
C GLY B 120 14.04 18.67 -28.43
N MET B 121 12.80 18.31 -28.78
CA MET B 121 12.10 17.11 -28.28
C MET B 121 12.35 15.93 -29.24
N PHE B 122 13.08 16.14 -30.33
CA PHE B 122 13.30 15.08 -31.34
C PHE B 122 13.97 13.84 -30.68
N THR B 123 15.02 14.02 -29.88
CA THR B 123 15.79 12.90 -29.28
C THR B 123 14.81 12.00 -28.51
N GLU B 124 14.00 12.58 -27.65
CA GLU B 124 13.08 11.78 -26.82
C GLU B 124 11.98 11.18 -27.70
N MET B 125 11.47 11.86 -28.71
CA MET B 125 10.51 11.23 -29.66
C MET B 125 11.17 9.98 -30.28
N HIS B 126 12.46 10.09 -30.61
CA HIS B 126 13.23 9.04 -31.32
C HIS B 126 13.45 7.86 -30.38
N GLU B 127 13.64 8.12 -29.08
CA GLU B 127 13.79 7.02 -28.10
C GLU B 127 12.51 6.17 -28.06
N ILE B 128 11.35 6.80 -27.87
CA ILE B 128 10.07 6.06 -27.70
C ILE B 128 9.79 5.30 -29.00
N ALA B 129 10.03 5.92 -30.16
CA ALA B 129 9.88 5.23 -31.47
C ALA B 129 10.78 3.98 -31.53
N SER B 130 12.03 4.08 -31.09
CA SER B 130 12.99 2.95 -30.98
C SER B 130 12.44 1.84 -30.09
N GLN B 131 11.82 2.19 -28.97
CA GLN B 131 11.24 1.16 -28.07
C GLN B 131 10.22 0.34 -28.88
N LEU B 132 9.37 1.03 -29.64
CA LEU B 132 8.31 0.37 -30.46
C LEU B 132 9.02 -0.52 -31.49
N ALA B 133 9.94 0.06 -32.26
CA ALA B 133 10.66 -0.68 -33.31
C ALA B 133 11.30 -1.94 -32.70
N LEU B 134 12.02 -1.82 -31.58
CA LEU B 134 12.69 -2.97 -30.92
C LEU B 134 11.65 -3.99 -30.45
N LYS B 135 10.54 -3.54 -29.87
CA LYS B 135 9.43 -4.47 -29.46
C LYS B 135 9.04 -5.36 -30.64
N TRP B 136 8.74 -4.75 -31.79
CA TRP B 136 8.27 -5.47 -33.00
C TRP B 136 9.39 -6.35 -33.54
N ALA B 137 10.59 -5.82 -33.67
CA ALA B 137 11.77 -6.58 -34.16
C ALA B 137 11.93 -7.83 -33.28
N ARG B 138 11.96 -7.64 -31.97
CA ARG B 138 12.22 -8.71 -30.98
C ARG B 138 11.09 -9.75 -30.93
N HIS B 139 9.85 -9.33 -31.17
CA HIS B 139 8.68 -10.24 -31.09
C HIS B 139 8.56 -10.97 -32.42
N GLY B 140 9.28 -10.51 -33.45
CA GLY B 140 9.47 -11.27 -34.69
C GLY B 140 8.26 -11.20 -35.61
N PRO B 141 8.33 -11.89 -36.74
CA PRO B 141 7.31 -11.71 -37.78
C PRO B 141 5.99 -12.45 -37.58
N ASP B 142 5.87 -13.37 -36.61
CA ASP B 142 4.63 -14.18 -36.45
C ASP B 142 3.72 -13.58 -35.36
N THR B 143 4.20 -12.65 -34.55
CA THR B 143 3.42 -12.02 -33.48
C THR B 143 2.42 -11.02 -34.09
N PRO B 144 1.11 -11.27 -33.89
CA PRO B 144 0.07 -10.32 -34.28
C PRO B 144 0.22 -9.03 -33.48
N ILE B 145 0.22 -7.88 -34.14
CA ILE B 145 0.32 -6.54 -33.51
C ILE B 145 -1.06 -5.91 -33.49
N PHE B 146 -1.55 -5.53 -32.32
CA PHE B 146 -2.79 -4.73 -32.14
C PHE B 146 -2.41 -3.27 -32.44
N VAL B 147 -2.66 -2.80 -33.67
CA VAL B 147 -2.01 -1.57 -34.20
C VAL B 147 -2.33 -0.38 -33.29
N THR B 148 -3.60 -0.16 -32.98
CA THR B 148 -4.07 0.99 -32.16
C THR B 148 -3.48 0.91 -30.74
N ASP B 149 -3.38 -0.29 -30.17
CA ASP B 149 -2.71 -0.52 -28.86
C ASP B 149 -1.26 -0.01 -28.87
N ASP B 150 -0.44 -0.49 -29.81
CA ASP B 150 1.01 -0.18 -29.84
C ASP B 150 1.19 1.30 -30.20
N PHE B 151 0.30 1.89 -30.99
CA PHE B 151 0.43 3.32 -31.37
C PHE B 151 -0.05 4.19 -30.21
N THR B 152 -1.03 3.73 -29.42
CA THR B 152 -1.44 4.44 -28.18
C THR B 152 -0.27 4.44 -27.17
N ARG B 153 0.40 3.31 -27.02
CA ARG B 153 1.60 3.23 -26.16
C ARG B 153 2.64 4.23 -26.64
N LEU B 154 2.94 4.23 -27.94
CA LEU B 154 3.94 5.15 -28.55
C LEU B 154 3.56 6.59 -28.27
N THR B 155 2.32 6.98 -28.56
CA THR B 155 1.93 8.41 -28.54
C THR B 155 1.81 8.87 -27.08
N LEU B 156 1.24 8.04 -26.21
CA LEU B 156 1.12 8.42 -24.79
C LEU B 156 2.53 8.61 -24.20
N ASP B 157 3.43 7.66 -24.48
CA ASP B 157 4.79 7.65 -23.88
C ASP B 157 5.57 8.84 -24.44
N THR B 158 5.42 9.13 -25.73
CA THR B 158 6.14 10.24 -26.39
C THR B 158 5.67 11.57 -25.80
N LEU B 159 4.35 11.76 -25.70
CA LEU B 159 3.73 12.99 -25.16
C LEU B 159 4.24 13.21 -23.73
N ALA B 160 4.12 12.19 -22.88
CA ALA B 160 4.41 12.30 -21.42
C ALA B 160 5.90 12.50 -21.20
N LEU B 161 6.78 11.85 -21.96
CA LEU B 161 8.24 12.00 -21.79
C LEU B 161 8.63 13.40 -22.25
N CYS B 162 8.21 13.84 -23.45
CA CYS B 162 8.71 15.08 -24.09
C CYS B 162 8.18 16.32 -23.35
N THR B 163 6.94 16.29 -22.85
CA THR B 163 6.28 17.51 -22.30
C THR B 163 6.28 17.51 -20.77
N MET B 164 6.32 16.34 -20.10
CA MET B 164 6.15 16.27 -18.62
C MET B 164 7.32 15.54 -17.95
N ASN B 165 8.27 15.09 -18.76
CA ASN B 165 9.44 14.31 -18.30
C ASN B 165 8.99 13.11 -17.46
N PHE B 166 7.94 12.44 -17.90
CA PHE B 166 7.29 11.31 -17.21
C PHE B 166 7.31 10.06 -18.12
N ARG B 167 7.68 8.93 -17.55
CA ARG B 167 7.73 7.65 -18.31
C ARG B 167 6.58 6.75 -17.84
N PHE B 168 5.59 6.48 -18.69
CA PHE B 168 4.55 5.45 -18.44
C PHE B 168 5.21 4.07 -18.59
N ASN B 169 6.30 3.99 -19.35
CA ASN B 169 7.02 2.74 -19.69
C ASN B 169 6.01 1.73 -20.22
N SER B 170 5.19 2.13 -21.20
CA SER B 170 4.06 1.32 -21.71
C SER B 170 4.54 0.00 -22.32
N TYR B 171 5.74 -0.03 -22.88
CA TYR B 171 6.29 -1.22 -23.56
C TYR B 171 6.87 -2.21 -22.53
N TYR B 172 6.87 -1.92 -21.24
CA TYR B 172 7.28 -2.89 -20.18
C TYR B 172 6.06 -3.57 -19.55
N HIS B 173 4.84 -3.27 -19.97
CA HIS B 173 3.59 -3.73 -19.28
C HIS B 173 2.63 -4.33 -20.31
N ASP B 174 2.07 -5.51 -20.03
CA ASP B 174 1.18 -6.23 -20.97
C ASP B 174 -0.05 -5.38 -21.26
N GLU B 175 -0.66 -4.78 -20.24
CA GLU B 175 -1.91 -3.99 -20.27
C GLU B 175 -1.55 -2.51 -20.39
N LEU B 176 -2.33 -1.74 -21.12
CA LEU B 176 -2.24 -0.26 -21.13
C LEU B 176 -2.47 0.26 -19.71
N HIS B 177 -1.83 1.36 -19.37
CA HIS B 177 -2.07 2.08 -18.10
C HIS B 177 -3.57 2.31 -17.98
N PRO B 178 -4.15 2.24 -16.76
CA PRO B 178 -5.58 2.45 -16.56
C PRO B 178 -6.12 3.77 -17.11
N PHE B 179 -5.24 4.78 -17.22
CA PHE B 179 -5.57 6.09 -17.80
C PHE B 179 -6.28 5.92 -19.15
N ILE B 180 -5.81 4.99 -20.00
CA ILE B 180 -6.29 4.83 -21.41
C ILE B 180 -7.77 4.42 -21.46
N ASN B 181 -8.20 3.48 -20.61
CA ASN B 181 -9.61 3.00 -20.56
C ASN B 181 -10.50 4.05 -19.92
N ALA B 182 -10.04 4.63 -18.82
CA ALA B 182 -10.73 5.73 -18.13
C ALA B 182 -11.02 6.84 -19.16
N MET B 183 -10.01 7.16 -19.99
CA MET B 183 -10.10 8.24 -20.99
C MET B 183 -11.13 7.85 -22.04
N GLY B 184 -11.04 6.63 -22.57
CA GLY B 184 -11.93 6.15 -23.65
C GLY B 184 -13.37 6.23 -23.20
N ASN B 185 -13.64 5.80 -21.97
CA ASN B 185 -15.02 5.78 -21.44
C ASN B 185 -15.45 7.21 -21.09
N PHE B 186 -14.57 8.01 -20.49
CA PHE B 186 -14.81 9.45 -20.21
C PHE B 186 -15.21 10.20 -21.49
N LEU B 187 -14.54 9.93 -22.61
CA LEU B 187 -14.80 10.69 -23.87
C LEU B 187 -16.14 10.20 -24.44
N THR B 188 -16.31 8.86 -24.55
CA THR B 188 -17.52 8.24 -25.14
C THR B 188 -18.74 8.71 -24.35
N GLU B 189 -18.70 8.55 -23.04
CA GLU B 189 -19.82 8.86 -22.11
C GLU B 189 -20.07 10.38 -22.10
N SER B 190 -19.05 11.21 -22.33
CA SER B 190 -19.26 12.67 -22.42
C SER B 190 -20.18 12.95 -23.63
N GLY B 191 -19.91 12.34 -24.78
CA GLY B 191 -20.78 12.39 -25.97
C GLY B 191 -22.16 11.82 -25.68
N ALA B 192 -22.23 10.68 -25.03
CA ALA B 192 -23.48 9.95 -24.71
C ALA B 192 -24.38 10.84 -23.85
N ARG B 193 -23.80 11.46 -22.84
CA ARG B 193 -24.52 12.38 -21.93
C ARG B 193 -25.13 13.55 -22.73
N ALA B 194 -24.44 14.06 -23.74
CA ALA B 194 -24.92 15.22 -24.54
C ALA B 194 -26.01 14.81 -25.53
N MET B 195 -25.99 13.56 -26.03
CA MET B 195 -26.94 13.02 -27.08
C MET B 195 -28.14 12.34 -26.43
N ARG B 196 -28.07 12.07 -25.13
CA ARG B 196 -29.08 11.32 -24.37
C ARG B 196 -30.24 12.23 -24.07
N PRO B 197 -31.45 11.92 -24.58
CA PRO B 197 -32.66 12.67 -24.23
C PRO B 197 -32.92 12.56 -22.73
N ALA B 198 -33.37 13.63 -22.10
CA ALA B 198 -33.51 13.74 -20.64
C ALA B 198 -34.33 12.54 -20.12
N ILE B 199 -35.39 12.22 -20.87
CA ILE B 199 -36.35 11.09 -20.67
C ILE B 199 -35.59 9.81 -20.25
N THR B 200 -34.53 9.40 -20.95
CA THR B 200 -33.79 8.11 -20.71
C THR B 200 -32.66 8.31 -19.69
N SER B 201 -32.19 9.52 -19.39
CA SER B 201 -30.90 9.73 -18.65
C SER B 201 -31.11 9.25 -17.21
N ILE B 202 -32.36 9.32 -16.73
CA ILE B 202 -32.81 8.71 -15.44
C ILE B 202 -32.21 7.30 -15.26
N PHE B 203 -32.22 6.47 -16.31
CA PHE B 203 -31.95 5.00 -16.22
C PHE B 203 -30.46 4.71 -16.49
N HIS B 204 -29.56 5.61 -16.10
CA HIS B 204 -28.09 5.51 -16.37
C HIS B 204 -27.34 5.85 -15.10
N GLN B 205 -27.81 5.37 -13.94
CA GLN B 205 -27.13 5.60 -12.64
C GLN B 205 -25.79 4.83 -12.61
N ALA B 206 -25.75 3.63 -13.19
CA ALA B 206 -24.53 2.78 -13.28
C ALA B 206 -23.47 3.49 -14.13
N ALA B 207 -23.86 4.00 -15.31
CA ALA B 207 -22.99 4.73 -16.27
C ALA B 207 -22.43 5.99 -15.61
N ASN B 208 -23.20 6.57 -14.69
CA ASN B 208 -22.95 7.88 -14.04
C ASN B 208 -21.88 7.71 -12.97
N ARG B 209 -22.05 6.76 -12.06
CA ARG B 209 -21.07 6.44 -11.00
C ARG B 209 -19.72 6.15 -11.65
N LYS B 210 -19.74 5.37 -12.74
CA LYS B 210 -18.55 4.95 -13.55
C LYS B 210 -17.90 6.16 -14.24
N TYR B 211 -18.68 7.10 -14.78
CA TYR B 211 -18.18 8.34 -15.43
C TYR B 211 -17.28 9.08 -14.43
N TRP B 212 -17.77 9.35 -13.23
CA TRP B 212 -17.01 10.12 -12.20
C TRP B 212 -15.81 9.30 -11.67
N GLU B 213 -15.92 7.96 -11.63
CA GLU B 213 -14.81 7.08 -11.20
C GLU B 213 -13.69 7.14 -12.25
N ASP B 214 -14.06 7.12 -13.53
CA ASP B 214 -13.09 7.18 -14.66
C ASP B 214 -12.45 8.58 -14.68
N ILE B 215 -13.20 9.65 -14.36
CA ILE B 215 -12.61 11.02 -14.24
C ILE B 215 -11.60 11.02 -13.09
N GLU B 216 -11.87 10.32 -11.99
CA GLU B 216 -10.94 10.25 -10.84
C GLU B 216 -9.63 9.59 -11.27
N VAL B 217 -9.68 8.56 -12.09
CA VAL B 217 -8.44 7.91 -12.59
C VAL B 217 -7.64 8.97 -13.38
N LEU B 218 -8.30 9.76 -14.23
CA LEU B 218 -7.61 10.81 -15.02
C LEU B 218 -6.93 11.79 -14.06
N ARG B 219 -7.64 12.27 -13.03
CA ARG B 219 -7.12 13.31 -12.10
C ARG B 219 -5.94 12.71 -11.36
N LYS B 220 -6.08 11.48 -10.88
CA LYS B 220 -5.03 10.77 -10.11
C LYS B 220 -3.79 10.64 -11.00
N THR B 221 -3.89 10.18 -12.24
CA THR B 221 -2.74 9.99 -13.14
C THR B 221 -1.97 11.33 -13.28
N ALA B 222 -2.68 12.42 -13.52
CA ALA B 222 -2.07 13.77 -13.71
C ALA B 222 -1.40 14.20 -12.40
N GLN B 223 -2.04 13.94 -11.27
CA GLN B 223 -1.47 14.17 -9.92
C GLN B 223 -0.13 13.43 -9.82
N GLY B 224 -0.04 12.23 -10.39
CA GLY B 224 1.17 11.38 -10.37
C GLY B 224 2.29 12.03 -11.12
N VAL B 225 1.98 12.63 -12.28
CA VAL B 225 2.95 13.34 -13.16
C VAL B 225 3.53 14.55 -12.41
N LEU B 226 2.67 15.29 -11.73
CA LEU B 226 2.99 16.54 -11.00
C LEU B 226 3.82 16.18 -9.76
N ASP B 227 3.44 15.11 -9.07
CA ASP B 227 4.16 14.58 -7.88
C ASP B 227 5.58 14.17 -8.30
N THR B 228 5.74 13.51 -9.45
CA THR B 228 7.06 13.08 -9.97
C THR B 228 7.95 14.31 -10.19
N ARG B 229 7.41 15.38 -10.79
CA ARG B 229 8.21 16.61 -11.07
C ARG B 229 8.62 17.28 -9.76
N ARG B 230 7.75 17.23 -8.76
CA ARG B 230 8.05 17.85 -7.45
C ARG B 230 9.09 17.03 -6.72
N LYS B 231 9.10 15.72 -6.93
CA LYS B 231 9.98 14.80 -6.17
C LYS B 231 11.34 14.76 -6.87
N HIS B 232 11.38 14.94 -8.19
CA HIS B 232 12.61 14.83 -9.02
C HIS B 232 12.74 16.08 -9.89
N PRO B 233 13.08 17.24 -9.30
CA PRO B 233 13.12 18.49 -10.05
C PRO B 233 14.09 18.35 -11.22
N THR B 234 13.86 19.10 -12.30
CA THR B 234 14.71 19.12 -13.52
C THR B 234 14.92 20.57 -13.97
N ASN B 235 16.05 20.79 -14.62
CA ASN B 235 16.48 22.11 -15.12
C ASN B 235 15.86 22.39 -16.49
N ARG B 236 15.29 21.38 -17.16
CA ARG B 236 14.82 21.56 -18.55
C ARG B 236 13.54 22.38 -18.55
N LYS B 237 13.33 23.04 -19.69
CA LYS B 237 12.10 23.79 -20.00
C LYS B 237 11.18 22.82 -20.74
N ASP B 238 9.93 22.71 -20.32
CA ASP B 238 8.96 21.89 -21.07
C ASP B 238 7.58 22.39 -20.69
N LEU B 239 6.55 21.75 -21.26
CA LEU B 239 5.16 22.13 -20.99
C LEU B 239 4.94 22.27 -19.47
N LEU B 240 5.44 21.34 -18.69
CA LEU B 240 5.11 21.25 -17.24
C LEU B 240 5.89 22.31 -16.48
N SER B 241 7.15 22.57 -16.83
CA SER B 241 7.94 23.70 -16.21
C SER B 241 7.23 25.01 -16.50
N ALA B 242 6.66 25.17 -17.71
CA ALA B 242 5.87 26.37 -18.09
C ALA B 242 4.62 26.47 -17.21
N MET B 243 3.90 25.36 -17.01
CA MET B 243 2.68 25.34 -16.16
C MET B 243 3.02 25.73 -14.72
N LEU B 244 4.12 25.22 -14.16
CA LEU B 244 4.48 25.44 -12.73
C LEU B 244 5.04 26.83 -12.52
N ASP B 245 5.89 27.31 -13.43
CA ASP B 245 6.76 28.52 -13.24
C ASP B 245 6.28 29.72 -14.03
N GLY B 246 5.79 29.49 -15.25
CA GLY B 246 5.31 30.52 -16.19
C GLY B 246 4.31 31.50 -15.56
N VAL B 247 4.51 32.78 -15.84
CA VAL B 247 3.55 33.88 -15.55
C VAL B 247 3.05 34.49 -16.86
N ASP B 248 1.75 34.79 -16.94
CA ASP B 248 1.14 35.46 -18.12
C ASP B 248 1.39 36.98 -18.02
N ALA B 249 2.19 37.56 -18.93
CA ALA B 249 2.48 39.02 -18.94
C ALA B 249 1.18 39.81 -18.83
N LYS B 250 0.14 39.45 -19.60
CA LYS B 250 -1.11 40.23 -19.77
C LYS B 250 -1.88 40.34 -18.45
N THR B 251 -2.11 39.24 -17.73
CA THR B 251 -2.96 39.17 -16.50
C THR B 251 -2.12 39.20 -15.22
N GLY B 252 -0.83 38.87 -15.33
CA GLY B 252 0.10 38.73 -14.19
C GLY B 252 -0.10 37.43 -13.40
N GLN B 253 -0.82 36.43 -13.94
CA GLN B 253 -1.26 35.22 -13.21
C GLN B 253 -0.52 33.96 -13.66
N LYS B 254 -0.36 33.02 -12.72
CA LYS B 254 0.13 31.65 -12.96
C LYS B 254 -1.02 30.65 -12.78
N LEU B 255 -0.88 29.44 -13.28
CA LEU B 255 -1.94 28.41 -13.17
C LEU B 255 -1.95 27.86 -11.74
N SER B 256 -3.15 27.83 -11.12
CA SER B 256 -3.50 27.06 -9.88
C SER B 256 -3.17 25.58 -10.09
N ASP B 257 -2.99 24.80 -9.02
CA ASP B 257 -2.72 23.34 -9.14
C ASP B 257 -3.91 22.67 -9.84
N SER B 258 -5.12 23.11 -9.50
CA SER B 258 -6.39 22.66 -10.10
C SER B 258 -6.30 22.75 -11.63
N SER B 259 -5.82 23.90 -12.16
CA SER B 259 -5.64 24.16 -13.62
C SER B 259 -4.44 23.39 -14.18
N ILE B 260 -3.37 23.18 -13.38
CA ILE B 260 -2.20 22.36 -13.81
C ILE B 260 -2.69 20.94 -14.07
N ILE B 261 -3.55 20.42 -13.20
CA ILE B 261 -4.12 19.05 -13.34
C ILE B 261 -5.07 19.09 -14.56
N ASP B 262 -5.95 20.08 -14.67
CA ASP B 262 -6.84 20.22 -15.84
C ASP B 262 -6.00 20.14 -17.13
N ASN B 263 -4.89 20.86 -17.21
CA ASN B 263 -4.13 21.01 -18.47
C ASN B 263 -3.28 19.75 -18.68
N LEU B 264 -2.77 19.16 -17.60
CA LEU B 264 -2.04 17.87 -17.72
C LEU B 264 -2.98 16.80 -18.29
N ILE B 265 -4.21 16.69 -17.80
CA ILE B 265 -5.16 15.68 -18.34
C ILE B 265 -5.38 15.98 -19.82
N THR B 266 -5.69 17.24 -20.13
CA THR B 266 -5.96 17.76 -21.50
C THR B 266 -4.83 17.32 -22.44
N PHE B 267 -3.58 17.57 -22.07
CA PHE B 267 -2.41 17.24 -22.93
C PHE B 267 -2.20 15.73 -23.00
N LEU B 268 -2.37 14.99 -21.89
CA LEU B 268 -2.27 13.51 -21.90
C LEU B 268 -3.25 12.93 -22.92
N ILE B 269 -4.47 13.48 -23.02
CA ILE B 269 -5.53 13.00 -23.97
C ILE B 269 -5.26 13.55 -25.36
N ALA B 270 -5.45 14.86 -25.55
CA ALA B 270 -5.31 15.56 -26.85
C ALA B 270 -3.95 15.27 -27.47
N GLY B 271 -2.92 15.08 -26.64
CA GLY B 271 -1.52 14.98 -27.11
C GLY B 271 -1.11 13.57 -27.53
N HIS B 272 -2.04 12.60 -27.48
CA HIS B 272 -1.71 11.22 -27.91
C HIS B 272 -2.88 10.58 -28.65
N GLU B 273 -4.12 10.70 -28.15
CA GLU B 273 -5.28 9.97 -28.72
C GLU B 273 -5.36 10.16 -30.25
N THR B 274 -5.32 11.39 -30.76
CA THR B 274 -5.56 11.69 -32.21
C THR B 274 -4.33 11.28 -33.05
N THR B 275 -3.12 11.36 -32.48
CA THR B 275 -1.88 10.92 -33.17
C THR B 275 -1.87 9.39 -33.28
N SER B 276 -2.38 8.67 -32.29
CA SER B 276 -2.51 7.20 -32.37
C SER B 276 -3.46 6.85 -33.50
N GLY B 277 -4.58 7.56 -33.58
CA GLY B 277 -5.54 7.45 -34.69
C GLY B 277 -4.85 7.65 -36.04
N LEU B 278 -4.08 8.73 -36.18
CA LEU B 278 -3.46 9.12 -37.47
C LEU B 278 -2.59 7.96 -37.94
N LEU B 279 -1.65 7.53 -37.10
CA LEU B 279 -0.68 6.47 -37.43
C LEU B 279 -1.44 5.16 -37.72
N SER B 280 -2.46 4.83 -36.95
CA SER B 280 -3.20 3.55 -37.11
C SER B 280 -3.92 3.55 -38.48
N PHE B 281 -4.57 4.66 -38.84
CA PHE B 281 -5.29 4.76 -40.15
C PHE B 281 -4.25 4.76 -41.27
N ALA B 282 -3.19 5.56 -41.13
CA ALA B 282 -2.14 5.68 -42.17
C ALA B 282 -1.57 4.30 -42.52
N PHE B 283 -1.21 3.49 -41.53
CA PHE B 283 -0.63 2.14 -41.79
C PHE B 283 -1.69 1.22 -42.40
N TYR B 284 -2.98 1.32 -42.04
CA TYR B 284 -4.00 0.52 -42.75
C TYR B 284 -4.02 0.89 -44.25
N LEU B 285 -4.01 2.19 -44.52
CA LEU B 285 -4.13 2.75 -45.88
C LEU B 285 -2.88 2.40 -46.72
N LEU B 286 -1.66 2.55 -46.19
CA LEU B 286 -0.43 2.13 -46.91
C LEU B 286 -0.52 0.63 -47.23
N ILE B 287 -0.89 -0.20 -46.26
CA ILE B 287 -0.93 -1.67 -46.50
C ILE B 287 -1.94 -1.94 -47.62
N LYS B 288 -3.08 -1.25 -47.62
CA LYS B 288 -4.20 -1.57 -48.56
C LYS B 288 -3.88 -1.02 -49.95
N HIS B 289 -3.15 0.10 -50.02
CA HIS B 289 -2.79 0.81 -51.27
C HIS B 289 -1.30 0.57 -51.56
N GLN B 290 -0.97 -0.61 -52.10
CA GLN B 290 0.44 -1.05 -52.33
C GLN B 290 1.20 -0.01 -53.18
N ASP B 291 0.52 0.71 -54.07
CA ASP B 291 1.16 1.75 -54.91
C ASP B 291 1.85 2.77 -54.00
N ALA B 292 1.09 3.28 -53.03
CA ALA B 292 1.49 4.31 -52.06
C ALA B 292 2.50 3.72 -51.06
N TYR B 293 2.31 2.45 -50.65
CA TYR B 293 3.28 1.71 -49.79
C TYR B 293 4.66 1.78 -50.43
N ARG B 294 4.74 1.41 -51.71
CA ARG B 294 6.03 1.34 -52.45
C ARG B 294 6.66 2.74 -52.52
N LYS B 295 5.86 3.77 -52.81
CA LYS B 295 6.40 5.15 -52.95
C LYS B 295 6.95 5.61 -51.60
N ALA B 296 6.23 5.38 -50.50
CA ALA B 296 6.64 5.78 -49.14
C ALA B 296 7.94 5.07 -48.75
N GLN B 297 8.03 3.76 -49.04
CA GLN B 297 9.26 2.94 -48.80
C GLN B 297 10.42 3.48 -49.64
N GLU B 298 10.17 3.69 -50.94
CA GLU B 298 11.18 4.20 -51.91
C GLU B 298 11.70 5.55 -51.42
N GLU B 299 10.82 6.41 -50.88
CA GLU B 299 11.23 7.73 -50.32
C GLU B 299 12.19 7.50 -49.16
N VAL B 300 11.81 6.65 -48.19
CA VAL B 300 12.66 6.45 -46.98
C VAL B 300 14.03 5.93 -47.42
N ASP B 301 14.05 4.96 -48.34
CA ASP B 301 15.32 4.34 -48.84
C ASP B 301 16.19 5.41 -49.51
N ARG B 302 15.64 6.26 -50.38
CA ARG B 302 16.48 7.28 -51.07
C ARG B 302 16.98 8.31 -50.03
N VAL B 303 16.12 8.80 -49.14
CA VAL B 303 16.41 10.00 -48.29
C VAL B 303 17.25 9.60 -47.07
N ILE B 304 16.91 8.49 -46.41
CA ILE B 304 17.51 8.07 -45.12
C ILE B 304 18.38 6.83 -45.33
N GLY B 305 17.98 5.95 -46.25
CA GLY B 305 18.65 4.68 -46.54
C GLY B 305 18.71 3.77 -45.33
N LYS B 306 19.91 3.38 -44.90
CA LYS B 306 20.11 2.45 -43.76
C LYS B 306 20.71 3.22 -42.58
N GLY B 307 20.81 4.54 -42.67
CA GLY B 307 21.48 5.35 -41.65
C GLY B 307 20.51 5.86 -40.60
N PRO B 308 20.99 6.58 -39.57
CA PRO B 308 20.12 7.10 -38.53
C PRO B 308 19.20 8.20 -39.06
N ILE B 309 18.01 8.28 -38.47
CA ILE B 309 17.02 9.35 -38.76
C ILE B 309 17.33 10.51 -37.81
N LYS B 310 17.73 11.65 -38.37
CA LYS B 310 18.05 12.90 -37.62
C LYS B 310 16.92 13.90 -37.90
N VAL B 311 16.88 14.99 -37.13
CA VAL B 311 15.76 15.98 -37.18
C VAL B 311 15.66 16.58 -38.60
N GLU B 312 16.79 16.77 -39.30
CA GLU B 312 16.85 17.37 -40.66
C GLU B 312 15.91 16.59 -41.61
N HIS B 313 15.78 15.29 -41.42
CA HIS B 313 15.04 14.40 -42.36
C HIS B 313 13.54 14.69 -42.30
N ILE B 314 13.03 15.27 -41.22
CA ILE B 314 11.55 15.46 -41.07
C ILE B 314 11.02 16.31 -42.25
N LYS B 315 11.73 17.37 -42.61
CA LYS B 315 11.28 18.28 -43.70
C LYS B 315 11.77 17.78 -45.05
N LYS B 316 12.39 16.60 -45.15
CA LYS B 316 12.95 16.06 -46.41
C LYS B 316 12.23 14.77 -46.83
N LEU B 317 10.99 14.57 -46.34
CA LEU B 317 10.15 13.38 -46.63
C LEU B 317 8.78 13.85 -47.10
N PRO B 318 8.68 14.46 -48.30
CA PRO B 318 7.41 15.04 -48.74
C PRO B 318 6.31 14.02 -49.00
N TYR B 319 6.65 12.81 -49.47
CA TYR B 319 5.64 11.74 -49.75
C TYR B 319 4.98 11.26 -48.45
N ILE B 320 5.79 11.08 -47.40
CA ILE B 320 5.29 10.66 -46.06
C ILE B 320 4.36 11.77 -45.52
N ALA B 321 4.78 13.04 -45.60
CA ALA B 321 3.92 14.21 -45.29
C ALA B 321 2.59 14.08 -46.05
N ALA B 322 2.63 13.74 -47.34
CA ALA B 322 1.43 13.65 -48.21
C ALA B 322 0.53 12.52 -47.72
N VAL B 323 1.13 11.39 -47.32
CA VAL B 323 0.40 10.18 -46.82
C VAL B 323 -0.37 10.58 -45.55
N LEU B 324 0.25 11.36 -44.67
CA LEU B 324 -0.36 11.80 -43.40
C LEU B 324 -1.49 12.79 -43.72
N ARG B 325 -1.21 13.81 -44.54
CA ARG B 325 -2.22 14.77 -45.05
C ARG B 325 -3.42 14.03 -45.66
N GLU B 326 -3.16 13.04 -46.53
CA GLU B 326 -4.26 12.31 -47.22
C GLU B 326 -5.02 11.47 -46.17
N THR B 327 -4.32 10.88 -45.22
CA THR B 327 -4.93 10.07 -44.13
C THR B 327 -5.87 10.97 -43.32
N LEU B 328 -5.42 12.17 -42.93
CA LEU B 328 -6.23 13.12 -42.12
C LEU B 328 -7.38 13.69 -42.97
N ARG B 329 -7.25 13.73 -44.31
CA ARG B 329 -8.35 14.15 -45.21
C ARG B 329 -9.48 13.12 -45.07
N LEU B 330 -9.21 11.85 -45.36
CA LEU B 330 -10.25 10.77 -45.28
C LEU B 330 -10.61 10.40 -43.83
N CYS B 331 -9.64 10.44 -42.91
CA CYS B 331 -9.82 9.95 -41.53
C CYS B 331 -9.40 11.04 -40.55
N PRO B 332 -10.16 12.15 -40.47
CA PRO B 332 -9.88 13.20 -39.49
C PRO B 332 -10.26 12.62 -38.12
N THR B 333 -9.25 12.48 -37.25
CA THR B 333 -9.37 11.66 -36.02
C THR B 333 -10.19 12.42 -34.99
N ILE B 334 -10.28 13.73 -35.14
CA ILE B 334 -11.44 14.54 -34.68
C ILE B 334 -12.28 14.86 -35.91
N PRO B 335 -13.42 14.16 -36.12
CA PRO B 335 -14.22 14.27 -37.34
C PRO B 335 -15.23 15.43 -37.38
N ILE B 336 -15.47 16.07 -36.25
CA ILE B 336 -16.42 17.22 -36.12
C ILE B 336 -15.75 18.25 -35.22
N ILE B 337 -15.71 19.51 -35.66
CA ILE B 337 -15.44 20.68 -34.77
C ILE B 337 -16.70 21.54 -34.78
N ASN B 338 -16.95 22.26 -33.71
CA ASN B 338 -18.13 23.14 -33.59
C ASN B 338 -17.74 24.63 -33.77
N ARG B 339 -18.62 25.37 -34.43
CA ARG B 339 -18.54 26.84 -34.49
C ARG B 339 -19.90 27.38 -34.10
N ALA B 340 -19.97 28.61 -33.62
CA ALA B 340 -21.24 29.31 -33.31
C ALA B 340 -21.10 30.77 -33.71
N ALA B 341 -22.16 31.34 -34.26
CA ALA B 341 -22.18 32.74 -34.74
C ALA B 341 -22.20 33.66 -33.52
N LYS B 342 -21.34 34.68 -33.50
CA LYS B 342 -21.27 35.68 -32.39
C LYS B 342 -22.52 36.56 -32.37
N GLN B 343 -23.16 36.75 -33.54
CA GLN B 343 -24.43 37.47 -33.73
C GLN B 343 -25.32 36.66 -34.67
N ASP B 344 -26.64 36.88 -34.64
CA ASP B 344 -27.55 36.33 -35.68
C ASP B 344 -26.89 36.60 -37.03
N GLU B 345 -26.89 35.60 -37.91
CA GLU B 345 -26.04 35.59 -39.14
C GLU B 345 -26.74 34.86 -40.27
N VAL B 346 -26.14 34.98 -41.45
CA VAL B 346 -26.57 34.30 -42.70
C VAL B 346 -25.32 33.71 -43.34
N ILE B 347 -25.36 32.44 -43.77
CA ILE B 347 -24.20 31.75 -44.37
C ILE B 347 -24.60 31.23 -45.75
N GLY B 348 -23.61 31.07 -46.65
CA GLY B 348 -23.82 30.76 -48.08
C GLY B 348 -24.80 31.73 -48.70
N GLY B 349 -24.85 32.96 -48.16
CA GLY B 349 -25.93 33.94 -48.34
C GLY B 349 -27.28 33.32 -48.62
N LYS B 350 -27.75 32.36 -47.83
CA LYS B 350 -29.20 31.98 -47.83
C LYS B 350 -29.66 31.29 -46.55
N TYR B 351 -28.78 31.02 -45.57
CA TYR B 351 -29.13 30.17 -44.40
C TYR B 351 -29.07 31.01 -43.11
N ALA B 352 -30.23 31.19 -42.46
CA ALA B 352 -30.33 31.86 -41.15
C ALA B 352 -29.71 30.93 -40.08
N VAL B 353 -28.88 31.55 -39.24
CA VAL B 353 -28.02 30.93 -38.19
C VAL B 353 -28.05 31.84 -36.96
N ALA B 354 -28.62 31.41 -35.83
CA ALA B 354 -28.81 32.21 -34.59
C ALA B 354 -27.47 32.38 -33.85
N LYS B 355 -27.37 33.49 -33.11
CA LYS B 355 -26.27 33.76 -32.15
C LYS B 355 -26.15 32.53 -31.27
N ASP B 356 -24.93 32.10 -30.98
CA ASP B 356 -24.60 30.96 -30.08
C ASP B 356 -25.20 29.63 -30.61
N GLN B 357 -25.83 29.59 -31.79
CA GLN B 357 -26.38 28.32 -32.31
C GLN B 357 -25.23 27.39 -32.70
N ARG B 358 -25.27 26.13 -32.23
CA ARG B 358 -24.19 25.13 -32.47
C ARG B 358 -24.20 24.77 -33.95
N LEU B 359 -23.07 25.01 -34.61
CA LEU B 359 -22.81 24.58 -36.01
C LEU B 359 -21.75 23.50 -35.96
N ALA B 360 -22.09 22.30 -36.41
CA ALA B 360 -21.19 21.15 -36.47
C ALA B 360 -20.52 21.14 -37.84
N LEU B 361 -19.21 21.41 -37.90
CA LEU B 361 -18.41 21.22 -39.13
C LEU B 361 -18.05 19.74 -39.23
N LEU B 362 -18.79 19.01 -40.06
CA LEU B 362 -18.58 17.57 -40.35
C LEU B 362 -17.40 17.43 -41.31
N LEU B 363 -16.19 17.59 -40.78
CA LEU B 363 -14.92 17.46 -41.55
C LEU B 363 -14.84 16.11 -42.26
N ALA B 364 -15.37 15.04 -41.68
CA ALA B 364 -15.30 13.70 -42.31
C ALA B 364 -16.04 13.77 -43.65
N GLN B 365 -16.98 14.71 -43.81
CA GLN B 365 -17.71 14.93 -45.09
C GLN B 365 -17.12 16.10 -45.93
N SER B 366 -16.83 17.27 -45.35
CA SER B 366 -16.26 18.45 -46.06
C SER B 366 -14.95 18.10 -46.78
N HIS B 367 -14.27 17.08 -46.28
CA HIS B 367 -12.97 16.56 -46.79
C HIS B 367 -13.20 15.66 -48.01
N LEU B 368 -14.45 15.31 -48.33
CA LEU B 368 -14.81 14.53 -49.55
C LEU B 368 -15.54 15.39 -50.58
N ASP B 369 -15.68 16.70 -50.32
CA ASP B 369 -16.42 17.62 -51.23
C ASP B 369 -15.96 17.40 -52.66
N PRO B 370 -16.82 16.85 -53.55
CA PRO B 370 -16.49 16.64 -54.96
C PRO B 370 -16.04 17.93 -55.64
N ALA B 371 -16.62 19.07 -55.24
CA ALA B 371 -16.36 20.42 -55.80
C ALA B 371 -14.87 20.78 -55.64
N VAL B 372 -14.22 20.25 -54.61
CA VAL B 372 -12.78 20.52 -54.35
C VAL B 372 -11.96 19.38 -54.95
N TYR B 373 -12.27 18.14 -54.59
CA TYR B 373 -11.31 17.00 -54.67
C TYR B 373 -11.59 16.15 -55.92
N GLY B 374 -12.75 16.37 -56.56
CA GLY B 374 -13.12 15.73 -57.83
C GLY B 374 -13.71 14.36 -57.65
N GLU B 375 -13.78 13.59 -58.74
CA GLU B 375 -14.43 12.26 -58.76
C GLU B 375 -13.58 11.25 -58.00
N THR B 376 -12.34 11.56 -57.59
CA THR B 376 -11.46 10.62 -56.85
C THR B 376 -11.56 10.89 -55.34
N ALA B 377 -12.48 11.77 -54.91
CA ALA B 377 -12.53 12.31 -53.52
C ALA B 377 -12.43 11.17 -52.49
N LYS B 378 -13.10 10.05 -52.75
CA LYS B 378 -13.29 8.97 -51.74
C LYS B 378 -12.10 8.02 -51.78
N GLN B 379 -11.15 8.18 -52.71
CA GLN B 379 -9.98 7.26 -52.83
C GLN B 379 -8.77 7.79 -52.07
N PHE B 380 -7.85 6.88 -51.74
CA PHE B 380 -6.59 7.17 -51.01
C PHE B 380 -5.50 7.41 -52.05
N ILE B 381 -5.14 8.67 -52.25
CA ILE B 381 -4.14 9.11 -53.28
C ILE B 381 -3.21 10.14 -52.65
N PRO B 382 -2.10 9.73 -52.02
CA PRO B 382 -1.19 10.67 -51.37
C PRO B 382 -0.71 11.78 -52.31
N GLU B 383 -0.52 11.45 -53.59
CA GLU B 383 -0.04 12.41 -54.64
C GLU B 383 -0.87 13.71 -54.53
N ARG B 384 -2.18 13.56 -54.28
CA ARG B 384 -3.19 14.64 -54.13
C ARG B 384 -2.70 15.71 -53.18
N MET B 385 -2.01 15.33 -52.10
CA MET B 385 -1.69 16.24 -50.98
C MET B 385 -0.18 16.50 -50.90
N LEU B 386 0.59 16.27 -51.97
CA LEU B 386 1.98 16.76 -52.10
C LEU B 386 1.96 18.30 -52.11
N ASP B 387 3.05 18.95 -51.67
CA ASP B 387 3.10 20.42 -51.46
C ASP B 387 2.49 21.18 -52.64
N GLU B 388 3.01 20.97 -53.86
CA GLU B 388 2.54 21.69 -55.07
C GLU B 388 1.01 21.69 -55.06
N ASN B 389 0.39 20.51 -55.15
CA ASN B 389 -1.07 20.40 -55.37
C ASN B 389 -1.85 20.86 -54.13
N PHE B 390 -1.36 20.53 -52.93
CA PHE B 390 -1.94 20.89 -51.61
C PHE B 390 -2.07 22.41 -51.50
N GLU B 391 -0.99 23.15 -51.78
CA GLU B 391 -0.95 24.64 -51.70
C GLU B 391 -1.95 25.23 -52.71
N ARG B 392 -2.09 24.57 -53.86
CA ARG B 392 -3.03 24.94 -54.94
C ARG B 392 -4.48 24.75 -54.47
N LEU B 393 -4.78 23.64 -53.82
CA LEU B 393 -6.15 23.36 -53.34
C LEU B 393 -6.52 24.36 -52.24
N ASN B 394 -5.56 24.77 -51.39
CA ASN B 394 -5.81 25.70 -50.25
C ASN B 394 -6.01 27.13 -50.76
N ARG B 395 -5.34 27.49 -51.85
CA ARG B 395 -5.52 28.79 -52.53
C ARG B 395 -6.91 28.80 -53.17
N GLU B 396 -7.25 27.76 -53.94
CA GLU B 396 -8.49 27.73 -54.76
C GLU B 396 -9.72 27.40 -53.90
N TYR B 397 -9.56 26.67 -52.80
CA TYR B 397 -10.67 26.23 -51.93
C TYR B 397 -10.26 26.33 -50.47
N PRO B 398 -10.06 27.56 -49.91
CA PRO B 398 -9.53 27.71 -48.56
C PRO B 398 -10.40 26.96 -47.53
N ASP B 399 -9.75 26.30 -46.56
CA ASP B 399 -10.37 25.44 -45.50
C ASP B 399 -11.03 24.18 -46.11
N CYS B 400 -10.48 23.66 -47.22
CA CYS B 400 -10.89 22.37 -47.82
C CYS B 400 -10.44 21.21 -46.95
N TRP B 401 -9.44 21.46 -46.06
CA TRP B 401 -8.66 20.49 -45.23
C TRP B 401 -8.38 21.07 -43.83
N LYS B 402 -9.12 20.63 -42.80
CA LYS B 402 -9.04 21.28 -41.46
C LYS B 402 -8.94 20.26 -40.31
N PRO B 403 -8.09 19.21 -40.40
CA PRO B 403 -8.07 18.17 -39.37
C PRO B 403 -7.49 18.69 -38.05
N PHE B 404 -6.79 19.82 -38.10
CA PHE B 404 -6.15 20.49 -36.93
C PHE B 404 -6.93 21.75 -36.52
N GLY B 405 -8.21 21.85 -36.88
CA GLY B 405 -9.08 22.94 -36.42
C GLY B 405 -8.70 24.29 -37.04
N THR B 406 -9.21 25.38 -36.49
CA THR B 406 -9.21 26.71 -37.17
C THR B 406 -9.10 27.85 -36.15
N GLY B 407 -8.33 28.89 -36.49
CA GLY B 407 -8.38 30.21 -35.81
C GLY B 407 -7.58 30.16 -34.53
N MET B 408 -7.85 31.04 -33.57
CA MET B 408 -7.03 31.08 -32.32
C MET B 408 -7.27 29.77 -31.57
N ARG B 409 -8.33 29.00 -31.92
CA ARG B 409 -8.70 27.73 -31.23
C ARG B 409 -8.25 26.51 -32.07
N ALA B 410 -7.32 26.70 -32.99
CA ALA B 410 -6.68 25.60 -33.74
C ALA B 410 -5.72 24.85 -32.82
N CYS B 411 -5.29 23.67 -33.27
CA CYS B 411 -4.44 22.72 -32.52
C CYS B 411 -3.10 23.37 -32.18
N ILE B 412 -2.81 23.55 -30.89
CA ILE B 412 -1.50 24.02 -30.38
C ILE B 412 -0.41 22.96 -30.59
N GLY B 413 -0.79 21.69 -30.72
CA GLY B 413 0.14 20.55 -30.72
C GLY B 413 0.53 20.08 -32.11
N ARG B 414 -0.04 20.68 -33.14
CA ARG B 414 0.12 20.25 -34.56
C ARG B 414 1.58 19.96 -34.86
N PRO B 415 2.54 20.89 -34.63
CA PRO B 415 3.92 20.61 -35.04
C PRO B 415 4.54 19.45 -34.25
N PHE B 416 4.12 19.22 -33.01
CA PHE B 416 4.53 18.06 -32.17
C PHE B 416 4.05 16.76 -32.86
N ALA B 417 2.74 16.67 -33.11
CA ALA B 417 2.10 15.55 -33.84
C ALA B 417 2.84 15.27 -35.14
N TRP B 418 3.21 16.31 -35.86
CA TRP B 418 3.72 16.18 -37.24
C TRP B 418 5.11 15.56 -37.18
N GLN B 419 6.00 16.15 -36.38
CA GLN B 419 7.37 15.62 -36.20
C GLN B 419 7.25 14.17 -35.70
N GLU B 420 6.34 13.88 -34.77
CA GLU B 420 6.23 12.50 -34.24
C GLU B 420 5.80 11.56 -35.37
N ALA B 421 4.73 11.88 -36.09
CA ALA B 421 4.13 10.98 -37.10
C ALA B 421 5.12 10.73 -38.24
N VAL B 422 5.82 11.76 -38.69
CA VAL B 422 6.81 11.63 -39.81
C VAL B 422 7.96 10.74 -39.34
N LEU B 423 8.53 11.03 -38.17
CA LEU B 423 9.66 10.26 -37.60
C LEU B 423 9.30 8.77 -37.47
N VAL B 424 8.15 8.46 -36.86
CA VAL B 424 7.77 7.04 -36.58
C VAL B 424 7.55 6.36 -37.92
N MET B 425 6.86 7.00 -38.86
CA MET B 425 6.50 6.34 -40.14
C MET B 425 7.80 6.08 -40.92
N ALA B 426 8.76 7.00 -40.90
CA ALA B 426 10.07 6.82 -41.56
C ALA B 426 10.78 5.63 -40.92
N MET B 427 10.89 5.64 -39.60
CA MET B 427 11.61 4.57 -38.84
C MET B 427 10.96 3.21 -39.12
N LEU B 428 9.64 3.11 -39.10
CA LEU B 428 8.98 1.79 -39.26
C LEU B 428 9.14 1.31 -40.70
N LEU B 429 9.03 2.20 -41.69
CA LEU B 429 9.09 1.76 -43.12
C LEU B 429 10.53 1.39 -43.49
N GLN B 430 11.49 2.05 -42.86
CA GLN B 430 12.95 1.77 -42.97
C GLN B 430 13.23 0.32 -42.56
N ASN B 431 12.69 -0.15 -41.43
CA ASN B 431 13.12 -1.41 -40.77
C ASN B 431 12.20 -2.58 -41.05
N PHE B 432 10.96 -2.34 -41.49
CA PHE B 432 9.92 -3.39 -41.58
C PHE B 432 9.13 -3.29 -42.87
N ASP B 433 8.62 -4.45 -43.26
CA ASP B 433 7.45 -4.60 -44.15
C ASP B 433 6.26 -4.95 -43.26
N PHE B 434 5.06 -4.60 -43.70
CA PHE B 434 3.82 -4.75 -42.92
C PHE B 434 2.75 -5.42 -43.77
N VAL B 435 2.04 -6.38 -43.19
CA VAL B 435 0.93 -7.07 -43.87
C VAL B 435 -0.24 -7.14 -42.92
N LEU B 436 -1.47 -7.14 -43.43
CA LEU B 436 -2.68 -7.41 -42.60
C LEU B 436 -2.45 -8.72 -41.85
N HIS B 437 -2.84 -8.86 -40.60
CA HIS B 437 -2.80 -10.17 -39.89
C HIS B 437 -3.93 -11.02 -40.46
N ASP B 438 -5.10 -10.44 -40.67
CA ASP B 438 -6.26 -11.06 -41.35
C ASP B 438 -6.32 -10.50 -42.77
N PRO B 439 -6.03 -11.29 -43.82
CA PRO B 439 -6.03 -10.76 -45.19
C PRO B 439 -7.41 -10.18 -45.57
N TYR B 440 -8.47 -10.68 -44.92
CA TYR B 440 -9.89 -10.30 -45.13
C TYR B 440 -10.33 -9.14 -44.25
N TYR B 441 -9.43 -8.52 -43.49
CA TYR B 441 -9.80 -7.34 -42.67
C TYR B 441 -10.32 -6.25 -43.60
N GLU B 442 -11.49 -5.69 -43.25
CA GLU B 442 -12.05 -4.47 -43.88
C GLU B 442 -12.10 -3.39 -42.80
N LEU B 443 -11.69 -2.17 -43.14
CA LEU B 443 -11.62 -1.05 -42.17
C LEU B 443 -13.01 -0.83 -41.59
N HIS B 444 -13.13 -0.87 -40.27
CA HIS B 444 -14.28 -0.30 -39.55
C HIS B 444 -13.70 0.52 -38.40
N TYR B 445 -14.55 1.34 -37.81
CA TYR B 445 -14.16 2.44 -36.91
C TYR B 445 -14.54 2.05 -35.48
N LYS B 446 -13.69 2.44 -34.53
CA LYS B 446 -14.05 2.60 -33.10
C LYS B 446 -14.10 4.10 -32.85
N GLN B 447 -15.20 4.58 -32.29
CA GLN B 447 -15.35 6.01 -31.96
C GLN B 447 -15.45 6.21 -30.44
N THR B 448 -14.51 6.98 -29.91
CA THR B 448 -14.50 7.55 -28.54
C THR B 448 -14.47 9.09 -28.65
N LEU B 449 -15.52 9.67 -29.25
CA LEU B 449 -15.54 11.04 -29.84
C LEU B 449 -14.55 11.04 -31.00
N THR B 450 -13.27 10.80 -30.71
CA THR B 450 -12.17 10.57 -31.68
C THR B 450 -12.38 9.22 -32.39
N THR B 451 -11.71 9.00 -33.53
CA THR B 451 -11.85 7.78 -34.37
C THR B 451 -10.49 7.09 -34.53
N LYS B 452 -10.54 5.76 -34.57
CA LYS B 452 -9.44 4.82 -34.82
C LYS B 452 -10.01 3.64 -35.59
N PRO B 453 -9.17 2.90 -36.35
CA PRO B 453 -9.52 1.56 -36.79
C PRO B 453 -9.91 0.65 -35.61
N LYS B 454 -10.87 -0.24 -35.81
CA LYS B 454 -11.34 -1.22 -34.80
C LYS B 454 -10.85 -2.61 -35.21
N ASP B 455 -10.18 -3.33 -34.31
CA ASP B 455 -9.82 -4.76 -34.53
C ASP B 455 -8.81 -4.85 -35.68
N PHE B 456 -7.97 -3.84 -35.84
CA PHE B 456 -6.91 -3.80 -36.88
C PHE B 456 -5.64 -4.41 -36.31
N TYR B 457 -5.29 -5.59 -36.80
CA TYR B 457 -4.03 -6.31 -36.47
C TYR B 457 -3.15 -6.40 -37.73
N MET B 458 -1.85 -6.23 -37.55
CA MET B 458 -0.87 -6.42 -38.64
C MET B 458 0.31 -7.28 -38.14
N ARG B 459 1.22 -7.63 -39.04
CA ARG B 459 2.51 -8.22 -38.63
C ARG B 459 3.65 -7.42 -39.26
N ALA B 460 4.78 -7.39 -38.56
CA ALA B 460 5.99 -6.66 -38.97
C ALA B 460 7.11 -7.67 -39.23
N ILE B 461 7.62 -7.66 -40.46
CA ILE B 461 8.76 -8.51 -40.89
C ILE B 461 9.93 -7.56 -41.13
N LEU B 462 11.03 -7.74 -40.41
CA LEU B 462 12.30 -7.01 -40.64
C LEU B 462 12.75 -7.13 -42.10
N ARG B 463 13.35 -6.05 -42.61
CA ARG B 463 13.86 -5.95 -44.02
C ARG B 463 15.31 -6.42 -44.10
N ASP B 464 15.73 -6.78 -45.34
CA ASP B 464 17.06 -7.27 -45.82
C ASP B 464 17.54 -8.44 -44.94
N GLU C 7 -40.41 48.91 -13.84
CA GLU C 7 -41.17 47.66 -13.51
C GLU C 7 -40.16 46.55 -13.15
N THR C 8 -40.57 45.27 -13.10
CA THR C 8 -39.68 44.15 -12.68
C THR C 8 -38.90 43.61 -13.90
N VAL C 9 -37.60 43.36 -13.70
CA VAL C 9 -36.58 42.79 -14.65
C VAL C 9 -36.60 41.26 -14.62
N PRO C 10 -36.57 40.55 -15.77
CA PRO C 10 -36.56 39.09 -15.78
C PRO C 10 -35.22 38.54 -15.23
N ILE C 11 -35.33 37.52 -14.37
CA ILE C 11 -34.22 36.84 -13.66
C ILE C 11 -33.53 35.85 -14.61
N PRO C 12 -32.21 35.94 -14.89
CA PRO C 12 -31.57 34.99 -15.80
C PRO C 12 -31.34 33.61 -15.15
N GLY C 13 -30.76 32.67 -15.89
CA GLY C 13 -30.49 31.31 -15.38
C GLY C 13 -30.08 30.35 -16.51
N PRO C 14 -29.39 29.23 -16.19
CA PRO C 14 -28.97 28.27 -17.20
C PRO C 14 -30.21 27.64 -17.82
N PRO C 15 -30.24 27.42 -19.14
CA PRO C 15 -31.41 26.84 -19.79
C PRO C 15 -31.53 25.40 -19.25
N GLY C 16 -32.77 25.00 -18.95
CA GLY C 16 -33.11 23.66 -18.46
C GLY C 16 -33.21 22.65 -19.58
N LEU C 17 -33.65 21.44 -19.25
CA LEU C 17 -34.03 20.41 -20.25
C LEU C 17 -35.48 20.04 -19.98
N PRO C 18 -36.15 19.48 -21.00
CA PRO C 18 -37.51 18.98 -20.82
C PRO C 18 -37.51 18.00 -19.65
N LEU C 19 -38.55 18.05 -18.81
CA LEU C 19 -38.81 17.03 -17.77
C LEU C 19 -37.88 17.17 -16.56
N VAL C 20 -36.63 17.63 -16.71
CA VAL C 20 -35.61 17.54 -15.61
C VAL C 20 -35.09 18.93 -15.23
N GLY C 21 -35.38 19.96 -16.03
CA GLY C 21 -34.91 21.33 -15.73
C GLY C 21 -33.39 21.34 -15.64
N ASN C 22 -32.82 21.87 -14.56
CA ASN C 22 -31.36 21.98 -14.42
C ASN C 22 -30.87 20.91 -13.44
N ALA C 23 -31.69 19.92 -13.08
CA ALA C 23 -31.38 18.96 -12.00
C ALA C 23 -30.06 18.25 -12.29
N LEU C 24 -29.86 17.78 -13.53
CA LEU C 24 -28.72 16.90 -13.93
C LEU C 24 -27.38 17.64 -13.92
N ALA C 25 -27.37 18.97 -13.87
CA ALA C 25 -26.13 19.80 -13.76
C ALA C 25 -25.45 19.60 -12.41
N PHE C 26 -26.18 19.15 -11.38
CA PHE C 26 -25.68 19.01 -9.99
C PHE C 26 -25.37 17.53 -9.73
N ASP C 27 -25.14 16.79 -10.80
CA ASP C 27 -24.65 15.39 -10.83
C ASP C 27 -23.50 15.05 -9.87
N SER C 28 -22.48 15.89 -9.73
CA SER C 28 -21.25 15.52 -9.01
C SER C 28 -21.55 15.33 -7.50
N GLU C 29 -20.46 15.13 -6.73
CA GLU C 29 -20.43 14.93 -5.26
C GLU C 29 -20.36 16.27 -4.51
N LEU C 30 -20.25 17.37 -5.26
CA LEU C 30 -19.96 18.72 -4.75
C LEU C 30 -20.90 19.73 -5.44
N PRO C 31 -22.24 19.62 -5.19
CA PRO C 31 -23.21 20.53 -5.77
C PRO C 31 -22.93 22.01 -5.47
N LEU C 32 -22.21 22.35 -4.38
CA LEU C 32 -21.89 23.76 -4.07
C LEU C 32 -21.14 24.39 -5.24
N ARG C 33 -20.21 23.67 -5.86
CA ARG C 33 -19.43 24.17 -7.03
C ARG C 33 -20.41 24.60 -8.13
N THR C 34 -21.40 23.75 -8.47
CA THR C 34 -22.38 24.03 -9.55
C THR C 34 -23.06 25.35 -9.18
N PHE C 35 -23.53 25.50 -7.94
CA PHE C 35 -24.22 26.70 -7.42
C PHE C 35 -23.34 27.93 -7.66
N GLN C 36 -22.05 27.84 -7.36
CA GLN C 36 -21.14 29.02 -7.40
C GLN C 36 -20.71 29.33 -8.83
N GLU C 37 -20.57 28.32 -9.70
CA GLU C 37 -20.24 28.53 -11.14
C GLU C 37 -21.38 29.28 -11.82
N PHE C 38 -22.62 28.88 -11.55
CA PHE C 38 -23.83 29.56 -12.08
C PHE C 38 -23.87 30.99 -11.54
N ALA C 39 -23.45 31.24 -10.29
CA ALA C 39 -23.45 32.58 -9.67
C ALA C 39 -22.39 33.46 -10.35
N GLU C 40 -21.24 32.87 -10.68
CA GLU C 40 -20.16 33.58 -11.42
C GLU C 40 -20.72 33.93 -12.80
N GLU C 41 -21.55 33.09 -13.39
CA GLU C 41 -21.97 33.23 -14.81
C GLU C 41 -23.14 34.21 -14.93
N TYR C 42 -24.12 34.23 -14.03
CA TYR C 42 -25.41 34.98 -14.20
C TYR C 42 -25.54 36.12 -13.18
N GLY C 43 -24.69 36.15 -12.13
CA GLY C 43 -24.58 37.29 -11.20
C GLY C 43 -25.40 37.13 -9.92
N GLU C 44 -25.88 38.26 -9.38
CA GLU C 44 -26.43 38.36 -8.00
C GLU C 44 -27.69 37.48 -7.84
N ILE C 45 -28.42 37.19 -8.91
CA ILE C 45 -29.62 36.31 -8.81
C ILE C 45 -29.79 35.52 -10.11
N TYR C 46 -30.14 34.23 -10.00
CA TYR C 46 -30.47 33.34 -11.15
C TYR C 46 -31.52 32.29 -10.74
N ARG C 47 -32.17 31.70 -11.75
CA ARG C 47 -33.26 30.71 -11.57
C ARG C 47 -32.71 29.31 -11.82
N LEU C 48 -33.20 28.32 -11.06
CA LEU C 48 -33.05 26.89 -11.37
C LEU C 48 -34.43 26.24 -11.35
N THR C 49 -34.69 25.34 -12.28
CA THR C 49 -35.86 24.42 -12.25
C THR C 49 -35.35 23.10 -11.65
N LEU C 50 -35.71 22.81 -10.40
CA LEU C 50 -35.30 21.54 -9.72
C LEU C 50 -36.56 20.72 -9.42
N PRO C 51 -36.45 19.46 -8.95
CA PRO C 51 -37.64 18.63 -8.77
C PRO C 51 -38.62 19.17 -7.70
N THR C 52 -38.14 19.87 -6.67
CA THR C 52 -38.96 20.36 -5.53
C THR C 52 -39.48 21.78 -5.82
N GLY C 53 -39.18 22.37 -6.98
CA GLY C 53 -39.75 23.66 -7.45
C GLY C 53 -38.71 24.56 -8.12
N THR C 54 -39.14 25.70 -8.66
CA THR C 54 -38.27 26.79 -9.18
C THR C 54 -37.55 27.50 -8.02
N THR C 55 -36.24 27.34 -7.93
CA THR C 55 -35.37 27.96 -6.92
C THR C 55 -34.78 29.25 -7.50
N LEU C 56 -34.65 30.28 -6.68
CA LEU C 56 -33.90 31.52 -7.02
C LEU C 56 -32.63 31.58 -6.15
N VAL C 57 -31.48 31.78 -6.78
CA VAL C 57 -30.17 31.70 -6.09
C VAL C 57 -29.53 33.09 -6.05
N VAL C 58 -29.49 33.61 -4.84
CA VAL C 58 -29.06 34.98 -4.48
C VAL C 58 -27.63 34.92 -3.94
N SER C 59 -26.72 35.72 -4.49
CA SER C 59 -25.25 35.60 -4.29
C SER C 59 -24.67 36.94 -3.79
N SER C 60 -25.49 37.96 -3.50
CA SER C 60 -25.05 39.36 -3.17
C SER C 60 -25.53 39.78 -1.79
N GLN C 61 -24.74 40.61 -1.10
CA GLN C 61 -25.07 41.12 0.26
C GLN C 61 -26.33 41.98 0.20
N ALA C 62 -26.50 42.79 -0.85
CA ALA C 62 -27.74 43.58 -1.11
C ALA C 62 -28.96 42.68 -0.92
N LEU C 63 -29.02 41.61 -1.72
CA LEU C 63 -30.22 40.73 -1.76
C LEU C 63 -30.29 39.87 -0.48
N VAL C 64 -29.16 39.35 0.01
CA VAL C 64 -29.12 38.53 1.26
C VAL C 64 -29.71 39.36 2.41
N HIS C 65 -29.36 40.65 2.51
CA HIS C 65 -29.82 41.51 3.64
C HIS C 65 -31.34 41.68 3.59
N GLU C 66 -31.87 41.97 2.41
CA GLU C 66 -33.33 42.18 2.24
C GLU C 66 -34.04 40.91 2.71
N LEU C 67 -33.57 39.78 2.21
CA LEU C 67 -34.15 38.43 2.47
C LEU C 67 -34.05 38.04 3.95
N CYS C 68 -33.20 38.71 4.74
CA CYS C 68 -33.06 38.47 6.20
C CYS C 68 -34.10 39.25 7.02
N ASP C 69 -35.12 39.80 6.34
CA ASP C 69 -36.25 40.55 6.96
C ASP C 69 -37.31 39.54 7.41
N ASP C 70 -37.38 39.23 8.71
CA ASP C 70 -38.35 38.23 9.24
C ASP C 70 -39.79 38.71 8.99
N LYS C 71 -40.01 40.00 8.76
CA LYS C 71 -41.38 40.56 8.53
C LYS C 71 -41.88 40.08 7.17
N ARG C 72 -40.99 39.98 6.17
CA ARG C 72 -41.34 39.64 4.76
C ARG C 72 -40.97 38.18 4.40
N PHE C 73 -39.97 37.58 5.04
CA PHE C 73 -39.47 36.23 4.66
C PHE C 73 -39.35 35.29 5.87
N LYS C 74 -39.28 33.99 5.58
CA LYS C 74 -39.15 32.92 6.61
C LYS C 74 -38.39 31.70 6.04
N LYS C 75 -37.79 30.92 6.94
CA LYS C 75 -37.23 29.58 6.66
C LYS C 75 -38.39 28.70 6.24
N PRO C 76 -38.35 28.13 5.01
CA PRO C 76 -39.43 27.25 4.53
C PRO C 76 -39.28 25.79 4.95
N VAL C 77 -38.05 25.34 5.23
CA VAL C 77 -37.68 23.90 5.31
C VAL C 77 -38.00 23.29 3.94
N ALA C 78 -37.15 23.55 2.95
CA ALA C 78 -37.33 23.05 1.56
C ALA C 78 -36.12 22.20 1.19
N ALA C 79 -36.19 21.57 0.02
CA ALA C 79 -35.04 20.93 -0.64
C ALA C 79 -34.51 19.83 0.29
N ALA C 80 -33.22 19.86 0.61
CA ALA C 80 -32.54 18.82 1.42
C ALA C 80 -33.16 18.78 2.81
N LEU C 81 -33.41 19.93 3.43
CA LEU C 81 -33.90 20.02 4.82
C LEU C 81 -35.24 19.31 4.92
N ALA C 82 -36.08 19.48 3.91
CA ALA C 82 -37.41 18.84 3.84
C ALA C 82 -37.22 17.32 3.90
N GLU C 83 -36.22 16.78 3.20
CA GLU C 83 -35.90 15.33 3.23
C GLU C 83 -35.30 14.96 4.60
N VAL C 84 -34.47 15.82 5.18
CA VAL C 84 -33.87 15.59 6.54
C VAL C 84 -35.00 15.33 7.55
N ARG C 85 -36.22 15.86 7.35
CA ARG C 85 -37.36 15.58 8.26
C ARG C 85 -37.64 14.06 8.35
N ASN C 86 -37.21 13.29 7.35
CA ASN C 86 -37.37 11.82 7.38
C ASN C 86 -36.75 11.26 8.66
N GLY C 87 -35.66 11.87 9.15
CA GLY C 87 -34.84 11.38 10.28
C GLY C 87 -35.18 12.10 11.59
N VAL C 88 -35.55 13.38 11.55
CA VAL C 88 -35.73 14.21 12.79
C VAL C 88 -37.08 14.96 12.79
N ASN C 89 -37.95 14.73 11.81
CA ASN C 89 -39.33 15.26 11.79
C ASN C 89 -39.36 16.76 12.10
N ASP C 90 -40.17 17.21 13.09
CA ASP C 90 -40.37 18.63 13.45
C ASP C 90 -39.54 18.95 14.70
N GLY C 91 -38.35 18.40 14.79
CA GLY C 91 -37.34 18.87 15.75
C GLY C 91 -36.92 20.28 15.37
N LEU C 92 -36.04 20.86 16.17
CA LEU C 92 -35.81 22.32 16.18
C LEU C 92 -35.34 22.80 14.80
N PHE C 93 -34.57 21.98 14.07
CA PHE C 93 -33.86 22.37 12.82
C PHE C 93 -34.81 22.28 11.63
N THR C 94 -35.80 21.38 11.67
CA THR C 94 -36.56 20.95 10.48
C THR C 94 -38.05 21.20 10.63
N ALA C 95 -38.48 21.72 11.77
CA ALA C 95 -39.88 22.19 11.97
C ALA C 95 -40.12 23.44 11.13
N ARG C 96 -41.33 23.54 10.56
CA ARG C 96 -41.87 24.77 9.94
C ARG C 96 -42.44 25.67 11.07
N GLU C 97 -42.47 26.97 10.83
CA GLU C 97 -42.69 28.00 11.89
C GLU C 97 -44.13 27.82 12.41
N GLU C 98 -45.09 27.36 11.59
CA GLU C 98 -46.51 27.13 12.03
C GLU C 98 -46.70 25.80 12.78
N GLU C 99 -45.66 24.96 12.88
CA GLU C 99 -45.72 23.69 13.64
C GLU C 99 -45.46 24.00 15.10
N PRO C 100 -46.44 23.75 16.00
CA PRO C 100 -46.34 24.26 17.37
C PRO C 100 -45.09 23.71 18.07
N ASN C 101 -44.53 22.61 17.60
CA ASN C 101 -43.37 21.92 18.23
C ASN C 101 -42.07 22.68 18.02
N TRP C 102 -41.97 23.54 17.00
CA TRP C 102 -40.82 24.45 16.88
C TRP C 102 -40.76 25.29 18.17
N GLY C 103 -41.87 25.96 18.49
CA GLY C 103 -41.96 26.93 19.58
C GLY C 103 -41.75 26.27 20.92
N ILE C 104 -42.41 25.14 21.14
CA ILE C 104 -42.34 24.38 22.42
C ILE C 104 -40.86 24.03 22.68
N ALA C 105 -40.20 23.43 21.69
CA ALA C 105 -38.78 23.04 21.78
C ALA C 105 -37.88 24.27 21.94
N HIS C 106 -38.14 25.32 21.15
CA HIS C 106 -37.34 26.58 21.14
C HIS C 106 -37.32 27.19 22.54
N ARG C 107 -38.49 27.39 23.12
CA ARG C 107 -38.66 28.12 24.41
C ARG C 107 -38.04 27.27 25.53
N ILE C 108 -38.21 25.96 25.47
CA ILE C 108 -37.76 24.99 26.51
C ILE C 108 -36.23 24.88 26.48
N LEU C 109 -35.62 24.94 25.30
CA LEU C 109 -34.17 24.63 25.10
C LEU C 109 -33.33 25.91 25.07
N MET C 110 -33.91 27.08 24.83
CA MET C 110 -33.16 28.36 24.72
C MET C 110 -32.29 28.57 25.98
N PRO C 111 -32.81 28.38 27.21
CA PRO C 111 -32.04 28.62 28.43
C PRO C 111 -30.76 27.78 28.59
N ALA C 112 -30.69 26.60 27.96
CA ALA C 112 -29.54 25.69 28.06
C ALA C 112 -28.31 26.29 27.37
N PHE C 113 -28.53 27.25 26.47
CA PHE C 113 -27.50 27.96 25.65
C PHE C 113 -27.23 29.40 26.14
N GLY C 114 -27.79 29.75 27.29
CA GLY C 114 -27.48 31.01 27.99
C GLY C 114 -26.04 31.04 28.45
N PRO C 115 -25.44 32.23 28.66
CA PRO C 115 -24.00 32.32 28.95
C PRO C 115 -23.61 31.57 30.25
N ALA C 116 -24.48 31.56 31.26
CA ALA C 116 -24.27 30.84 32.55
C ALA C 116 -24.03 29.35 32.25
N SER C 117 -24.94 28.73 31.49
CA SER C 117 -24.93 27.29 31.14
C SER C 117 -23.73 26.93 30.27
N ILE C 118 -23.43 27.77 29.30
CA ILE C 118 -22.31 27.56 28.35
C ILE C 118 -21.01 27.57 29.15
N GLN C 119 -20.82 28.53 30.04
CA GLN C 119 -19.61 28.58 30.89
C GLN C 119 -19.57 27.34 31.76
N GLY C 120 -20.73 26.89 32.24
CA GLY C 120 -20.86 25.66 33.04
C GLY C 120 -20.32 24.44 32.33
N MET C 121 -20.33 24.43 31.00
CA MET C 121 -19.90 23.29 30.15
C MET C 121 -18.42 23.40 29.80
N PHE C 122 -17.73 24.44 30.26
CA PHE C 122 -16.29 24.64 29.93
C PHE C 122 -15.44 23.45 30.40
N THR C 123 -15.60 22.99 31.65
CA THR C 123 -14.78 21.89 32.22
C THR C 123 -14.83 20.67 31.28
N GLU C 124 -16.05 20.27 30.89
CA GLU C 124 -16.20 19.06 30.05
C GLU C 124 -15.69 19.35 28.63
N MET C 125 -15.88 20.57 28.08
CA MET C 125 -15.25 20.89 26.76
C MET C 125 -13.73 20.71 26.87
N HIS C 126 -13.17 21.12 28.00
CA HIS C 126 -11.70 21.14 28.22
C HIS C 126 -11.21 19.70 28.35
N GLU C 127 -12.00 18.80 28.94
CA GLU C 127 -11.59 17.38 29.03
C GLU C 127 -11.44 16.79 27.63
N ILE C 128 -12.48 16.94 26.80
CA ILE C 128 -12.47 16.28 25.47
C ILE C 128 -11.31 16.87 24.64
N ALA C 129 -11.09 18.17 24.74
CA ALA C 129 -9.96 18.83 24.04
C ALA C 129 -8.62 18.21 24.51
N SER C 130 -8.44 18.04 25.82
CA SER C 130 -7.25 17.35 26.40
C SER C 130 -7.07 15.94 25.84
N GLN C 131 -8.16 15.18 25.65
CA GLN C 131 -8.04 13.84 25.04
C GLN C 131 -7.39 13.96 23.66
N LEU C 132 -7.84 14.94 22.86
CA LEU C 132 -7.32 15.14 21.49
C LEU C 132 -5.85 15.54 21.61
N ALA C 133 -5.53 16.51 22.45
CA ALA C 133 -4.14 16.95 22.67
C ALA C 133 -3.26 15.73 23.04
N LEU C 134 -3.67 14.93 24.03
CA LEU C 134 -2.89 13.73 24.44
C LEU C 134 -2.77 12.72 23.28
N LYS C 135 -3.83 12.50 22.53
CA LYS C 135 -3.79 11.61 21.35
C LYS C 135 -2.64 12.02 20.46
N TRP C 136 -2.62 13.30 20.06
CA TRP C 136 -1.60 13.83 19.09
C TRP C 136 -0.21 13.81 19.74
N ALA C 137 -0.08 14.27 20.97
CA ALA C 137 1.20 14.24 21.71
C ALA C 137 1.75 12.82 21.68
N ARG C 138 0.93 11.84 22.09
CA ARG C 138 1.37 10.43 22.23
C ARG C 138 1.66 9.77 20.89
N HIS C 139 1.00 10.18 19.82
CA HIS C 139 1.21 9.57 18.49
C HIS C 139 2.42 10.22 17.85
N GLY C 140 2.88 11.35 18.39
CA GLY C 140 4.18 11.95 18.03
C GLY C 140 4.14 12.70 16.71
N PRO C 141 5.28 13.26 16.31
CA PRO C 141 5.30 14.18 15.16
C PRO C 141 5.28 13.54 13.77
N ASP C 142 5.45 12.23 13.64
CA ASP C 142 5.53 11.56 12.32
C ASP C 142 4.16 10.96 11.94
N THR C 143 3.20 10.88 12.86
CA THR C 143 1.86 10.32 12.58
C THR C 143 1.07 11.36 11.80
N PRO C 144 0.64 11.00 10.56
CA PRO C 144 -0.29 11.81 9.80
C PRO C 144 -1.62 11.84 10.55
N ILE C 145 -2.18 13.03 10.76
CA ILE C 145 -3.50 13.28 11.40
C ILE C 145 -4.53 13.54 10.31
N PHE C 146 -5.61 12.76 10.31
CA PHE C 146 -6.78 12.98 9.44
C PHE C 146 -7.60 14.08 10.12
N VAL C 147 -7.41 15.34 9.70
CA VAL C 147 -7.84 16.51 10.50
C VAL C 147 -9.35 16.41 10.77
N THR C 148 -10.15 16.22 9.72
CA THR C 148 -11.64 16.21 9.83
C THR C 148 -12.10 15.05 10.74
N ASP C 149 -11.45 13.89 10.66
CA ASP C 149 -11.75 12.72 11.52
C ASP C 149 -11.55 13.09 13.00
N ASP C 150 -10.39 13.62 13.38
CA ASP C 150 -10.05 13.89 14.80
C ASP C 150 -10.93 15.02 15.30
N PHE C 151 -11.31 15.99 14.43
CA PHE C 151 -12.16 17.14 14.88
C PHE C 151 -13.61 16.67 14.98
N THR C 152 -14.06 15.73 14.14
CA THR C 152 -15.41 15.12 14.28
C THR C 152 -15.47 14.36 15.63
N ARG C 153 -14.44 13.59 15.97
CA ARG C 153 -14.37 12.90 17.26
C ARG C 153 -14.50 13.93 18.38
N LEU C 154 -13.69 14.99 18.32
CA LEU C 154 -13.70 16.07 19.36
C LEU C 154 -15.12 16.66 19.47
N THR C 155 -15.72 17.06 18.36
CA THR C 155 -16.98 17.84 18.40
C THR C 155 -18.14 16.91 18.80
N LEU C 156 -18.18 15.69 18.27
CA LEU C 156 -19.25 14.74 18.65
C LEU C 156 -19.13 14.44 20.15
N ASP C 157 -17.93 14.17 20.64
CA ASP C 157 -17.72 13.76 22.05
C ASP C 157 -18.04 14.94 22.97
N THR C 158 -17.65 16.15 22.57
CA THR C 158 -17.87 17.37 23.38
C THR C 158 -19.39 17.63 23.46
N LEU C 159 -20.07 17.58 22.32
CA LEU C 159 -21.53 17.85 22.24
C LEU C 159 -22.27 16.83 23.14
N ALA C 160 -21.98 15.54 22.96
CA ALA C 160 -22.69 14.44 23.67
C ALA C 160 -22.40 14.47 25.17
N LEU C 161 -21.16 14.75 25.57
CA LEU C 161 -20.82 14.81 27.01
C LEU C 161 -21.51 16.03 27.65
N CYS C 162 -21.37 17.22 27.07
CA CYS C 162 -21.79 18.49 27.69
C CYS C 162 -23.33 18.58 27.78
N THR C 163 -24.04 18.08 26.78
CA THR C 163 -25.50 18.29 26.65
C THR C 163 -26.29 17.05 27.06
N MET C 164 -25.74 15.84 26.94
CA MET C 164 -26.52 14.58 27.16
C MET C 164 -25.85 13.70 28.23
N ASN C 165 -24.73 14.15 28.76
CA ASN C 165 -23.91 13.40 29.73
C ASN C 165 -23.61 11.99 29.21
N PHE C 166 -23.26 11.88 27.94
CA PHE C 166 -23.02 10.63 27.21
C PHE C 166 -21.60 10.62 26.63
N ARG C 167 -20.89 9.51 26.76
CA ARG C 167 -19.51 9.38 26.23
C ARG C 167 -19.50 8.44 25.04
N PHE C 168 -19.22 8.93 23.84
CA PHE C 168 -18.93 8.07 22.67
C PHE C 168 -17.55 7.46 22.83
N ASN C 169 -16.68 8.08 23.63
CA ASN C 169 -15.27 7.65 23.82
C ASN C 169 -14.63 7.45 22.45
N SER C 170 -14.72 8.42 21.56
CA SER C 170 -14.29 8.30 20.15
C SER C 170 -12.79 8.08 20.05
N TYR C 171 -12.00 8.61 20.99
CA TYR C 171 -10.53 8.46 20.95
C TYR C 171 -10.08 7.09 21.48
N TYR C 172 -10.99 6.22 21.94
CA TYR C 172 -10.68 4.83 22.33
C TYR C 172 -10.96 3.85 21.19
N HIS C 173 -11.46 4.29 20.03
CA HIS C 173 -11.96 3.39 18.95
C HIS C 173 -11.34 3.80 17.61
N ASP C 174 -10.85 2.86 16.82
CA ASP C 174 -10.15 3.15 15.54
C ASP C 174 -11.14 3.84 14.59
N GLU C 175 -12.35 3.28 14.53
CA GLU C 175 -13.44 3.61 13.57
C GLU C 175 -14.32 4.64 14.26
N LEU C 176 -14.87 5.61 13.52
CA LEU C 176 -15.88 6.55 14.08
C LEU C 176 -17.09 5.71 14.46
N HIS C 177 -17.83 6.08 15.51
CA HIS C 177 -19.08 5.40 15.91
C HIS C 177 -19.96 5.30 14.67
N PRO C 178 -20.74 4.21 14.48
CA PRO C 178 -21.63 4.06 13.31
C PRO C 178 -22.54 5.27 13.03
N PHE C 179 -22.88 6.02 14.09
CA PHE C 179 -23.71 7.24 14.02
C PHE C 179 -23.15 8.17 12.93
N ILE C 180 -21.83 8.35 12.85
CA ILE C 180 -21.18 9.39 11.99
C ILE C 180 -21.37 9.05 10.52
N ASN C 181 -21.24 7.79 10.11
CA ASN C 181 -21.43 7.36 8.69
C ASN C 181 -22.90 7.37 8.33
N ALA C 182 -23.74 6.88 9.22
CA ALA C 182 -25.21 6.94 9.10
C ALA C 182 -25.61 8.38 8.81
N MET C 183 -25.07 9.31 9.60
CA MET C 183 -25.39 10.74 9.51
C MET C 183 -24.91 11.28 8.15
N GLY C 184 -23.67 10.99 7.77
CA GLY C 184 -23.06 11.50 6.52
C GLY C 184 -23.85 11.08 5.31
N ASN C 185 -24.29 9.82 5.30
CA ASN C 185 -25.07 9.26 4.16
C ASN C 185 -26.50 9.81 4.26
N PHE C 186 -27.10 9.88 5.45
CA PHE C 186 -28.45 10.45 5.70
C PHE C 186 -28.50 11.89 5.17
N LEU C 187 -27.45 12.69 5.39
CA LEU C 187 -27.45 14.12 4.98
C LEU C 187 -27.27 14.17 3.46
N THR C 188 -26.28 13.46 2.93
CA THR C 188 -25.95 13.48 1.47
C THR C 188 -27.17 13.01 0.68
N GLU C 189 -27.73 11.86 1.06
CA GLU C 189 -28.87 11.20 0.39
C GLU C 189 -30.12 12.07 0.54
N SER C 190 -30.26 12.82 1.63
CA SER C 190 -31.39 13.76 1.81
C SER C 190 -31.31 14.81 0.67
N GLY C 191 -30.13 15.38 0.43
CA GLY C 191 -29.87 16.31 -0.70
C GLY C 191 -30.15 15.63 -2.04
N ALA C 192 -29.64 14.41 -2.22
CA ALA C 192 -29.75 13.63 -3.48
C ALA C 192 -31.22 13.40 -3.84
N ARG C 193 -31.99 13.01 -2.84
CA ARG C 193 -33.44 12.76 -2.96
C ARG C 193 -34.15 14.03 -3.45
N ALA C 194 -33.76 15.21 -2.96
CA ALA C 194 -34.44 16.48 -3.30
C ALA C 194 -34.04 16.96 -4.72
N MET C 195 -32.82 16.62 -5.19
CA MET C 195 -32.26 17.01 -6.51
C MET C 195 -32.61 16.00 -7.61
N ARG C 196 -33.09 14.81 -7.26
CA ARG C 196 -33.34 13.68 -8.18
C ARG C 196 -34.62 13.93 -8.98
N PRO C 197 -34.54 14.12 -10.31
CA PRO C 197 -35.75 14.32 -11.12
C PRO C 197 -36.56 13.03 -11.16
N ALA C 198 -37.89 13.11 -11.15
CA ALA C 198 -38.78 11.93 -10.98
C ALA C 198 -38.28 11.21 -9.72
N ILE C 199 -38.95 10.23 -9.13
CA ILE C 199 -38.34 9.55 -7.93
C ILE C 199 -37.07 8.82 -8.39
N THR C 200 -37.12 8.11 -9.54
CA THR C 200 -36.04 7.25 -10.12
C THR C 200 -35.91 5.91 -9.36
N SER C 201 -36.52 5.79 -8.17
CA SER C 201 -36.29 4.75 -7.12
C SER C 201 -36.32 3.35 -7.73
N ILE C 202 -36.97 3.20 -8.89
CA ILE C 202 -36.62 2.22 -9.99
C ILE C 202 -35.13 1.80 -9.90
N PHE C 203 -34.25 2.79 -10.00
CA PHE C 203 -32.77 2.60 -10.07
C PHE C 203 -32.08 3.15 -8.83
N HIS C 204 -32.80 3.54 -7.77
CA HIS C 204 -32.21 3.96 -6.46
C HIS C 204 -32.96 3.27 -5.33
N GLN C 205 -33.40 2.02 -5.53
CA GLN C 205 -33.94 1.13 -4.48
C GLN C 205 -32.87 0.81 -3.43
N ALA C 206 -31.63 0.58 -3.87
CA ALA C 206 -30.45 0.27 -3.00
C ALA C 206 -30.19 1.46 -2.06
N ALA C 207 -30.14 2.68 -2.63
CA ALA C 207 -29.89 3.96 -1.91
C ALA C 207 -31.01 4.22 -0.89
N ASN C 208 -32.20 3.72 -1.20
CA ASN C 208 -33.45 3.97 -0.46
C ASN C 208 -33.51 3.09 0.79
N ARG C 209 -33.29 1.78 0.62
CA ARG C 209 -33.21 0.79 1.72
C ARG C 209 -32.17 1.27 2.73
N LYS C 210 -31.02 1.73 2.22
CA LYS C 210 -29.85 2.21 3.01
C LYS C 210 -30.19 3.51 3.74
N TYR C 211 -30.91 4.43 3.10
CA TYR C 211 -31.35 5.71 3.72
C TYR C 211 -32.11 5.41 5.02
N TRP C 212 -33.13 4.55 4.97
CA TRP C 212 -33.98 4.23 6.14
C TRP C 212 -33.21 3.40 7.16
N GLU C 213 -32.25 2.59 6.73
CA GLU C 213 -31.40 1.78 7.66
C GLU C 213 -30.48 2.73 8.44
N ASP C 214 -29.93 3.74 7.75
CA ASP C 214 -29.04 4.77 8.35
C ASP C 214 -29.88 5.63 9.30
N ILE C 215 -31.14 5.95 8.97
CA ILE C 215 -32.05 6.69 9.90
C ILE C 215 -32.29 5.87 11.15
N GLU C 216 -32.42 4.55 11.03
CA GLU C 216 -32.64 3.65 12.19
C GLU C 216 -31.43 3.75 13.13
N VAL C 217 -30.22 3.76 12.57
CA VAL C 217 -28.99 3.90 13.40
C VAL C 217 -29.10 5.20 14.22
N LEU C 218 -29.49 6.31 13.59
CA LEU C 218 -29.59 7.63 14.29
C LEU C 218 -30.59 7.47 15.45
N ARG C 219 -31.78 6.92 15.19
CA ARG C 219 -32.86 6.84 16.20
C ARG C 219 -32.40 5.93 17.33
N LYS C 220 -31.76 4.80 16.98
CA LYS C 220 -31.24 3.82 17.96
C LYS C 220 -30.22 4.51 18.86
N THR C 221 -29.23 5.21 18.30
CA THR C 221 -28.16 5.85 19.13
C THR C 221 -28.82 6.81 20.12
N ALA C 222 -29.79 7.62 19.68
CA ALA C 222 -30.45 8.64 20.53
C ALA C 222 -31.22 7.92 21.64
N GLN C 223 -31.91 6.83 21.29
CA GLN C 223 -32.61 5.95 22.27
C GLN C 223 -31.60 5.51 23.34
N GLY C 224 -30.36 5.22 22.93
CA GLY C 224 -29.25 4.80 23.81
C GLY C 224 -28.87 5.89 24.78
N VAL C 225 -28.78 7.14 24.32
CA VAL C 225 -28.44 8.32 25.15
C VAL C 225 -29.53 8.55 26.21
N LEU C 226 -30.79 8.41 25.81
CA LEU C 226 -31.97 8.64 26.67
C LEU C 226 -32.06 7.50 27.68
N ASP C 227 -31.77 6.29 27.24
CA ASP C 227 -31.74 5.06 28.10
C ASP C 227 -30.65 5.21 29.16
N THR C 228 -29.49 5.71 28.81
CA THR C 228 -28.39 5.98 29.77
C THR C 228 -28.88 6.95 30.85
N ARG C 229 -29.60 8.02 30.49
CA ARG C 229 -30.11 9.02 31.46
C ARG C 229 -31.16 8.40 32.39
N ARG C 230 -31.96 7.49 31.86
CA ARG C 230 -33.02 6.81 32.63
C ARG C 230 -32.34 5.84 33.61
N LYS C 231 -31.22 5.25 33.19
CA LYS C 231 -30.54 4.15 33.93
C LYS C 231 -29.63 4.78 34.99
N HIS C 232 -29.10 5.99 34.75
CA HIS C 232 -28.17 6.71 35.65
C HIS C 232 -28.70 8.11 35.91
N PRO C 233 -29.84 8.30 36.64
CA PRO C 233 -30.41 9.63 36.87
C PRO C 233 -29.35 10.56 37.50
N THR C 234 -29.38 11.86 37.21
CA THR C 234 -28.32 12.83 37.58
C THR C 234 -28.95 14.13 38.03
N ASN C 235 -28.24 14.84 38.89
CA ASN C 235 -28.65 16.14 39.48
C ASN C 235 -28.34 17.29 38.53
N ARG C 236 -27.52 17.08 37.50
CA ARG C 236 -27.06 18.21 36.67
C ARG C 236 -28.19 18.67 35.75
N LYS C 237 -28.11 19.94 35.41
CA LYS C 237 -28.96 20.61 34.40
C LYS C 237 -28.22 20.52 33.10
N ASP C 238 -28.85 20.07 32.03
CA ASP C 238 -28.23 20.09 30.68
C ASP C 238 -29.36 20.06 29.67
N LEU C 239 -29.01 20.03 28.39
CA LEU C 239 -29.98 20.05 27.30
C LEU C 239 -31.03 18.96 27.56
N LEU C 240 -30.59 17.77 27.96
CA LEU C 240 -31.48 16.58 28.07
C LEU C 240 -32.37 16.72 29.31
N SER C 241 -31.86 17.20 30.46
CA SER C 241 -32.71 17.49 31.64
C SER C 241 -33.76 18.55 31.27
N ALA C 242 -33.41 19.55 30.45
CA ALA C 242 -34.37 20.56 29.94
C ALA C 242 -35.46 19.90 29.10
N MET C 243 -35.07 18.99 28.19
CA MET C 243 -36.02 18.26 27.30
C MET C 243 -36.99 17.43 28.17
N LEU C 244 -36.48 16.73 29.20
CA LEU C 244 -37.26 15.76 30.01
C LEU C 244 -38.18 16.50 30.98
N ASP C 245 -37.70 17.59 31.60
CA ASP C 245 -38.34 18.26 32.76
C ASP C 245 -39.01 19.58 32.39
N GLY C 246 -38.39 20.34 31.49
CA GLY C 246 -38.88 21.64 30.98
C GLY C 246 -40.33 21.60 30.52
N VAL C 247 -41.12 22.59 30.96
CA VAL C 247 -42.50 22.87 30.45
C VAL C 247 -42.52 24.25 29.77
N ASP C 248 -43.20 24.35 28.65
CA ASP C 248 -43.35 25.61 27.86
C ASP C 248 -44.48 26.44 28.49
N ALA C 249 -44.15 27.61 29.07
CA ALA C 249 -45.14 28.55 29.66
C ALA C 249 -46.32 28.75 28.69
N LYS C 250 -46.04 28.98 27.41
CA LYS C 250 -47.01 29.45 26.39
C LYS C 250 -48.07 28.39 26.11
N THR C 251 -47.68 27.13 25.87
CA THR C 251 -48.59 26.02 25.46
C THR C 251 -48.97 25.13 26.65
N GLY C 252 -48.16 25.18 27.73
CA GLY C 252 -48.29 24.33 28.93
C GLY C 252 -47.79 22.90 28.71
N GLN C 253 -47.00 22.64 27.65
CA GLN C 253 -46.62 21.28 27.20
C GLN C 253 -45.13 21.00 27.45
N LYS C 254 -44.80 19.71 27.58
CA LYS C 254 -43.41 19.18 27.54
C LYS C 254 -43.22 18.44 26.21
N LEU C 255 -41.98 18.19 25.84
CA LEU C 255 -41.66 17.41 24.63
C LEU C 255 -42.05 15.94 24.85
N SER C 256 -42.78 15.39 23.87
CA SER C 256 -43.07 13.94 23.71
C SER C 256 -41.73 13.20 23.61
N ASP C 257 -41.70 11.90 23.90
CA ASP C 257 -40.44 11.11 23.80
C ASP C 257 -39.99 11.10 22.33
N SER C 258 -40.95 11.00 21.42
CA SER C 258 -40.74 11.07 19.95
C SER C 258 -39.93 12.33 19.60
N SER C 259 -40.31 13.49 20.16
CA SER C 259 -39.63 14.81 19.97
C SER C 259 -38.30 14.85 20.71
N ILE C 260 -38.17 14.20 21.87
CA ILE C 260 -36.88 14.17 22.62
C ILE C 260 -35.85 13.43 21.74
N ILE C 261 -36.27 12.33 21.10
CA ILE C 261 -35.39 11.56 20.18
C ILE C 261 -35.09 12.46 18.97
N ASP C 262 -36.11 13.06 18.36
CA ASP C 262 -35.93 14.00 17.22
C ASP C 262 -34.85 15.05 17.59
N ASN C 263 -34.94 15.66 18.78
CA ASN C 263 -34.07 16.82 19.11
C ASN C 263 -32.69 16.29 19.52
N LEU C 264 -32.61 15.13 20.16
CA LEU C 264 -31.29 14.52 20.48
C LEU C 264 -30.54 14.25 19.16
N ILE C 265 -31.19 13.66 18.15
CA ILE C 265 -30.50 13.43 16.86
C ILE C 265 -30.06 14.78 16.27
N THR C 266 -30.96 15.76 16.23
CA THR C 266 -30.76 17.13 15.71
C THR C 266 -29.50 17.74 16.35
N PHE C 267 -29.39 17.70 17.68
CA PHE C 267 -28.24 18.27 18.42
C PHE C 267 -26.98 17.45 18.14
N LEU C 268 -27.04 16.12 18.11
CA LEU C 268 -25.87 15.27 17.78
C LEU C 268 -25.30 15.67 16.41
N ILE C 269 -26.15 15.97 15.42
CA ILE C 269 -25.73 16.34 14.04
C ILE C 269 -25.31 17.82 14.00
N ALA C 270 -26.28 18.72 14.13
CA ALA C 270 -26.07 20.19 14.08
C ALA C 270 -25.00 20.61 15.08
N GLY C 271 -24.89 19.91 16.23
CA GLY C 271 -24.04 20.29 17.37
C GLY C 271 -22.60 19.82 17.24
N HIS C 272 -22.22 19.20 16.11
CA HIS C 272 -20.83 18.76 15.93
C HIS C 272 -20.39 18.92 14.47
N GLU C 273 -21.21 18.51 13.50
CA GLU C 273 -20.79 18.46 12.07
C GLU C 273 -20.14 19.79 11.62
N THR C 274 -20.80 20.93 11.87
CA THR C 274 -20.37 22.26 11.35
C THR C 274 -19.16 22.77 12.14
N THR C 275 -19.06 22.46 13.44
CA THR C 275 -17.89 22.87 14.27
C THR C 275 -16.66 22.06 13.84
N SER C 276 -16.81 20.81 13.44
CA SER C 276 -15.67 20.00 12.93
C SER C 276 -15.19 20.65 11.62
N GLY C 277 -16.13 21.04 10.75
CA GLY C 277 -15.80 21.80 9.53
C GLY C 277 -15.01 23.09 9.88
N LEU C 278 -15.48 23.87 10.84
CA LEU C 278 -14.89 25.19 11.19
C LEU C 278 -13.43 24.96 11.54
N LEU C 279 -13.18 24.10 12.53
CA LEU C 279 -11.82 23.83 13.05
C LEU C 279 -10.98 23.24 11.91
N SER C 280 -11.50 22.37 11.08
CA SER C 280 -10.70 21.72 10.00
C SER C 280 -10.25 22.76 8.97
N PHE C 281 -11.16 23.67 8.56
CA PHE C 281 -10.84 24.77 7.60
C PHE C 281 -9.86 25.73 8.27
N ALA C 282 -10.16 26.14 9.50
CA ALA C 282 -9.36 27.12 10.26
C ALA C 282 -7.91 26.66 10.32
N PHE C 283 -7.66 25.40 10.68
CA PHE C 283 -6.27 24.88 10.82
C PHE C 283 -5.62 24.83 9.44
N TYR C 284 -6.33 24.49 8.37
CA TYR C 284 -5.70 24.55 7.02
C TYR C 284 -5.23 25.99 6.74
N LEU C 285 -6.11 26.97 7.01
CA LEU C 285 -5.88 28.39 6.67
C LEU C 285 -4.73 28.95 7.51
N LEU C 286 -4.69 28.69 8.83
CA LEU C 286 -3.53 29.15 9.65
C LEU C 286 -2.24 28.54 9.08
N ILE C 287 -2.21 27.25 8.77
CA ILE C 287 -0.95 26.60 8.31
C ILE C 287 -0.53 27.28 7.00
N LYS C 288 -1.47 27.58 6.12
CA LYS C 288 -1.16 28.10 4.76
C LYS C 288 -0.76 29.59 4.84
N HIS C 289 -1.33 30.32 5.78
CA HIS C 289 -1.11 31.78 5.98
C HIS C 289 -0.23 31.99 7.23
N GLN C 290 1.08 31.77 7.09
CA GLN C 290 2.08 31.80 8.19
C GLN C 290 2.01 33.13 8.98
N ASP C 291 1.67 34.24 8.34
CA ASP C 291 1.57 35.55 9.06
C ASP C 291 0.52 35.40 10.18
N ALA C 292 -0.64 34.84 9.83
CA ALA C 292 -1.82 34.63 10.71
C ALA C 292 -1.50 33.56 11.74
N TYR C 293 -0.80 32.49 11.33
CA TYR C 293 -0.33 31.41 12.24
C TYR C 293 0.47 32.05 13.38
N ARG C 294 1.44 32.90 13.02
CA ARG C 294 2.35 33.55 14.02
C ARG C 294 1.53 34.45 14.94
N LYS C 295 0.58 35.20 14.42
CA LYS C 295 -0.21 36.15 15.26
C LYS C 295 -1.04 35.34 16.25
N ALA C 296 -1.69 34.26 15.80
CA ALA C 296 -2.55 33.40 16.67
C ALA C 296 -1.68 32.76 17.76
N GLN C 297 -0.50 32.26 17.39
CA GLN C 297 0.46 31.64 18.35
C GLN C 297 0.90 32.71 19.36
N GLU C 298 1.33 33.88 18.85
CA GLU C 298 1.81 35.00 19.68
C GLU C 298 0.71 35.40 20.67
N GLU C 299 -0.55 35.43 20.24
CA GLU C 299 -1.71 35.74 21.13
C GLU C 299 -1.80 34.68 22.24
N VAL C 300 -1.76 33.39 21.90
CA VAL C 300 -1.90 32.35 22.96
C VAL C 300 -0.76 32.47 23.95
N ASP C 301 0.47 32.66 23.46
CA ASP C 301 1.69 32.83 24.31
C ASP C 301 1.52 34.05 25.23
N ARG C 302 1.08 35.21 24.72
CA ARG C 302 0.94 36.41 25.57
C ARG C 302 -0.16 36.18 26.60
N VAL C 303 -1.33 35.65 26.21
CA VAL C 303 -2.56 35.69 27.04
C VAL C 303 -2.53 34.53 28.06
N ILE C 304 -2.15 33.35 27.60
CA ILE C 304 -2.26 32.09 28.36
C ILE C 304 -0.87 31.59 28.75
N GLY C 305 0.13 31.82 27.90
CA GLY C 305 1.51 31.34 28.09
C GLY C 305 1.61 29.83 28.23
N LYS C 306 2.14 29.35 29.34
CA LYS C 306 2.35 27.92 29.62
C LYS C 306 1.35 27.50 30.73
N GLY C 307 0.44 28.36 31.11
CA GLY C 307 -0.49 28.10 32.24
C GLY C 307 -1.79 27.51 31.74
N PRO C 308 -2.74 27.17 32.64
CA PRO C 308 -3.98 26.52 32.24
C PRO C 308 -4.88 27.51 31.50
N ILE C 309 -5.67 26.98 30.58
CA ILE C 309 -6.75 27.71 29.86
C ILE C 309 -8.01 27.60 30.71
N LYS C 310 -8.47 28.73 31.24
CA LYS C 310 -9.72 28.85 32.04
C LYS C 310 -10.76 29.55 31.18
N VAL C 311 -12.00 29.54 31.64
CA VAL C 311 -13.16 30.10 30.86
C VAL C 311 -12.93 31.60 30.60
N GLU C 312 -12.30 32.34 31.52
CA GLU C 312 -12.00 33.80 31.39
C GLU C 312 -11.32 34.08 30.04
N HIS C 313 -10.46 33.16 29.60
CA HIS C 313 -9.58 33.38 28.43
C HIS C 313 -10.39 33.39 27.14
N ILE C 314 -11.59 32.81 27.13
CA ILE C 314 -12.37 32.67 25.85
C ILE C 314 -12.65 34.07 25.30
N LYS C 315 -13.00 35.03 26.16
CA LYS C 315 -13.30 36.42 25.78
C LYS C 315 -12.04 37.23 25.56
N LYS C 316 -10.84 36.69 25.81
CA LYS C 316 -9.57 37.48 25.87
C LYS C 316 -8.60 37.00 24.80
N LEU C 317 -9.13 36.40 23.73
CA LEU C 317 -8.35 35.90 22.56
C LEU C 317 -8.97 36.47 21.29
N PRO C 318 -8.85 37.80 21.06
CA PRO C 318 -9.56 38.43 19.94
C PRO C 318 -9.07 37.95 18.57
N TYR C 319 -7.77 37.65 18.42
CA TYR C 319 -7.18 37.22 17.11
C TYR C 319 -7.74 35.86 16.73
N ILE C 320 -7.82 34.93 17.69
CA ILE C 320 -8.40 33.58 17.46
C ILE C 320 -9.88 33.73 17.07
N ALA C 321 -10.65 34.55 17.77
CA ALA C 321 -12.04 34.91 17.38
C ALA C 321 -12.05 35.40 15.91
N ALA C 322 -11.11 36.23 15.51
CA ALA C 322 -11.06 36.83 14.16
C ALA C 322 -10.78 35.72 13.14
N VAL C 323 -9.89 34.79 13.49
CA VAL C 323 -9.49 33.66 12.61
C VAL C 323 -10.74 32.79 12.35
N LEU C 324 -11.57 32.59 13.36
CA LEU C 324 -12.78 31.76 13.24
C LEU C 324 -13.79 32.50 12.38
N ARG C 325 -14.06 33.77 12.71
CA ARG C 325 -14.92 34.66 11.89
C ARG C 325 -14.46 34.66 10.42
N GLU C 326 -13.17 34.80 10.18
CA GLU C 326 -12.67 34.89 8.78
C GLU C 326 -12.84 33.53 8.11
N THR C 327 -12.58 32.44 8.86
CA THR C 327 -12.74 31.07 8.34
C THR C 327 -14.20 30.87 7.92
N LEU C 328 -15.16 31.29 8.76
CA LEU C 328 -16.61 31.12 8.48
C LEU C 328 -17.04 32.05 7.34
N ARG C 329 -16.35 33.17 7.13
CA ARG C 329 -16.61 34.06 5.97
C ARG C 329 -16.31 33.28 4.68
N LEU C 330 -15.09 32.79 4.50
CA LEU C 330 -14.68 32.05 3.28
C LEU C 330 -15.27 30.64 3.22
N CYS C 331 -15.40 29.98 4.37
CA CYS C 331 -15.81 28.56 4.45
C CYS C 331 -17.00 28.42 5.38
N PRO C 332 -18.19 28.94 4.99
CA PRO C 332 -19.41 28.78 5.79
C PRO C 332 -19.82 27.31 5.67
N THR C 333 -19.77 26.57 6.77
CA THR C 333 -19.79 25.09 6.76
C THR C 333 -21.22 24.65 6.51
N ILE C 334 -22.21 25.54 6.75
CA ILE C 334 -23.50 25.52 6.01
C ILE C 334 -23.45 26.65 4.97
N PRO C 335 -23.24 26.32 3.68
CA PRO C 335 -23.00 27.31 2.63
C PRO C 335 -24.25 27.91 1.99
N ILE C 336 -25.42 27.32 2.24
CA ILE C 336 -26.71 27.80 1.69
C ILE C 336 -27.72 27.72 2.84
N ILE C 337 -28.44 28.80 3.09
CA ILE C 337 -29.70 28.79 3.88
C ILE C 337 -30.81 29.23 2.93
N ASN C 338 -32.02 28.76 3.19
CA ASN C 338 -33.20 29.04 2.37
C ASN C 338 -34.10 30.07 3.04
N ARG C 339 -34.66 30.98 2.24
CA ARG C 339 -35.75 31.87 2.68
C ARG C 339 -36.88 31.74 1.68
N ALA C 340 -38.09 32.10 2.05
CA ALA C 340 -39.26 32.13 1.15
C ALA C 340 -40.12 33.33 1.52
N ALA C 341 -40.64 34.03 0.51
CA ALA C 341 -41.47 35.23 0.72
C ALA C 341 -42.83 34.79 1.28
N LYS C 342 -43.31 35.43 2.35
CA LYS C 342 -44.63 35.13 2.96
C LYS C 342 -45.76 35.62 2.06
N GLN C 343 -45.50 36.63 1.21
CA GLN C 343 -46.44 37.16 0.18
C GLN C 343 -45.67 37.35 -1.13
N ASP C 344 -46.36 37.37 -2.28
CA ASP C 344 -45.76 37.80 -3.57
C ASP C 344 -44.98 39.08 -3.27
N GLU C 345 -43.77 39.21 -3.81
CA GLU C 345 -42.77 40.23 -3.36
C GLU C 345 -41.86 40.65 -4.53
N VAL C 346 -41.09 41.70 -4.26
CA VAL C 346 -40.09 42.28 -5.18
C VAL C 346 -38.85 42.55 -4.34
N ILE C 347 -37.67 42.18 -4.83
CA ILE C 347 -36.40 42.36 -4.08
C ILE C 347 -35.44 43.15 -4.98
N GLY C 348 -34.51 43.89 -4.34
CA GLY C 348 -33.61 44.84 -5.02
C GLY C 348 -34.41 45.81 -5.89
N GLY C 349 -35.65 46.07 -5.50
CA GLY C 349 -36.70 46.70 -6.32
C GLY C 349 -36.56 46.43 -7.81
N LYS C 350 -36.33 45.19 -8.27
CA LYS C 350 -36.42 44.80 -9.72
C LYS C 350 -36.92 43.35 -9.92
N TYR C 351 -36.93 42.49 -8.88
CA TYR C 351 -36.99 41.02 -9.06
C TYR C 351 -38.29 40.43 -8.46
N ALA C 352 -39.12 39.88 -9.33
CA ALA C 352 -40.37 39.16 -9.01
C ALA C 352 -40.05 37.90 -8.22
N VAL C 353 -40.67 37.72 -7.05
CA VAL C 353 -40.46 36.58 -6.11
C VAL C 353 -41.83 36.13 -5.59
N ALA C 354 -42.32 34.93 -5.94
CA ALA C 354 -43.66 34.39 -5.58
C ALA C 354 -43.70 34.00 -4.09
N LYS C 355 -44.90 34.09 -3.49
CA LYS C 355 -45.18 33.55 -2.13
C LYS C 355 -44.69 32.10 -2.10
N ASP C 356 -44.05 31.72 -0.99
CA ASP C 356 -43.52 30.35 -0.75
C ASP C 356 -42.44 29.97 -1.78
N GLN C 357 -42.01 30.85 -2.68
CA GLN C 357 -40.94 30.49 -3.64
C GLN C 357 -39.60 30.32 -2.91
N ARG C 358 -38.90 29.20 -3.15
CA ARG C 358 -37.63 28.87 -2.48
C ARG C 358 -36.53 29.82 -2.97
N LEU C 359 -35.96 30.58 -2.05
CA LEU C 359 -34.77 31.46 -2.29
C LEU C 359 -33.58 30.84 -1.57
N ALA C 360 -32.57 30.45 -2.33
CA ALA C 360 -31.28 29.94 -1.80
C ALA C 360 -30.33 31.13 -1.57
N LEU C 361 -30.04 31.48 -0.31
CA LEU C 361 -28.98 32.46 0.02
C LEU C 361 -27.63 31.73 -0.03
N LEU C 362 -26.90 31.90 -1.14
CA LEU C 362 -25.57 31.28 -1.39
C LEU C 362 -24.53 32.07 -0.60
N LEU C 363 -24.47 31.85 0.71
CA LEU C 363 -23.51 32.49 1.64
C LEU C 363 -22.06 32.28 1.18
N ALA C 364 -21.76 31.13 0.57
CA ALA C 364 -20.40 30.86 0.08
C ALA C 364 -20.02 31.93 -0.95
N GLN C 365 -21.01 32.57 -1.60
CA GLN C 365 -20.76 33.70 -2.53
C GLN C 365 -21.01 35.08 -1.87
N SER C 366 -22.12 35.32 -1.14
CA SER C 366 -22.47 36.58 -0.42
C SER C 366 -21.29 37.10 0.43
N HIS C 367 -20.49 36.14 0.94
CA HIS C 367 -19.36 36.36 1.86
C HIS C 367 -18.13 36.84 1.08
N LEU C 368 -18.16 36.75 -0.26
CA LEU C 368 -17.05 37.25 -1.15
C LEU C 368 -17.46 38.55 -1.87
N ASP C 369 -18.64 39.10 -1.57
CA ASP C 369 -19.15 40.33 -2.20
C ASP C 369 -18.06 41.41 -2.23
N PRO C 370 -17.53 41.74 -3.43
CA PRO C 370 -16.54 42.81 -3.58
C PRO C 370 -17.02 44.13 -2.97
N ALA C 371 -18.33 44.42 -3.09
CA ALA C 371 -18.98 45.67 -2.64
C ALA C 371 -18.78 45.83 -1.12
N VAL C 372 -18.67 44.73 -0.39
CA VAL C 372 -18.48 44.77 1.09
C VAL C 372 -16.99 44.66 1.40
N TYR C 373 -16.32 43.65 0.86
CA TYR C 373 -15.04 43.13 1.44
C TYR C 373 -13.86 43.64 0.61
N GLY C 374 -14.11 44.24 -0.55
CA GLY C 374 -13.08 44.86 -1.41
C GLY C 374 -12.39 43.84 -2.29
N GLU C 375 -11.30 44.21 -2.96
CA GLU C 375 -10.61 43.29 -3.88
C GLU C 375 -9.77 42.26 -3.12
N THR C 376 -9.73 42.28 -1.78
CA THR C 376 -9.07 41.19 -0.98
C THR C 376 -10.12 40.16 -0.53
N ALA C 377 -11.35 40.24 -1.04
CA ALA C 377 -12.49 39.42 -0.59
C ALA C 377 -12.11 37.93 -0.53
N LYS C 378 -11.36 37.44 -1.52
CA LYS C 378 -11.08 36.00 -1.69
C LYS C 378 -9.89 35.61 -0.84
N GLN C 379 -9.22 36.55 -0.16
CA GLN C 379 -7.99 36.25 0.64
C GLN C 379 -8.35 35.99 2.10
N PHE C 380 -7.46 35.29 2.80
CA PHE C 380 -7.60 34.92 4.23
C PHE C 380 -6.84 35.98 5.02
N ILE C 381 -7.59 36.87 5.65
CA ILE C 381 -7.02 38.02 6.43
C ILE C 381 -7.80 38.15 7.73
N PRO C 382 -7.38 37.46 8.81
CA PRO C 382 -8.11 37.53 10.07
C PRO C 382 -8.30 38.96 10.58
N GLU C 383 -7.32 39.82 10.34
CA GLU C 383 -7.33 41.25 10.77
C GLU C 383 -8.69 41.86 10.38
N ARG C 384 -9.19 41.51 9.19
CA ARG C 384 -10.48 41.97 8.58
C ARG C 384 -11.64 41.84 9.58
N MET C 385 -11.63 40.78 10.40
CA MET C 385 -12.80 40.40 11.23
C MET C 385 -12.49 40.57 12.72
N LEU C 386 -11.47 41.36 13.09
CA LEU C 386 -11.30 41.85 14.49
C LEU C 386 -12.48 42.76 14.87
N ASP C 387 -12.81 42.83 16.16
CA ASP C 387 -14.08 43.44 16.69
C ASP C 387 -14.35 44.79 16.01
N GLU C 388 -13.43 45.73 16.15
CA GLU C 388 -13.63 47.12 15.64
C GLU C 388 -14.11 47.04 14.18
N ASN C 389 -13.32 46.43 13.29
CA ASN C 389 -13.62 46.48 11.83
C ASN C 389 -14.88 45.65 11.53
N PHE C 390 -15.03 44.48 12.17
CA PHE C 390 -16.19 43.57 12.05
C PHE C 390 -17.50 44.31 12.35
N GLU C 391 -17.57 45.01 13.48
CA GLU C 391 -18.77 45.77 13.92
C GLU C 391 -19.09 46.85 12.90
N ARG C 392 -18.05 47.45 12.32
CA ARG C 392 -18.14 48.49 11.26
C ARG C 392 -18.72 47.89 9.98
N LEU C 393 -18.27 46.72 9.55
CA LEU C 393 -18.77 46.08 8.31
C LEU C 393 -20.26 45.68 8.50
N ASN C 394 -20.69 45.30 9.71
CA ASN C 394 -22.09 44.87 10.00
C ASN C 394 -23.01 46.08 10.06
N ARG C 395 -22.49 47.23 10.52
CA ARG C 395 -23.24 48.51 10.51
C ARG C 395 -23.39 48.98 9.06
N GLU C 396 -22.31 48.98 8.28
CA GLU C 396 -22.27 49.55 6.91
C GLU C 396 -22.87 48.58 5.89
N TYR C 397 -22.82 47.27 6.14
CA TYR C 397 -23.34 46.24 5.19
C TYR C 397 -24.04 45.13 5.96
N PRO C 398 -25.21 45.39 6.60
CA PRO C 398 -25.83 44.39 7.49
C PRO C 398 -26.08 43.07 6.75
N ASP C 399 -25.84 41.93 7.42
CA ASP C 399 -25.98 40.55 6.86
C ASP C 399 -24.94 40.28 5.74
N CYS C 400 -23.76 40.91 5.84
CA CYS C 400 -22.58 40.61 4.98
C CYS C 400 -21.97 39.27 5.39
N TRP C 401 -22.27 38.79 6.61
CA TRP C 401 -21.65 37.63 7.34
C TRP C 401 -22.73 36.84 8.13
N LYS C 402 -23.17 35.68 7.60
CA LYS C 402 -24.33 34.97 8.19
C LYS C 402 -24.07 33.46 8.34
N PRO C 403 -22.89 33.01 8.81
CA PRO C 403 -22.57 31.58 8.81
C PRO C 403 -23.41 30.77 9.82
N PHE C 404 -24.01 31.49 10.79
CA PHE C 404 -24.91 31.02 11.89
C PHE C 404 -26.38 31.36 11.59
N GLY C 405 -26.76 31.56 10.33
CA GLY C 405 -28.16 31.74 9.92
C GLY C 405 -28.75 33.08 10.37
N THR C 406 -30.08 33.25 10.33
CA THR C 406 -30.75 34.57 10.47
C THR C 406 -32.09 34.45 11.19
N GLY C 407 -32.40 35.43 12.07
CA GLY C 407 -33.77 35.66 12.55
C GLY C 407 -34.10 34.69 13.66
N MET C 408 -35.39 34.42 13.93
CA MET C 408 -35.75 33.52 15.05
C MET C 408 -35.24 32.10 14.71
N ARG C 409 -34.86 31.84 13.45
CA ARG C 409 -34.40 30.51 12.96
C ARG C 409 -32.87 30.48 12.81
N ALA C 410 -32.17 31.41 13.45
CA ALA C 410 -30.69 31.40 13.53
C ALA C 410 -30.25 30.29 14.50
N CYS C 411 -28.96 29.97 14.45
CA CYS C 411 -28.31 28.88 15.21
C CYS C 411 -28.46 29.12 16.72
N ILE C 412 -29.17 28.24 17.42
CA ILE C 412 -29.30 28.21 18.91
C ILE C 412 -27.98 27.84 19.57
N GLY C 413 -27.09 27.15 18.83
CA GLY C 413 -25.87 26.52 19.35
C GLY C 413 -24.63 27.38 19.24
N ARG C 414 -24.74 28.51 18.56
CA ARG C 414 -23.62 29.43 18.24
C ARG C 414 -22.73 29.61 19.46
N PRO C 415 -23.20 30.03 20.65
CA PRO C 415 -22.29 30.28 21.77
C PRO C 415 -21.58 29.00 22.25
N PHE C 416 -22.20 27.81 22.09
CA PHE C 416 -21.56 26.51 22.40
C PHE C 416 -20.39 26.32 21.44
N ALA C 417 -20.67 26.37 20.15
CA ALA C 417 -19.66 26.23 19.07
C ALA C 417 -18.51 27.19 19.31
N TRP C 418 -18.82 28.42 19.74
CA TRP C 418 -17.81 29.51 19.82
C TRP C 418 -16.85 29.18 20.94
N GLN C 419 -17.37 28.96 22.15
CA GLN C 419 -16.55 28.56 23.32
C GLN C 419 -15.73 27.32 22.94
N GLU C 420 -16.32 26.35 22.26
CA GLU C 420 -15.58 25.10 21.92
C GLU C 420 -14.44 25.44 20.97
N ALA C 421 -14.71 26.14 19.87
CA ALA C 421 -13.70 26.39 18.80
C ALA C 421 -12.56 27.25 19.37
N VAL C 422 -12.87 28.26 20.17
CA VAL C 422 -11.84 29.15 20.76
C VAL C 422 -10.96 28.32 21.70
N LEU C 423 -11.55 27.57 22.62
CA LEU C 423 -10.83 26.72 23.60
C LEU C 423 -9.89 25.74 22.88
N VAL C 424 -10.41 25.02 21.89
CA VAL C 424 -9.64 23.98 21.17
C VAL C 424 -8.46 24.65 20.47
N MET C 425 -8.70 25.75 19.76
CA MET C 425 -7.65 26.41 18.94
C MET C 425 -6.56 26.95 19.90
N ALA C 426 -6.95 27.52 21.04
CA ALA C 426 -6.01 28.01 22.07
C ALA C 426 -5.15 26.86 22.55
N MET C 427 -5.80 25.79 22.99
CA MET C 427 -5.11 24.61 23.57
C MET C 427 -4.14 24.02 22.54
N LEU C 428 -4.56 23.85 21.29
CA LEU C 428 -3.70 23.18 20.29
C LEU C 428 -2.51 24.09 19.97
N LEU C 429 -2.72 25.41 19.86
CA LEU C 429 -1.62 26.32 19.43
C LEU C 429 -0.61 26.47 20.56
N GLN C 430 -1.09 26.42 21.80
CA GLN C 430 -0.28 26.44 23.04
C GLN C 430 0.73 25.29 23.01
N ASN C 431 0.32 24.05 22.67
CA ASN C 431 1.13 22.82 22.89
C ASN C 431 1.84 22.33 21.63
N PHE C 432 1.40 22.75 20.44
CA PHE C 432 1.87 22.16 19.17
C PHE C 432 2.13 23.25 18.12
N ASP C 433 3.03 22.87 17.21
CA ASP C 433 3.15 23.46 15.87
C ASP C 433 2.51 22.46 14.90
N PHE C 434 1.99 22.95 13.77
CA PHE C 434 1.27 22.15 12.77
C PHE C 434 1.84 22.43 11.39
N VAL C 435 2.01 21.38 10.61
CA VAL C 435 2.50 21.48 9.22
C VAL C 435 1.63 20.58 8.37
N LEU C 436 1.40 20.97 7.11
CA LEU C 436 0.71 20.12 6.12
C LEU C 436 1.47 18.79 6.08
N HIS C 437 0.79 17.64 5.99
CA HIS C 437 1.49 16.36 5.79
C HIS C 437 2.06 16.32 4.36
N ASP C 438 1.31 16.80 3.39
CA ASP C 438 1.76 17.11 2.01
C ASP C 438 2.06 18.61 1.89
N PRO C 439 3.31 19.04 1.75
CA PRO C 439 3.64 20.47 1.70
C PRO C 439 2.88 21.20 0.59
N TYR C 440 2.54 20.46 -0.46
CA TYR C 440 1.85 20.93 -1.69
C TYR C 440 0.33 20.79 -1.57
N TYR C 441 -0.23 20.44 -0.42
CA TYR C 441 -1.69 20.23 -0.30
C TYR C 441 -2.39 21.53 -0.71
N GLU C 442 -3.37 21.40 -1.62
CA GLU C 442 -4.26 22.52 -2.00
C GLU C 442 -5.68 22.16 -1.52
N LEU C 443 -6.34 23.11 -0.88
CA LEU C 443 -7.66 22.89 -0.27
C LEU C 443 -8.63 22.47 -1.38
N HIS C 444 -9.30 21.34 -1.21
CA HIS C 444 -10.53 20.99 -1.97
C HIS C 444 -11.55 20.50 -0.95
N TYR C 445 -12.80 20.40 -1.37
CA TYR C 445 -13.97 20.29 -0.47
C TYR C 445 -14.54 18.87 -0.56
N LYS C 446 -15.05 18.37 0.59
CA LYS C 446 -16.01 17.24 0.71
C LYS C 446 -17.35 17.84 1.12
N GLN C 447 -18.44 17.48 0.47
CA GLN C 447 -19.79 18.03 0.82
C GLN C 447 -20.73 16.89 1.26
N THR C 448 -21.29 16.98 2.46
CA THR C 448 -22.43 16.19 2.99
C THR C 448 -23.52 17.19 3.40
N LEU C 449 -24.08 17.91 2.41
CA LEU C 449 -24.86 19.16 2.62
C LEU C 449 -23.88 20.21 3.18
N THR C 450 -23.36 19.95 4.39
CA THR C 450 -22.27 20.72 5.05
C THR C 450 -20.96 20.51 4.30
N THR C 451 -19.95 21.37 4.53
CA THR C 451 -18.63 21.34 3.84
C THR C 451 -17.49 21.19 4.86
N LYS C 452 -16.46 20.46 4.43
CA LYS C 452 -15.20 20.17 5.14
C LYS C 452 -14.10 20.11 4.09
N PRO C 453 -12.84 20.38 4.47
CA PRO C 453 -11.70 20.01 3.62
C PRO C 453 -11.73 18.49 3.29
N LYS C 454 -11.25 18.11 2.11
CA LYS C 454 -11.14 16.71 1.65
C LYS C 454 -9.66 16.32 1.62
N ASP C 455 -9.31 15.20 2.25
CA ASP C 455 -7.95 14.61 2.16
C ASP C 455 -6.94 15.57 2.81
N PHE C 456 -7.37 16.32 3.83
CA PHE C 456 -6.51 17.24 4.61
C PHE C 456 -5.89 16.46 5.77
N TYR C 457 -4.58 16.20 5.66
CA TYR C 457 -3.74 15.59 6.71
C TYR C 457 -2.69 16.61 7.16
N MET C 458 -2.43 16.62 8.47
CA MET C 458 -1.38 17.49 9.04
C MET C 458 -0.56 16.67 10.04
N ARG C 459 0.51 17.24 10.56
CA ARG C 459 1.31 16.64 11.65
C ARG C 459 1.44 17.66 12.77
N ALA C 460 1.46 17.18 14.00
CA ALA C 460 1.61 17.98 15.22
C ALA C 460 2.96 17.68 15.88
N ILE C 461 3.76 18.71 16.07
CA ILE C 461 5.06 18.67 16.77
C ILE C 461 4.89 19.43 18.08
N LEU C 462 5.05 18.79 19.21
CA LEU C 462 5.06 19.45 20.55
C LEU C 462 6.06 20.59 20.58
N ARG C 463 5.74 21.67 21.29
CA ARG C 463 6.57 22.90 21.38
C ARG C 463 7.58 22.81 22.53
N ASP C 464 8.61 23.69 22.46
CA ASP C 464 9.75 23.94 23.39
C ASP C 464 10.46 22.62 23.69
N GLU D 7 20.50 -49.34 44.40
CA GLU D 7 21.43 -48.20 44.46
C GLU D 7 20.82 -46.94 43.82
N THR D 8 20.74 -46.80 42.49
CA THR D 8 19.75 -45.87 41.86
C THR D 8 18.47 -46.67 41.49
N VAL D 9 17.30 -46.08 41.82
CA VAL D 9 15.91 -46.58 41.61
C VAL D 9 15.40 -46.17 40.22
N PRO D 10 14.76 -47.10 39.45
CA PRO D 10 14.22 -46.73 38.13
C PRO D 10 13.03 -45.77 38.24
N ILE D 11 13.04 -44.77 37.37
CA ILE D 11 12.06 -43.65 37.31
C ILE D 11 10.78 -44.13 36.60
N PRO D 12 9.58 -44.02 37.21
CA PRO D 12 8.35 -44.42 36.51
C PRO D 12 7.93 -43.41 35.40
N GLY D 13 6.83 -43.71 34.69
CA GLY D 13 6.32 -42.88 33.58
C GLY D 13 5.26 -43.59 32.76
N PRO D 14 4.39 -42.87 32.02
CA PRO D 14 3.35 -43.50 31.20
C PRO D 14 4.02 -44.29 30.08
N PRO D 15 3.55 -45.51 29.75
CA PRO D 15 4.21 -46.29 28.71
C PRO D 15 3.97 -45.57 27.37
N GLY D 16 5.02 -45.52 26.53
CA GLY D 16 5.02 -44.84 25.21
C GLY D 16 4.42 -45.67 24.11
N LEU D 17 4.40 -45.17 22.88
CA LEU D 17 4.00 -45.93 21.67
C LEU D 17 5.16 -45.91 20.69
N PRO D 18 5.20 -46.88 19.75
CA PRO D 18 6.17 -46.87 18.67
C PRO D 18 6.06 -45.53 17.93
N LEU D 19 7.21 -44.97 17.54
CA LEU D 19 7.32 -43.79 16.63
C LEU D 19 7.03 -42.50 17.40
N VAL D 20 6.12 -42.48 18.38
CA VAL D 20 5.56 -41.21 18.92
C VAL D 20 5.81 -41.10 20.43
N GLY D 21 6.22 -42.17 21.11
CA GLY D 21 6.46 -42.12 22.56
C GLY D 21 5.21 -41.69 23.29
N ASN D 22 5.27 -40.68 24.14
CA ASN D 22 4.08 -40.22 24.89
C ASN D 22 3.56 -38.92 24.28
N ALA D 23 4.04 -38.54 23.09
CA ALA D 23 3.76 -37.22 22.48
C ALA D 23 2.25 -37.07 22.30
N LEU D 24 1.53 -38.07 21.81
CA LEU D 24 0.08 -37.98 21.49
C LEU D 24 -0.82 -37.81 22.72
N ALA D 25 -0.31 -38.07 23.93
CA ALA D 25 -1.06 -37.84 25.20
C ALA D 25 -1.25 -36.33 25.47
N PHE D 26 -0.47 -35.45 24.88
CA PHE D 26 -0.50 -34.01 25.22
C PHE D 26 -1.66 -33.33 24.49
N ASP D 27 -2.52 -32.68 25.29
CA ASP D 27 -3.57 -31.78 24.80
C ASP D 27 -2.85 -30.65 24.05
N SER D 28 -3.07 -30.48 22.76
CA SER D 28 -2.34 -29.47 21.96
C SER D 28 -2.58 -28.06 22.54
N GLU D 29 -3.77 -27.81 23.12
CA GLU D 29 -4.22 -26.46 23.59
C GLU D 29 -3.85 -26.21 25.05
N LEU D 30 -3.75 -27.24 25.89
CA LEU D 30 -3.37 -27.05 27.31
C LEU D 30 -2.43 -28.15 27.74
N PRO D 31 -1.22 -28.25 27.16
CA PRO D 31 -0.25 -29.29 27.54
C PRO D 31 0.08 -29.28 29.04
N LEU D 32 -0.06 -28.13 29.73
CA LEU D 32 0.21 -28.06 31.18
C LEU D 32 -0.61 -29.10 31.92
N ARG D 33 -1.89 -29.25 31.56
CA ARG D 33 -2.80 -30.20 32.26
C ARG D 33 -2.22 -31.62 32.13
N THR D 34 -1.79 -32.03 30.95
CA THR D 34 -1.24 -33.40 30.74
C THR D 34 -0.03 -33.55 31.68
N PHE D 35 0.87 -32.57 31.73
CA PHE D 35 2.09 -32.58 32.59
C PHE D 35 1.66 -32.82 34.05
N GLN D 36 0.62 -32.12 34.51
CA GLN D 36 0.23 -32.14 35.94
C GLN D 36 -0.57 -33.41 36.26
N GLU D 37 -1.36 -33.94 35.32
CA GLU D 37 -2.10 -35.22 35.50
C GLU D 37 -1.10 -36.38 35.66
N PHE D 38 -0.07 -36.41 34.82
CA PHE D 38 1.03 -37.40 34.91
C PHE D 38 1.75 -37.25 36.25
N ALA D 39 1.92 -36.02 36.76
CA ALA D 39 2.60 -35.75 38.06
C ALA D 39 1.73 -36.25 39.21
N GLU D 40 0.42 -36.09 39.09
CA GLU D 40 -0.54 -36.64 40.09
C GLU D 40 -0.46 -38.16 40.06
N GLU D 41 -0.23 -38.76 38.90
CA GLU D 41 -0.32 -40.23 38.72
C GLU D 41 0.99 -40.92 39.15
N TYR D 42 2.17 -40.38 38.88
CA TYR D 42 3.47 -41.08 39.06
C TYR D 42 4.34 -40.43 40.16
N GLY D 43 3.98 -39.23 40.63
CA GLY D 43 4.62 -38.56 41.78
C GLY D 43 5.75 -37.59 41.42
N GLU D 44 6.75 -37.50 42.31
CA GLU D 44 7.77 -36.42 42.33
C GLU D 44 8.63 -36.42 41.06
N ILE D 45 8.77 -37.54 40.37
CA ILE D 45 9.57 -37.60 39.10
C ILE D 45 8.98 -38.69 38.21
N TYR D 46 8.87 -38.40 36.90
CA TYR D 46 8.45 -39.37 35.86
C TYR D 46 9.16 -39.06 34.53
N ARG D 47 9.18 -40.05 33.64
CA ARG D 47 9.86 -39.99 32.32
C ARG D 47 8.82 -39.80 31.22
N LEU D 48 9.17 -39.04 30.18
CA LEU D 48 8.41 -38.97 28.91
C LEU D 48 9.39 -39.21 27.77
N THR D 49 8.97 -39.96 26.75
CA THR D 49 9.63 -40.02 25.42
C THR D 49 8.92 -38.99 24.53
N LEU D 50 9.59 -37.88 24.24
CA LEU D 50 9.02 -36.81 23.36
C LEU D 50 9.90 -36.71 22.11
N PRO D 51 9.49 -35.92 21.09
CA PRO D 51 10.24 -35.85 19.85
C PRO D 51 11.68 -35.30 20.02
N THR D 52 11.93 -34.42 21.00
CA THR D 52 13.25 -33.76 21.19
C THR D 52 14.14 -34.61 22.12
N GLY D 53 13.65 -35.70 22.70
CA GLY D 53 14.43 -36.59 23.60
C GLY D 53 13.63 -37.09 24.80
N THR D 54 14.23 -37.92 25.64
CA THR D 54 13.67 -38.41 26.93
C THR D 54 13.69 -37.28 27.96
N THR D 55 12.53 -36.78 28.36
CA THR D 55 12.37 -35.70 29.37
C THR D 55 12.10 -36.34 30.73
N LEU D 56 12.63 -35.77 31.81
CA LEU D 56 12.26 -36.11 33.21
C LEU D 56 11.49 -34.96 33.83
N VAL D 57 10.35 -35.26 34.45
CA VAL D 57 9.42 -34.21 34.97
C VAL D 57 9.36 -34.32 36.50
N VAL D 58 9.93 -33.30 37.12
CA VAL D 58 10.12 -33.13 38.58
C VAL D 58 9.03 -32.19 39.10
N SER D 59 8.33 -32.60 40.16
CA SER D 59 7.07 -31.98 40.64
C SER D 59 7.18 -31.62 42.13
N SER D 60 8.36 -31.72 42.75
CA SER D 60 8.55 -31.68 44.23
C SER D 60 9.59 -30.63 44.59
N GLN D 61 9.41 -29.96 45.75
CA GLN D 61 10.36 -28.94 46.28
C GLN D 61 11.75 -29.56 46.52
N ALA D 62 11.81 -30.78 47.06
CA ALA D 62 13.06 -31.54 47.28
C ALA D 62 13.87 -31.53 45.99
N LEU D 63 13.29 -32.03 44.90
CA LEU D 63 14.02 -32.20 43.62
C LEU D 63 14.27 -30.83 42.95
N VAL D 64 13.29 -29.91 42.96
CA VAL D 64 13.43 -28.55 42.36
C VAL D 64 14.63 -27.86 43.03
N HIS D 65 14.78 -28.00 44.35
CA HIS D 65 15.87 -27.29 45.09
C HIS D 65 17.25 -27.81 44.65
N GLU D 66 17.40 -29.12 44.57
CA GLU D 66 18.67 -29.78 44.14
C GLU D 66 19.03 -29.22 42.76
N LEU D 67 18.04 -29.26 41.85
CA LEU D 67 18.22 -28.88 40.43
C LEU D 67 18.53 -27.38 40.29
N CYS D 68 18.31 -26.56 41.34
CA CYS D 68 18.65 -25.11 41.36
C CYS D 68 20.11 -24.91 41.81
N ASP D 69 20.94 -25.95 41.74
CA ASP D 69 22.40 -25.91 42.03
C ASP D 69 23.11 -25.56 40.73
N ASP D 70 23.54 -24.30 40.57
CA ASP D 70 24.24 -23.84 39.33
C ASP D 70 25.56 -24.60 39.13
N LYS D 71 26.11 -25.20 40.19
CA LYS D 71 27.42 -25.90 40.08
C LYS D 71 27.20 -27.20 39.31
N ARG D 72 26.04 -27.86 39.47
CA ARG D 72 25.73 -29.19 38.87
C ARG D 72 24.77 -29.05 37.66
N PHE D 73 23.91 -28.04 37.61
CA PHE D 73 22.85 -27.94 36.56
C PHE D 73 22.80 -26.55 35.93
N LYS D 74 22.18 -26.50 34.74
CA LYS D 74 22.09 -25.26 33.93
C LYS D 74 20.81 -25.31 33.09
N LYS D 75 20.28 -24.11 32.75
CA LYS D 75 19.23 -23.94 31.73
C LYS D 75 19.82 -24.42 30.41
N PRO D 76 19.23 -25.45 29.77
CA PRO D 76 19.75 -25.99 28.51
C PRO D 76 19.21 -25.26 27.27
N VAL D 77 18.06 -24.57 27.41
CA VAL D 77 17.24 -24.09 26.25
C VAL D 77 16.85 -25.32 25.46
N ALA D 78 15.85 -26.04 25.91
CA ALA D 78 15.39 -27.29 25.23
C ALA D 78 13.92 -27.12 24.85
N ALA D 79 13.37 -28.10 24.12
CA ALA D 79 11.92 -28.25 23.92
C ALA D 79 11.39 -26.98 23.27
N ALA D 80 10.39 -26.30 23.87
CA ALA D 80 9.70 -25.15 23.27
C ALA D 80 10.69 -23.99 23.10
N LEU D 81 11.51 -23.74 24.12
CA LEU D 81 12.46 -22.59 24.14
C LEU D 81 13.43 -22.73 22.96
N ALA D 82 13.86 -23.95 22.69
CA ALA D 82 14.78 -24.25 21.58
C ALA D 82 14.10 -23.87 20.26
N GLU D 83 12.80 -24.11 20.12
CA GLU D 83 12.02 -23.70 18.91
C GLU D 83 11.87 -22.17 18.91
N VAL D 84 11.65 -21.55 20.09
CA VAL D 84 11.55 -20.07 20.22
C VAL D 84 12.81 -19.42 19.62
N ARG D 85 13.96 -20.10 19.60
CA ARG D 85 15.18 -19.56 18.96
C ARG D 85 14.94 -19.26 17.47
N ASN D 86 13.95 -19.88 16.85
CA ASN D 86 13.62 -19.58 15.44
C ASN D 86 13.35 -18.08 15.28
N GLY D 87 12.77 -17.45 16.30
CA GLY D 87 12.30 -16.04 16.26
C GLY D 87 13.25 -15.07 16.93
N VAL D 88 13.98 -15.49 17.97
CA VAL D 88 14.85 -14.58 18.76
C VAL D 88 16.28 -15.15 18.91
N ASN D 89 16.60 -16.26 18.25
CA ASN D 89 17.98 -16.78 18.18
C ASN D 89 18.61 -16.85 19.59
N ASP D 90 19.83 -16.27 19.73
CA ASP D 90 20.63 -16.29 20.99
C ASP D 90 20.49 -14.93 21.68
N GLY D 91 19.29 -14.35 21.68
CA GLY D 91 18.88 -13.28 22.59
C GLY D 91 18.96 -13.77 24.02
N LEU D 92 18.76 -12.87 24.97
CA LEU D 92 19.06 -13.10 26.41
C LEU D 92 18.32 -14.35 26.90
N PHE D 93 17.09 -14.58 26.44
CA PHE D 93 16.17 -15.61 27.02
C PHE D 93 16.48 -17.00 26.46
N THR D 94 17.01 -17.10 25.25
CA THR D 94 17.06 -18.36 24.47
C THR D 94 18.51 -18.72 24.11
N ALA D 95 19.48 -17.90 24.49
CA ALA D 95 20.92 -18.22 24.36
C ALA D 95 21.27 -19.32 25.36
N ARG D 96 22.14 -20.23 24.95
CA ARG D 96 22.77 -21.25 25.82
C ARG D 96 23.96 -20.58 26.53
N GLU D 97 24.32 -21.07 27.71
CA GLU D 97 25.28 -20.40 28.64
C GLU D 97 26.64 -20.30 27.94
N GLU D 98 27.00 -21.28 27.09
CA GLU D 98 28.29 -21.33 26.34
C GLU D 98 28.27 -20.44 25.07
N GLU D 99 27.15 -19.83 24.71
CA GLU D 99 27.08 -18.89 23.55
C GLU D 99 27.47 -17.50 24.04
N PRO D 100 28.59 -16.93 23.53
CA PRO D 100 29.13 -15.71 24.10
C PRO D 100 28.10 -14.57 24.11
N ASN D 101 27.06 -14.62 23.26
CA ASN D 101 26.04 -13.55 23.19
C ASN D 101 25.10 -13.49 24.42
N TRP D 102 25.00 -14.57 25.18
CA TRP D 102 24.28 -14.52 26.48
C TRP D 102 24.98 -13.48 27.35
N GLY D 103 26.27 -13.66 27.52
CA GLY D 103 27.09 -12.87 28.45
C GLY D 103 27.15 -11.42 28.03
N ILE D 104 27.38 -11.19 26.73
CA ILE D 104 27.48 -9.83 26.15
C ILE D 104 26.19 -9.07 26.45
N ALA D 105 25.05 -9.66 26.13
CA ALA D 105 23.72 -9.05 26.36
C ALA D 105 23.46 -8.89 27.87
N HIS D 106 23.78 -9.91 28.67
CA HIS D 106 23.56 -9.94 30.14
C HIS D 106 24.28 -8.75 30.78
N ARG D 107 25.58 -8.62 30.52
CA ARG D 107 26.45 -7.64 31.21
C ARG D 107 26.04 -6.22 30.78
N ILE D 108 25.69 -6.05 29.50
CA ILE D 108 25.32 -4.75 28.89
C ILE D 108 23.95 -4.28 29.43
N LEU D 109 23.00 -5.20 29.63
CA LEU D 109 21.58 -4.84 29.90
C LEU D 109 21.27 -4.88 31.40
N MET D 110 22.06 -5.58 32.20
CA MET D 110 21.79 -5.78 33.64
C MET D 110 21.57 -4.44 34.34
N PRO D 111 22.41 -3.41 34.09
CA PRO D 111 22.31 -2.15 34.84
C PRO D 111 21.00 -1.40 34.64
N ALA D 112 20.27 -1.64 33.55
CA ALA D 112 19.00 -0.95 33.25
C ALA D 112 17.93 -1.30 34.28
N PHE D 113 18.10 -2.45 34.98
CA PHE D 113 17.15 -3.06 35.95
C PHE D 113 17.61 -2.86 37.42
N GLY D 114 18.63 -2.04 37.62
CA GLY D 114 19.05 -1.60 38.97
C GLY D 114 17.96 -0.79 39.68
N PRO D 115 17.95 -0.71 41.02
CA PRO D 115 16.86 -0.09 41.75
C PRO D 115 16.67 1.40 41.40
N ALA D 116 17.78 2.11 41.14
CA ALA D 116 17.81 3.53 40.72
C ALA D 116 16.98 3.69 39.45
N SER D 117 17.28 2.89 38.42
CA SER D 117 16.67 2.94 37.07
C SER D 117 15.19 2.58 37.13
N ILE D 118 14.84 1.56 37.91
CA ILE D 118 13.46 1.05 38.04
C ILE D 118 12.62 2.15 38.67
N GLN D 119 13.11 2.77 39.75
CA GLN D 119 12.35 3.89 40.36
C GLN D 119 12.21 5.03 39.34
N GLY D 120 13.25 5.24 38.55
CA GLY D 120 13.27 6.28 37.50
C GLY D 120 12.15 6.10 36.51
N MET D 121 11.66 4.87 36.32
CA MET D 121 10.62 4.50 35.33
C MET D 121 9.22 4.60 35.95
N PHE D 122 9.11 4.96 37.23
CA PHE D 122 7.81 4.97 37.94
C PHE D 122 6.84 5.95 37.25
N THR D 123 7.28 7.17 36.92
CA THR D 123 6.41 8.21 36.30
C THR D 123 5.73 7.61 35.06
N GLU D 124 6.52 7.01 34.16
CA GLU D 124 5.94 6.45 32.91
C GLU D 124 5.08 5.22 33.22
N MET D 125 5.43 4.37 34.19
CA MET D 125 4.53 3.26 34.59
C MET D 125 3.19 3.85 35.03
N HIS D 126 3.23 4.97 35.77
CA HIS D 126 2.02 5.59 36.36
C HIS D 126 1.16 6.20 35.24
N GLU D 127 1.79 6.74 34.20
CA GLU D 127 1.01 7.29 33.06
C GLU D 127 0.18 6.18 32.41
N ILE D 128 0.81 5.05 32.04
CA ILE D 128 0.11 3.97 31.28
C ILE D 128 -1.01 3.42 32.17
N ALA D 129 -0.76 3.24 33.46
CA ALA D 129 -1.81 2.80 34.42
C ALA D 129 -2.99 3.78 34.39
N SER D 130 -2.73 5.09 34.44
CA SER D 130 -3.76 6.17 34.32
C SER D 130 -4.59 6.03 33.03
N GLN D 131 -3.94 5.71 31.92
CA GLN D 131 -4.69 5.50 30.66
C GLN D 131 -5.72 4.39 30.85
N LEU D 132 -5.32 3.30 31.47
CA LEU D 132 -6.22 2.15 31.73
C LEU D 132 -7.35 2.63 32.65
N ALA D 133 -7.02 3.25 33.78
CA ALA D 133 -8.01 3.78 34.74
C ALA D 133 -9.03 4.66 34.01
N LEU D 134 -8.56 5.64 33.22
CA LEU D 134 -9.48 6.57 32.50
C LEU D 134 -10.33 5.78 31.49
N LYS D 135 -9.74 4.83 30.76
CA LYS D 135 -10.53 4.01 29.80
C LYS D 135 -11.73 3.37 30.54
N TRP D 136 -11.47 2.71 31.67
CA TRP D 136 -12.52 2.01 32.45
C TRP D 136 -13.51 3.03 33.03
N ALA D 137 -13.01 4.08 33.67
CA ALA D 137 -13.85 5.14 34.26
C ALA D 137 -14.81 5.67 33.18
N ARG D 138 -14.26 6.03 32.02
CA ARG D 138 -15.03 6.66 30.91
C ARG D 138 -16.02 5.69 30.26
N HIS D 139 -15.70 4.39 30.22
CA HIS D 139 -16.59 3.40 29.58
C HIS D 139 -17.66 3.00 30.58
N GLY D 140 -17.52 3.38 31.85
CA GLY D 140 -18.60 3.29 32.86
C GLY D 140 -18.80 1.88 33.40
N PRO D 141 -19.74 1.68 34.32
CA PRO D 141 -19.87 0.40 35.01
C PRO D 141 -20.55 -0.75 34.25
N ASP D 142 -21.16 -0.50 33.09
CA ASP D 142 -21.88 -1.56 32.33
C ASP D 142 -20.99 -2.16 31.22
N THR D 143 -19.83 -1.59 30.91
CA THR D 143 -18.96 -2.09 29.82
C THR D 143 -18.21 -3.33 30.30
N PRO D 144 -18.43 -4.48 29.64
CA PRO D 144 -17.64 -5.68 29.86
C PRO D 144 -16.18 -5.43 29.49
N ILE D 145 -15.26 -5.75 30.39
CA ILE D 145 -13.79 -5.63 30.20
C ILE D 145 -13.23 -7.02 29.93
N PHE D 146 -12.53 -7.20 28.82
CA PHE D 146 -11.75 -8.41 28.51
C PHE D 146 -10.45 -8.30 29.29
N VAL D 147 -10.38 -8.90 30.47
CA VAL D 147 -9.30 -8.59 31.46
C VAL D 147 -7.91 -8.80 30.83
N THR D 148 -7.66 -9.94 30.20
CA THR D 148 -6.33 -10.27 29.61
C THR D 148 -5.95 -9.25 28.51
N ASP D 149 -6.94 -8.85 27.73
CA ASP D 149 -6.77 -7.82 26.66
C ASP D 149 -6.28 -6.49 27.26
N ASP D 150 -6.98 -5.96 28.27
CA ASP D 150 -6.67 -4.64 28.86
C ASP D 150 -5.34 -4.71 29.60
N PHE D 151 -4.99 -5.86 30.19
CA PHE D 151 -3.73 -5.98 30.95
C PHE D 151 -2.58 -6.18 29.97
N THR D 152 -2.81 -6.84 28.83
CA THR D 152 -1.78 -6.96 27.76
C THR D 152 -1.48 -5.55 27.22
N ARG D 153 -2.52 -4.75 26.96
CA ARG D 153 -2.33 -3.34 26.54
C ARG D 153 -1.48 -2.60 27.57
N LEU D 154 -1.85 -2.70 28.85
CA LEU D 154 -1.10 -2.02 29.94
C LEU D 154 0.37 -2.46 29.94
N THR D 155 0.61 -3.77 29.91
CA THR D 155 1.99 -4.28 30.15
C THR D 155 2.83 -4.03 28.90
N LEU D 156 2.26 -4.23 27.71
CA LEU D 156 3.02 -3.98 26.47
C LEU D 156 3.40 -2.50 26.42
N ASP D 157 2.44 -1.61 26.70
CA ASP D 157 2.64 -0.15 26.57
C ASP D 157 3.65 0.29 27.65
N THR D 158 3.56 -0.25 28.86
CA THR D 158 4.46 0.12 29.97
C THR D 158 5.89 -0.33 29.64
N LEU D 159 6.05 -1.57 29.19
CA LEU D 159 7.37 -2.14 28.83
C LEU D 159 7.97 -1.28 27.72
N ALA D 160 7.25 -1.04 26.63
CA ALA D 160 7.77 -0.34 25.42
C ALA D 160 8.09 1.12 25.72
N LEU D 161 7.25 1.81 26.53
CA LEU D 161 7.48 3.23 26.88
C LEU D 161 8.71 3.32 27.76
N CYS D 162 8.78 2.53 28.84
CA CYS D 162 9.80 2.70 29.89
C CYS D 162 11.19 2.26 29.39
N THR D 163 11.27 1.25 28.53
CA THR D 163 12.57 0.63 28.15
C THR D 163 12.98 1.03 26.74
N MET D 164 12.06 1.37 25.83
CA MET D 164 12.40 1.66 24.40
C MET D 164 11.93 3.06 23.97
N ASN D 165 11.31 3.79 24.89
CA ASN D 165 10.72 5.12 24.65
C ASN D 165 9.85 5.09 23.40
N PHE D 166 9.02 4.05 23.29
CA PHE D 166 8.10 3.79 22.16
C PHE D 166 6.68 3.67 22.69
N ARG D 167 5.73 4.29 22.00
CA ARG D 167 4.31 4.22 22.40
C ARG D 167 3.53 3.36 21.40
N PHE D 168 3.04 2.19 21.82
CA PHE D 168 2.09 1.41 21.00
C PHE D 168 0.73 2.13 21.00
N ASN D 169 0.47 2.96 22.01
CA ASN D 169 -0.81 3.68 22.18
C ASN D 169 -1.95 2.68 22.11
N SER D 170 -1.87 1.59 22.86
CA SER D 170 -2.81 0.44 22.75
C SER D 170 -4.22 0.85 23.19
N TYR D 171 -4.38 1.87 24.04
CA TYR D 171 -5.71 2.33 24.48
C TYR D 171 -6.34 3.28 23.45
N TYR D 172 -5.67 3.59 22.35
CA TYR D 172 -6.28 4.34 21.22
C TYR D 172 -6.78 3.41 20.12
N HIS D 173 -6.66 2.08 20.26
CA HIS D 173 -6.93 1.13 19.15
C HIS D 173 -7.84 0.00 19.63
N ASP D 174 -8.88 -0.31 18.86
CA ASP D 174 -9.90 -1.33 19.22
C ASP D 174 -9.21 -2.69 19.36
N GLU D 175 -8.38 -3.05 18.37
CA GLU D 175 -7.65 -4.33 18.25
C GLU D 175 -6.26 -4.19 18.87
N LEU D 176 -5.73 -5.25 19.47
CA LEU D 176 -4.32 -5.26 19.94
C LEU D 176 -3.43 -5.14 18.71
N HIS D 177 -2.27 -4.53 18.86
CA HIS D 177 -1.24 -4.45 17.81
C HIS D 177 -1.03 -5.84 17.23
N PRO D 178 -0.80 -5.98 15.91
CA PRO D 178 -0.54 -7.30 15.30
C PRO D 178 0.58 -8.11 15.96
N PHE D 179 1.50 -7.43 16.62
CA PHE D 179 2.62 -8.07 17.36
C PHE D 179 2.06 -9.13 18.33
N ILE D 180 0.96 -8.83 19.02
CA ILE D 180 0.38 -9.68 20.10
C ILE D 180 -0.11 -11.04 19.56
N ASN D 181 -0.78 -11.08 18.42
CA ASN D 181 -1.26 -12.34 17.81
C ASN D 181 -0.11 -13.14 17.22
N ALA D 182 0.79 -12.46 16.52
CA ALA D 182 1.99 -13.07 15.96
C ALA D 182 2.75 -13.75 17.09
N MET D 183 2.84 -13.08 18.25
CA MET D 183 3.59 -13.56 19.44
C MET D 183 2.89 -14.82 19.98
N GLY D 184 1.58 -14.73 20.17
CA GLY D 184 0.78 -15.83 20.73
C GLY D 184 0.92 -17.08 19.88
N ASN D 185 0.86 -16.93 18.56
CA ASN D 185 0.96 -18.08 17.63
C ASN D 185 2.42 -18.56 17.59
N PHE D 186 3.37 -17.66 17.55
CA PHE D 186 4.82 -17.99 17.57
C PHE D 186 5.17 -18.81 18.82
N LEU D 187 4.61 -18.46 19.98
CA LEU D 187 4.95 -19.16 21.25
C LEU D 187 4.26 -20.52 21.22
N THR D 188 2.96 -20.56 20.91
CA THR D 188 2.12 -21.79 20.91
C THR D 188 2.76 -22.80 19.96
N GLU D 189 3.01 -22.37 18.72
CA GLU D 189 3.51 -23.23 17.63
C GLU D 189 4.95 -23.65 17.95
N SER D 190 5.72 -22.85 18.68
CA SER D 190 7.08 -23.24 19.12
C SER D 190 6.95 -24.49 20.03
N GLY D 191 6.03 -24.47 21.00
CA GLY D 191 5.71 -25.63 21.84
C GLY D 191 5.21 -26.80 21.02
N ALA D 192 4.29 -26.55 20.09
CA ALA D 192 3.64 -27.59 19.23
C ALA D 192 4.71 -28.30 18.40
N ARG D 193 5.63 -27.54 17.82
CA ARG D 193 6.74 -28.07 17.00
C ARG D 193 7.61 -29.01 17.84
N ALA D 194 7.84 -28.70 19.11
CA ALA D 194 8.73 -29.49 19.98
C ALA D 194 8.01 -30.78 20.47
N MET D 195 6.67 -30.75 20.62
CA MET D 195 5.84 -31.88 21.12
C MET D 195 5.32 -32.76 19.97
N ARG D 196 5.39 -32.29 18.73
CA ARG D 196 4.76 -33.00 17.58
C ARG D 196 5.77 -34.03 17.09
N PRO D 197 5.39 -35.33 17.10
CA PRO D 197 6.26 -36.40 16.63
C PRO D 197 6.54 -36.23 15.13
N ALA D 198 7.77 -36.50 14.72
CA ALA D 198 8.26 -36.26 13.35
C ALA D 198 7.25 -36.81 12.32
N ILE D 199 6.74 -38.03 12.56
CA ILE D 199 5.80 -38.76 11.67
C ILE D 199 4.66 -37.85 11.18
N THR D 200 4.05 -37.02 12.05
CA THR D 200 2.84 -36.18 11.76
C THR D 200 3.17 -34.85 11.02
N SER D 201 4.44 -34.51 10.90
CA SER D 201 4.95 -33.20 10.39
C SER D 201 4.41 -32.94 9.00
N ILE D 202 4.24 -34.00 8.21
CA ILE D 202 3.69 -33.99 6.83
C ILE D 202 2.47 -33.03 6.75
N PHE D 203 1.58 -33.11 7.74
CA PHE D 203 0.22 -32.52 7.69
C PHE D 203 0.22 -31.12 8.29
N HIS D 204 1.37 -30.43 8.41
CA HIS D 204 1.46 -29.10 9.09
C HIS D 204 2.28 -28.12 8.25
N GLN D 205 2.18 -28.18 6.93
CA GLN D 205 2.83 -27.21 6.02
C GLN D 205 2.15 -25.84 6.14
N ALA D 206 0.82 -25.79 6.35
CA ALA D 206 0.03 -24.56 6.59
C ALA D 206 0.53 -23.86 7.86
N ALA D 207 0.67 -24.62 8.96
CA ALA D 207 1.13 -24.13 10.29
C ALA D 207 2.56 -23.60 10.20
N ASN D 208 3.33 -24.15 9.26
CA ASN D 208 4.77 -23.88 9.07
C ASN D 208 4.96 -22.53 8.35
N ARG D 209 4.28 -22.33 7.23
CA ARG D 209 4.26 -21.06 6.44
C ARG D 209 3.90 -19.92 7.40
N LYS D 210 2.87 -20.15 8.23
CA LYS D 210 2.27 -19.19 9.20
C LYS D 210 3.27 -18.88 10.31
N TYR D 211 3.99 -19.90 10.81
CA TYR D 211 5.01 -19.74 11.88
C TYR D 211 6.04 -18.70 11.42
N TRP D 212 6.64 -18.88 10.25
CA TRP D 212 7.68 -17.97 9.71
C TRP D 212 7.09 -16.58 9.38
N GLU D 213 5.83 -16.51 8.96
CA GLU D 213 5.14 -15.22 8.66
C GLU D 213 4.93 -14.44 9.96
N ASP D 214 4.56 -15.14 11.04
CA ASP D 214 4.32 -14.52 12.36
C ASP D 214 5.67 -14.10 12.94
N ILE D 215 6.75 -14.84 12.70
CA ILE D 215 8.11 -14.44 13.14
C ILE D 215 8.50 -13.14 12.41
N GLU D 216 8.13 -13.00 11.13
CA GLU D 216 8.41 -11.76 10.33
C GLU D 216 7.73 -10.56 10.98
N VAL D 217 6.50 -10.72 11.44
CA VAL D 217 5.78 -9.62 12.13
C VAL D 217 6.58 -9.21 13.36
N LEU D 218 7.07 -10.17 14.16
CA LEU D 218 7.85 -9.85 15.38
C LEU D 218 9.09 -9.05 14.98
N ARG D 219 9.84 -9.50 13.96
CA ARG D 219 11.12 -8.86 13.56
C ARG D 219 10.78 -7.45 13.06
N LYS D 220 9.73 -7.32 12.25
CA LYS D 220 9.29 -6.02 11.69
C LYS D 220 8.94 -5.07 12.84
N THR D 221 8.16 -5.47 13.82
CA THR D 221 7.74 -4.59 14.94
C THR D 221 9.00 -4.04 15.64
N ALA D 222 9.97 -4.90 15.91
CA ALA D 222 11.22 -4.53 16.62
C ALA D 222 12.01 -3.54 15.76
N GLN D 223 12.09 -3.80 14.46
CA GLN D 223 12.69 -2.90 13.44
C GLN D 223 12.05 -1.51 13.58
N GLY D 224 10.74 -1.46 13.81
CA GLY D 224 9.98 -0.20 13.94
C GLY D 224 10.38 0.57 15.19
N VAL D 225 10.56 -0.13 16.30
CA VAL D 225 10.99 0.45 17.61
C VAL D 225 12.39 1.08 17.47
N LEU D 226 13.28 0.37 16.77
CA LEU D 226 14.68 0.75 16.56
C LEU D 226 14.73 1.96 15.59
N ASP D 227 13.90 1.93 14.57
CA ASP D 227 13.76 3.02 13.58
C ASP D 227 13.28 4.31 14.26
N THR D 228 12.32 4.20 15.19
CA THR D 228 11.80 5.36 15.95
C THR D 228 12.94 6.00 16.75
N ARG D 229 13.79 5.19 17.39
CA ARG D 229 14.89 5.70 18.25
C ARG D 229 15.93 6.41 17.37
N ARG D 230 16.16 5.88 16.16
CA ARG D 230 17.17 6.44 15.25
C ARG D 230 16.63 7.76 14.70
N LYS D 231 15.33 7.88 14.54
CA LYS D 231 14.71 9.05 13.90
C LYS D 231 14.49 10.13 14.96
N HIS D 232 14.30 9.77 16.22
CA HIS D 232 14.03 10.72 17.33
C HIS D 232 14.96 10.44 18.49
N PRO D 233 16.27 10.76 18.35
CA PRO D 233 17.25 10.45 19.40
C PRO D 233 16.82 11.11 20.71
N THR D 234 17.25 10.54 21.83
CA THR D 234 16.92 10.99 23.21
C THR D 234 18.19 10.90 24.07
N ASN D 235 18.25 11.74 25.10
CA ASN D 235 19.37 11.81 26.07
C ASN D 235 19.22 10.75 27.17
N ARG D 236 18.07 10.10 27.29
CA ARG D 236 17.84 9.22 28.45
C ARG D 236 18.62 7.93 28.25
N LYS D 237 18.96 7.31 29.37
CA LYS D 237 19.51 5.95 29.42
C LYS D 237 18.33 5.01 29.57
N ASP D 238 18.23 3.97 28.76
CA ASP D 238 17.20 2.93 28.95
C ASP D 238 17.72 1.66 28.30
N LEU D 239 16.92 0.61 28.34
CA LEU D 239 17.30 -0.70 27.78
C LEU D 239 17.84 -0.49 26.35
N LEU D 240 17.16 0.33 25.54
CA LEU D 240 17.47 0.43 24.09
C LEU D 240 18.74 1.25 23.88
N SER D 241 18.96 2.32 24.66
CA SER D 241 20.23 3.08 24.62
C SER D 241 21.39 2.13 24.99
N ALA D 242 21.18 1.25 25.97
CA ALA D 242 22.19 0.25 26.39
C ALA D 242 22.47 -0.72 25.24
N MET D 243 21.45 -1.21 24.55
CA MET D 243 21.62 -2.14 23.39
C MET D 243 22.43 -1.47 22.29
N LEU D 244 22.12 -0.20 21.97
CA LEU D 244 22.74 0.51 20.82
C LEU D 244 24.16 0.95 21.13
N ASP D 245 24.41 1.45 22.36
CA ASP D 245 25.65 2.18 22.72
C ASP D 245 26.55 1.36 23.65
N GLY D 246 25.96 0.60 24.58
CA GLY D 246 26.66 -0.29 25.53
C GLY D 246 27.72 -1.17 24.87
N VAL D 247 28.90 -1.20 25.48
CA VAL D 247 29.99 -2.17 25.16
C VAL D 247 30.24 -3.06 26.38
N ASP D 248 30.47 -4.34 26.14
CA ASP D 248 30.77 -5.34 27.20
C ASP D 248 32.27 -5.26 27.50
N ALA D 249 32.66 -4.83 28.69
CA ALA D 249 34.08 -4.75 29.12
C ALA D 249 34.79 -6.08 28.82
N LYS D 250 34.14 -7.22 29.14
CA LYS D 250 34.76 -8.57 29.15
C LYS D 250 35.17 -8.99 27.72
N THR D 251 34.29 -8.86 26.74
CA THR D 251 34.50 -9.32 25.33
C THR D 251 34.95 -8.18 24.41
N GLY D 252 34.68 -6.94 24.81
CA GLY D 252 34.93 -5.69 24.05
C GLY D 252 33.92 -5.48 22.94
N GLN D 253 32.77 -6.18 22.96
CA GLN D 253 31.77 -6.23 21.86
C GLN D 253 30.48 -5.50 22.25
N LYS D 254 29.78 -5.03 21.23
CA LYS D 254 28.41 -4.46 21.33
C LYS D 254 27.47 -5.47 20.70
N LEU D 255 26.16 -5.32 20.90
CA LEU D 255 25.19 -6.19 20.19
C LEU D 255 25.18 -5.82 18.70
N SER D 256 25.29 -6.83 17.80
CA SER D 256 25.00 -6.73 16.34
C SER D 256 23.56 -6.23 16.15
N ASP D 257 23.19 -5.67 14.99
CA ASP D 257 21.80 -5.21 14.76
C ASP D 257 20.85 -6.41 14.84
N SER D 258 21.29 -7.54 14.29
CA SER D 258 20.57 -8.83 14.33
C SER D 258 20.22 -9.19 15.79
N SER D 259 21.16 -9.03 16.74
CA SER D 259 21.00 -9.25 18.20
C SER D 259 20.16 -8.16 18.85
N ILE D 260 20.23 -6.91 18.38
CA ILE D 260 19.38 -5.80 18.91
C ILE D 260 17.93 -6.16 18.63
N ILE D 261 17.66 -6.67 17.43
CA ILE D 261 16.29 -7.10 17.03
C ILE D 261 15.92 -8.30 17.90
N ASP D 262 16.79 -9.31 17.98
CA ASP D 262 16.57 -10.49 18.86
C ASP D 262 16.13 -10.02 20.25
N ASN D 263 16.86 -9.08 20.86
CA ASN D 263 16.67 -8.72 22.29
C ASN D 263 15.45 -7.82 22.41
N LEU D 264 15.20 -6.96 21.42
CA LEU D 264 13.98 -6.13 21.42
C LEU D 264 12.75 -7.05 21.39
N ILE D 265 12.71 -8.04 20.52
CA ILE D 265 11.55 -8.97 20.47
C ILE D 265 11.41 -9.67 21.84
N THR D 266 12.52 -10.22 22.36
CA THR D 266 12.63 -10.92 23.66
C THR D 266 12.02 -10.05 24.77
N PHE D 267 12.40 -8.78 24.87
CA PHE D 267 11.90 -7.87 25.94
C PHE D 267 10.43 -7.50 25.69
N LEU D 268 10.02 -7.29 24.43
CA LEU D 268 8.60 -7.00 24.10
C LEU D 268 7.73 -8.16 24.59
N ILE D 269 8.20 -9.41 24.45
CA ILE D 269 7.44 -10.64 24.87
C ILE D 269 7.60 -10.84 26.38
N ALA D 270 8.78 -11.23 26.83
CA ALA D 270 9.10 -11.53 28.25
C ALA D 270 8.70 -10.35 29.16
N GLY D 271 8.79 -9.12 28.64
CA GLY D 271 8.61 -7.90 29.47
C GLY D 271 7.14 -7.49 29.61
N HIS D 272 6.20 -8.23 29.03
CA HIS D 272 4.76 -7.92 29.19
C HIS D 272 3.92 -9.19 29.34
N GLU D 273 4.14 -10.24 28.54
CA GLU D 273 3.23 -11.43 28.48
C GLU D 273 2.97 -11.98 29.90
N THR D 274 3.99 -12.22 30.71
CA THR D 274 3.88 -12.90 32.02
C THR D 274 3.29 -11.93 33.06
N THR D 275 3.54 -10.64 32.96
CA THR D 275 2.96 -9.61 33.87
C THR D 275 1.47 -9.44 33.55
N SER D 276 1.06 -9.56 32.29
CA SER D 276 -0.37 -9.53 31.91
C SER D 276 -1.05 -10.76 32.54
N GLY D 277 -0.40 -11.91 32.45
CA GLY D 277 -0.82 -13.15 33.17
C GLY D 277 -1.03 -12.91 34.65
N LEU D 278 -0.02 -12.33 35.31
CA LEU D 278 -0.01 -12.13 36.78
C LEU D 278 -1.25 -11.33 37.16
N LEU D 279 -1.40 -10.15 36.55
CA LEU D 279 -2.49 -9.21 36.89
C LEU D 279 -3.83 -9.88 36.55
N SER D 280 -3.94 -10.59 35.43
CA SER D 280 -5.23 -11.19 35.02
C SER D 280 -5.63 -12.29 36.04
N PHE D 281 -4.69 -13.14 36.49
CA PHE D 281 -4.97 -14.20 37.49
C PHE D 281 -5.28 -13.52 38.81
N ALA D 282 -4.47 -12.54 39.23
CA ALA D 282 -4.62 -11.89 40.53
C ALA D 282 -6.03 -11.31 40.64
N PHE D 283 -6.53 -10.60 39.63
CA PHE D 283 -7.87 -9.97 39.70
C PHE D 283 -8.95 -11.04 39.70
N TYR D 284 -8.79 -12.16 39.00
CA TYR D 284 -9.78 -13.27 39.09
C TYR D 284 -9.85 -13.78 40.54
N LEU D 285 -8.68 -14.00 41.13
CA LEU D 285 -8.53 -14.58 42.49
C LEU D 285 -9.09 -13.60 43.54
N LEU D 286 -8.77 -12.31 43.49
CA LEU D 286 -9.34 -11.32 44.44
C LEU D 286 -10.87 -11.34 44.28
N ILE D 287 -11.40 -11.30 43.06
CA ILE D 287 -12.88 -11.24 42.87
C ILE D 287 -13.49 -12.50 43.50
N LYS D 288 -12.86 -13.66 43.33
CA LYS D 288 -13.45 -14.95 43.76
C LYS D 288 -13.31 -15.14 45.27
N HIS D 289 -12.24 -14.60 45.85
CA HIS D 289 -11.90 -14.69 47.30
C HIS D 289 -12.16 -13.33 47.97
N GLN D 290 -13.43 -13.03 48.25
CA GLN D 290 -13.86 -11.70 48.77
C GLN D 290 -13.09 -11.30 50.04
N ASP D 291 -12.67 -12.27 50.86
CA ASP D 291 -11.88 -12.01 52.09
C ASP D 291 -10.64 -11.20 51.70
N ALA D 292 -9.90 -11.72 50.71
CA ALA D 292 -8.62 -11.18 50.22
C ALA D 292 -8.88 -9.87 49.46
N TYR D 293 -9.97 -9.80 48.68
CA TYR D 293 -10.41 -8.55 47.98
C TYR D 293 -10.49 -7.43 49.02
N ARG D 294 -11.20 -7.66 50.12
CA ARG D 294 -11.47 -6.65 51.16
C ARG D 294 -10.14 -6.25 51.81
N LYS D 295 -9.26 -7.20 52.11
CA LYS D 295 -7.98 -6.88 52.80
C LYS D 295 -7.13 -6.02 51.87
N ALA D 296 -7.05 -6.35 50.58
CA ALA D 296 -6.26 -5.58 49.58
C ALA D 296 -6.79 -4.15 49.46
N GLN D 297 -8.13 -4.00 49.38
CA GLN D 297 -8.79 -2.69 49.32
C GLN D 297 -8.52 -1.91 50.60
N GLU D 298 -8.71 -2.55 51.76
CA GLU D 298 -8.51 -1.95 53.11
C GLU D 298 -7.07 -1.45 53.23
N GLU D 299 -6.10 -2.22 52.71
CA GLU D 299 -4.67 -1.79 52.69
C GLU D 299 -4.53 -0.50 51.86
N VAL D 300 -5.07 -0.47 50.63
CA VAL D 300 -4.88 0.71 49.75
C VAL D 300 -5.51 1.93 50.43
N ASP D 301 -6.70 1.77 51.01
CA ASP D 301 -7.43 2.86 51.71
C ASP D 301 -6.58 3.39 52.87
N ARG D 302 -6.02 2.51 53.72
CA ARG D 302 -5.22 2.99 54.88
C ARG D 302 -3.93 3.67 54.38
N VAL D 303 -3.21 3.06 53.42
CA VAL D 303 -1.80 3.46 53.09
C VAL D 303 -1.81 4.67 52.14
N ILE D 304 -2.69 4.66 51.14
CA ILE D 304 -2.69 5.65 50.02
C ILE D 304 -3.91 6.54 50.13
N GLY D 305 -5.04 5.98 50.61
CA GLY D 305 -6.33 6.70 50.73
C GLY D 305 -6.83 7.21 49.39
N LYS D 306 -7.07 8.51 49.27
CA LYS D 306 -7.65 9.12 48.04
C LYS D 306 -6.56 9.97 47.38
N GLY D 307 -5.33 9.92 47.91
CA GLY D 307 -4.25 10.80 47.45
C GLY D 307 -3.41 10.10 46.40
N PRO D 308 -2.34 10.78 45.92
CA PRO D 308 -1.58 10.26 44.79
C PRO D 308 -0.74 9.03 45.20
N ILE D 309 -0.53 8.11 44.27
CA ILE D 309 0.38 6.96 44.44
C ILE D 309 1.76 7.41 43.98
N LYS D 310 2.72 7.48 44.90
CA LYS D 310 4.13 7.83 44.64
C LYS D 310 4.97 6.56 44.75
N VAL D 311 6.23 6.63 44.31
CA VAL D 311 7.13 5.45 44.24
C VAL D 311 7.31 4.83 45.63
N GLU D 312 7.39 5.63 46.68
CA GLU D 312 7.68 5.14 48.06
C GLU D 312 6.58 4.15 48.47
N HIS D 313 5.34 4.28 47.96
CA HIS D 313 4.20 3.42 48.34
C HIS D 313 4.42 1.97 47.90
N ILE D 314 5.27 1.72 46.91
CA ILE D 314 5.42 0.36 46.35
C ILE D 314 5.87 -0.61 47.46
N LYS D 315 6.82 -0.21 48.30
CA LYS D 315 7.31 -1.13 49.37
C LYS D 315 6.49 -0.91 50.65
N LYS D 316 5.36 -0.21 50.61
CA LYS D 316 4.50 0.04 51.82
C LYS D 316 3.13 -0.62 51.65
N LEU D 317 3.03 -1.62 50.77
CA LEU D 317 1.78 -2.35 50.45
C LEU D 317 2.03 -3.85 50.57
N PRO D 318 2.27 -4.36 51.80
CA PRO D 318 2.65 -5.77 51.97
C PRO D 318 1.58 -6.78 51.54
N TYR D 319 0.30 -6.47 51.74
CA TYR D 319 -0.82 -7.39 51.39
C TYR D 319 -0.91 -7.58 49.87
N ILE D 320 -0.77 -6.48 49.13
CA ILE D 320 -0.78 -6.51 47.65
C ILE D 320 0.43 -7.35 47.17
N ALA D 321 1.63 -7.11 47.71
CA ALA D 321 2.82 -7.95 47.48
C ALA D 321 2.46 -9.43 47.72
N ALA D 322 1.76 -9.74 48.81
CA ALA D 322 1.42 -11.12 49.21
C ALA D 322 0.47 -11.74 48.17
N VAL D 323 -0.49 -10.94 47.69
CA VAL D 323 -1.51 -11.37 46.69
C VAL D 323 -0.77 -11.77 45.42
N LEU D 324 0.24 -11.00 45.03
CA LEU D 324 1.01 -11.25 43.78
C LEU D 324 1.84 -12.51 43.98
N ARG D 325 2.59 -12.59 45.08
CA ARG D 325 3.35 -13.81 45.48
C ARG D 325 2.44 -15.04 45.47
N GLU D 326 1.26 -14.95 46.08
CA GLU D 326 0.35 -16.11 46.19
C GLU D 326 -0.17 -16.44 44.78
N THR D 327 -0.46 -15.44 43.97
CA THR D 327 -0.95 -15.63 42.58
C THR D 327 0.12 -16.38 41.79
N LEU D 328 1.39 -15.98 41.90
CA LEU D 328 2.53 -16.61 41.18
C LEU D 328 2.80 -18.02 41.73
N ARG D 329 2.47 -18.28 43.01
CA ARG D 329 2.58 -19.65 43.61
C ARG D 329 1.61 -20.57 42.86
N LEU D 330 0.32 -20.26 42.86
CA LEU D 330 -0.74 -21.10 42.21
C LEU D 330 -0.69 -20.98 40.69
N CYS D 331 -0.36 -19.81 40.15
CA CYS D 331 -0.46 -19.52 38.70
C CYS D 331 0.87 -18.98 38.21
N PRO D 332 1.94 -19.81 38.20
CA PRO D 332 3.25 -19.37 37.71
C PRO D 332 3.12 -19.23 36.20
N THR D 333 3.23 -17.99 35.69
CA THR D 333 2.74 -17.66 34.32
C THR D 333 3.75 -18.21 33.32
N ILE D 334 4.99 -18.49 33.77
CA ILE D 334 5.85 -19.56 33.17
C ILE D 334 5.80 -20.77 34.11
N PRO D 335 5.03 -21.83 33.75
CA PRO D 335 4.76 -22.96 34.66
C PRO D 335 5.82 -24.07 34.66
N ILE D 336 6.72 -24.05 33.70
CA ILE D 336 7.81 -25.06 33.56
C ILE D 336 9.07 -24.28 33.22
N ILE D 337 10.14 -24.50 33.98
CA ILE D 337 11.52 -24.14 33.56
C ILE D 337 12.31 -25.45 33.45
N ASN D 338 13.30 -25.49 32.60
CA ASN D 338 14.12 -26.66 32.26
C ASN D 338 15.49 -26.52 32.93
N ARG D 339 16.00 -27.64 33.45
CA ARG D 339 17.41 -27.75 33.91
C ARG D 339 18.00 -28.99 33.22
N ALA D 340 19.32 -29.05 33.12
CA ALA D 340 20.01 -30.24 32.58
C ALA D 340 21.33 -30.41 33.35
N ALA D 341 21.68 -31.65 33.68
CA ALA D 341 22.89 -31.96 34.44
C ALA D 341 24.10 -31.73 33.53
N LYS D 342 25.13 -31.02 34.02
CA LYS D 342 26.38 -30.76 33.27
C LYS D 342 27.19 -32.05 33.06
N GLN D 343 27.09 -33.00 34.00
CA GLN D 343 27.67 -34.37 33.90
C GLN D 343 26.62 -35.39 34.36
N ASP D 344 26.77 -36.66 33.98
CA ASP D 344 25.95 -37.77 34.52
C ASP D 344 25.87 -37.56 36.03
N GLU D 345 24.67 -37.72 36.60
CA GLU D 345 24.34 -37.27 37.97
C GLU D 345 23.29 -38.19 38.62
N VAL D 346 23.09 -37.99 39.91
CA VAL D 346 22.05 -38.66 40.73
C VAL D 346 21.36 -37.58 41.56
N ILE D 347 20.03 -37.61 41.63
CA ILE D 347 19.23 -36.59 42.37
C ILE D 347 18.34 -37.32 43.37
N GLY D 348 17.98 -36.63 44.47
CA GLY D 348 17.24 -37.21 45.61
C GLY D 348 17.92 -38.49 46.10
N GLY D 349 19.23 -38.52 45.95
CA GLY D 349 20.11 -39.71 46.04
C GLY D 349 19.41 -41.00 45.67
N LYS D 350 18.70 -41.10 44.54
CA LYS D 350 18.33 -42.41 43.94
C LYS D 350 17.98 -42.35 42.45
N TYR D 351 18.03 -41.18 41.79
CA TYR D 351 17.51 -41.01 40.41
C TYR D 351 18.62 -40.68 39.41
N ALA D 352 18.85 -41.61 38.48
CA ALA D 352 19.83 -41.52 37.37
C ALA D 352 19.42 -40.40 36.43
N VAL D 353 20.32 -39.46 36.16
CA VAL D 353 20.06 -38.24 35.34
C VAL D 353 21.27 -38.02 34.41
N ALA D 354 21.09 -38.20 33.09
CA ALA D 354 22.19 -38.14 32.09
C ALA D 354 22.62 -36.68 31.86
N LYS D 355 23.90 -36.51 31.52
CA LYS D 355 24.46 -35.22 31.03
C LYS D 355 23.52 -34.71 29.93
N ASP D 356 23.24 -33.41 29.96
CA ASP D 356 22.40 -32.70 28.93
C ASP D 356 20.97 -33.27 28.90
N GLN D 357 20.57 -34.23 29.74
CA GLN D 357 19.18 -34.75 29.71
C GLN D 357 18.22 -33.67 30.23
N ARG D 358 17.13 -33.45 29.48
CA ARG D 358 16.14 -32.38 29.79
C ARG D 358 15.38 -32.75 31.06
N LEU D 359 15.48 -31.91 32.08
CA LEU D 359 14.67 -31.99 33.32
C LEU D 359 13.68 -30.84 33.32
N ALA D 360 12.40 -31.13 33.27
CA ALA D 360 11.31 -30.14 33.38
C ALA D 360 10.97 -29.93 34.85
N LEU D 361 11.28 -28.77 35.44
CA LEU D 361 10.78 -28.34 36.77
C LEU D 361 9.34 -27.85 36.60
N LEU D 362 8.36 -28.70 36.89
CA LEU D 362 6.91 -28.39 36.82
C LEU D 362 6.55 -27.54 38.04
N LEU D 363 6.91 -26.25 38.02
CA LEU D 363 6.61 -25.24 39.07
C LEU D 363 5.11 -25.22 39.38
N ALA D 364 4.24 -25.43 38.39
CA ALA D 364 2.79 -25.42 38.61
C ALA D 364 2.44 -26.51 39.63
N GLN D 365 3.27 -27.54 39.76
CA GLN D 365 3.10 -28.61 40.80
C GLN D 365 4.01 -28.39 42.02
N SER D 366 5.31 -28.09 41.89
CA SER D 366 6.31 -27.82 42.99
C SER D 366 5.75 -26.82 44.02
N HIS D 367 4.92 -25.90 43.50
CA HIS D 367 4.32 -24.76 44.23
C HIS D 367 3.12 -25.27 45.05
N LEU D 368 2.67 -26.50 44.82
CA LEU D 368 1.55 -27.15 45.59
C LEU D 368 2.08 -28.23 46.54
N ASP D 369 3.40 -28.43 46.60
CA ASP D 369 4.03 -29.47 47.45
C ASP D 369 3.42 -29.42 48.85
N PRO D 370 2.62 -30.47 49.23
CA PRO D 370 2.01 -30.54 50.57
C PRO D 370 3.07 -30.46 51.68
N ALA D 371 4.27 -31.03 51.44
CA ALA D 371 5.40 -31.09 52.40
C ALA D 371 5.82 -29.67 52.79
N VAL D 372 5.66 -28.70 51.91
CA VAL D 372 6.04 -27.28 52.17
C VAL D 372 4.81 -26.52 52.67
N TYR D 373 3.70 -26.58 51.92
CA TYR D 373 2.62 -25.55 52.00
C TYR D 373 1.44 -26.08 52.81
N GLY D 374 1.45 -27.38 53.13
CA GLY D 374 0.47 -28.02 54.03
C GLY D 374 -0.81 -28.39 53.31
N GLU D 375 -1.85 -28.70 54.07
CA GLU D 375 -3.12 -29.18 53.51
C GLU D 375 -3.89 -28.03 52.86
N THR D 376 -3.45 -26.77 52.98
CA THR D 376 -4.13 -25.62 52.32
C THR D 376 -3.45 -25.29 50.99
N ALA D 377 -2.51 -26.13 50.53
CA ALA D 377 -1.63 -25.85 49.37
C ALA D 377 -2.44 -25.37 48.15
N LYS D 378 -3.61 -25.96 47.90
CA LYS D 378 -4.36 -25.69 46.65
C LYS D 378 -5.26 -24.47 46.83
N GLN D 379 -5.33 -23.87 48.03
CA GLN D 379 -6.20 -22.68 48.26
C GLN D 379 -5.46 -21.36 48.05
N PHE D 380 -6.23 -20.29 47.78
CA PHE D 380 -5.73 -18.91 47.58
C PHE D 380 -5.77 -18.21 48.94
N ILE D 381 -4.60 -18.05 49.56
CA ILE D 381 -4.45 -17.45 50.91
C ILE D 381 -3.25 -16.49 50.89
N PRO D 382 -3.46 -15.21 50.54
CA PRO D 382 -2.35 -14.26 50.48
C PRO D 382 -1.54 -14.18 51.79
N GLU D 383 -2.21 -14.35 52.93
CA GLU D 383 -1.59 -14.29 54.29
C GLU D 383 -0.33 -15.18 54.30
N ARG D 384 -0.41 -16.34 53.64
CA ARG D 384 0.67 -17.37 53.48
C ARG D 384 2.00 -16.72 53.06
N MET D 385 1.93 -15.70 52.19
CA MET D 385 3.12 -15.16 51.49
C MET D 385 3.40 -13.72 51.94
N LEU D 386 2.91 -13.30 53.11
CA LEU D 386 3.40 -12.06 53.78
C LEU D 386 4.88 -12.21 54.16
N ASP D 387 5.63 -11.09 54.22
CA ASP D 387 7.12 -11.11 54.31
C ASP D 387 7.60 -12.11 55.39
N GLU D 388 7.14 -11.93 56.62
CA GLU D 388 7.59 -12.76 57.76
C GLU D 388 7.50 -14.24 57.37
N ASN D 389 6.31 -14.73 57.03
CA ASN D 389 6.09 -16.18 56.80
C ASN D 389 6.82 -16.64 55.53
N PHE D 390 6.78 -15.82 54.46
CA PHE D 390 7.43 -16.05 53.15
C PHE D 390 8.94 -16.33 53.35
N GLU D 391 9.63 -15.45 54.09
CA GLU D 391 11.10 -15.54 54.35
C GLU D 391 11.39 -16.83 55.11
N ARG D 392 10.48 -17.20 56.01
CA ARG D 392 10.54 -18.45 56.82
C ARG D 392 10.41 -19.69 55.91
N LEU D 393 9.47 -19.69 54.98
CA LEU D 393 9.28 -20.84 54.06
C LEU D 393 10.52 -21.01 53.17
N ASN D 394 11.16 -19.90 52.75
CA ASN D 394 12.33 -19.91 51.82
C ASN D 394 13.58 -20.41 52.57
N ARG D 395 13.70 -20.09 53.86
CA ARG D 395 14.79 -20.59 54.73
C ARG D 395 14.60 -22.09 54.92
N GLU D 396 13.39 -22.52 55.31
CA GLU D 396 13.13 -23.92 55.71
C GLU D 396 12.94 -24.84 54.50
N TYR D 397 12.51 -24.30 53.35
CA TYR D 397 12.28 -25.11 52.10
C TYR D 397 12.78 -24.33 50.90
N PRO D 398 14.11 -24.11 50.74
CA PRO D 398 14.64 -23.25 49.68
C PRO D 398 14.18 -23.72 48.30
N ASP D 399 13.82 -22.76 47.43
CA ASP D 399 13.28 -22.99 46.06
C ASP D 399 11.89 -23.67 46.10
N CYS D 400 11.10 -23.40 47.15
CA CYS D 400 9.67 -23.79 47.28
C CYS D 400 8.84 -22.93 46.32
N TRP D 401 9.37 -21.75 45.91
CA TRP D 401 8.69 -20.66 45.15
C TRP D 401 9.64 -20.04 44.10
N LYS D 402 9.48 -20.39 42.83
CA LYS D 402 10.46 -20.00 41.79
C LYS D 402 9.80 -19.45 40.52
N PRO D 403 8.79 -18.56 40.60
CA PRO D 403 8.07 -18.11 39.39
C PRO D 403 8.94 -17.22 38.50
N PHE D 404 10.03 -16.67 39.07
CA PHE D 404 11.04 -15.78 38.45
C PHE D 404 12.34 -16.55 38.15
N GLY D 405 12.31 -17.88 38.10
CA GLY D 405 13.42 -18.71 37.61
C GLY D 405 14.57 -18.71 38.59
N THR D 406 15.75 -19.19 38.16
CA THR D 406 16.82 -19.58 39.12
C THR D 406 18.22 -19.32 38.53
N GLY D 407 19.14 -18.85 39.38
CA GLY D 407 20.59 -18.88 39.10
C GLY D 407 20.95 -17.73 38.21
N MET D 408 22.07 -17.81 37.49
CA MET D 408 22.52 -16.69 36.62
C MET D 408 21.47 -16.51 35.49
N ARG D 409 20.57 -17.48 35.29
CA ARG D 409 19.53 -17.45 34.21
C ARG D 409 18.15 -17.11 34.80
N ALA D 410 18.11 -16.50 35.99
CA ALA D 410 16.84 -15.99 36.58
C ALA D 410 16.36 -14.73 35.86
N CYS D 411 15.12 -14.33 36.12
CA CYS D 411 14.43 -13.18 35.47
C CYS D 411 15.19 -11.88 35.77
N ILE D 412 15.72 -11.23 34.74
CA ILE D 412 16.39 -9.89 34.80
C ILE D 412 15.36 -8.80 35.10
N GLY D 413 14.09 -9.05 34.80
CA GLY D 413 13.00 -8.05 34.77
C GLY D 413 12.16 -8.02 36.04
N ARG D 414 12.45 -8.93 36.96
CA ARG D 414 11.65 -9.13 38.20
C ARG D 414 11.31 -7.80 38.84
N PRO D 415 12.29 -6.92 39.18
CA PRO D 415 11.97 -5.68 39.88
C PRO D 415 11.08 -4.73 39.04
N PHE D 416 11.17 -4.78 37.71
CA PHE D 416 10.30 -3.99 36.80
C PHE D 416 8.87 -4.48 36.96
N ALA D 417 8.66 -5.78 36.74
CA ALA D 417 7.34 -6.47 36.89
C ALA D 417 6.74 -6.11 38.23
N TRP D 418 7.55 -6.09 39.28
CA TRP D 418 7.05 -5.98 40.67
C TRP D 418 6.47 -4.58 40.86
N GLN D 419 7.29 -3.56 40.58
CA GLN D 419 6.88 -2.14 40.68
C GLN D 419 5.63 -1.96 39.81
N GLU D 420 5.59 -2.53 38.61
CA GLU D 420 4.44 -2.34 37.72
C GLU D 420 3.18 -2.94 38.37
N ALA D 421 3.25 -4.22 38.75
CA ALA D 421 2.07 -4.97 39.23
C ALA D 421 1.53 -4.35 40.52
N VAL D 422 2.40 -3.94 41.43
CA VAL D 422 1.98 -3.33 42.71
C VAL D 422 1.27 -2.00 42.43
N LEU D 423 1.90 -1.13 41.62
CA LEU D 423 1.35 0.21 41.27
C LEU D 423 -0.04 0.06 40.63
N VAL D 424 -0.16 -0.82 39.62
CA VAL D 424 -1.44 -0.96 38.86
C VAL D 424 -2.51 -1.47 39.82
N MET D 425 -2.21 -2.48 40.64
CA MET D 425 -3.22 -3.10 41.53
C MET D 425 -3.67 -2.08 42.58
N ALA D 426 -2.75 -1.27 43.12
CA ALA D 426 -3.07 -0.20 44.08
C ALA D 426 -4.00 0.81 43.42
N MET D 427 -3.61 1.30 42.24
CA MET D 427 -4.37 2.34 41.52
C MET D 427 -5.78 1.80 41.21
N LEU D 428 -5.91 0.58 40.72
CA LEU D 428 -7.25 0.09 40.30
C LEU D 428 -8.11 -0.14 41.54
N LEU D 429 -7.55 -0.64 42.65
CA LEU D 429 -8.37 -0.96 43.85
C LEU D 429 -8.82 0.33 44.55
N GLN D 430 -7.98 1.35 44.48
CA GLN D 430 -8.25 2.71 44.97
C GLN D 430 -9.51 3.26 44.29
N ASN D 431 -9.66 3.14 42.96
CA ASN D 431 -10.68 3.89 42.17
C ASN D 431 -11.90 3.04 41.81
N PHE D 432 -11.81 1.72 41.86
CA PHE D 432 -12.86 0.81 41.34
C PHE D 432 -13.14 -0.34 42.30
N ASP D 433 -14.37 -0.83 42.19
CA ASP D 433 -14.79 -2.20 42.60
C ASP D 433 -14.91 -3.03 41.32
N PHE D 434 -14.75 -4.35 41.43
CA PHE D 434 -14.71 -5.28 40.29
C PHE D 434 -15.63 -6.47 40.54
N VAL D 435 -16.39 -6.90 39.56
CA VAL D 435 -17.30 -8.07 39.66
C VAL D 435 -17.13 -8.88 38.40
N LEU D 436 -17.28 -10.20 38.47
CA LEU D 436 -17.38 -11.06 37.26
C LEU D 436 -18.40 -10.46 36.31
N HIS D 437 -18.15 -10.46 35.00
CA HIS D 437 -19.18 -10.07 34.02
C HIS D 437 -20.20 -11.21 33.96
N ASP D 438 -19.71 -12.46 33.94
CA ASP D 438 -20.54 -13.68 33.94
C ASP D 438 -20.48 -14.28 35.33
N PRO D 439 -21.56 -14.28 36.13
CA PRO D 439 -21.48 -14.81 37.50
C PRO D 439 -21.04 -16.28 37.53
N TYR D 440 -21.31 -17.00 36.43
CA TYR D 440 -21.03 -18.44 36.23
C TYR D 440 -19.64 -18.66 35.62
N TYR D 441 -18.83 -17.65 35.43
CA TYR D 441 -17.45 -17.86 34.95
C TYR D 441 -16.72 -18.74 35.98
N GLU D 442 -16.08 -19.81 35.46
CA GLU D 442 -15.11 -20.64 36.21
C GLU D 442 -13.76 -20.49 35.52
N LEU D 443 -12.68 -20.31 36.28
CA LEU D 443 -11.33 -20.12 35.74
C LEU D 443 -11.01 -21.30 34.85
N HIS D 444 -10.65 -21.04 33.59
CA HIS D 444 -9.90 -21.99 32.76
C HIS D 444 -8.75 -21.21 32.16
N TYR D 445 -7.81 -21.93 31.58
CA TYR D 445 -6.50 -21.43 31.19
C TYR D 445 -6.47 -21.32 29.67
N LYS D 446 -5.79 -20.26 29.20
CA LYS D 446 -5.21 -20.17 27.84
C LYS D 446 -3.71 -20.38 27.99
N GLN D 447 -3.15 -21.29 27.21
CA GLN D 447 -1.70 -21.54 27.20
C GLN D 447 -1.13 -21.16 25.84
N THR D 448 -0.20 -20.21 25.86
CA THR D 448 0.73 -19.85 24.75
C THR D 448 2.15 -20.03 25.29
N LEU D 449 2.52 -21.28 25.64
CA LEU D 449 3.65 -21.63 26.55
C LEU D 449 3.33 -21.06 27.93
N THR D 450 3.25 -19.73 28.00
CA THR D 450 2.82 -18.94 29.19
C THR D 450 1.32 -19.17 29.44
N THR D 451 0.85 -18.83 30.64
CA THR D 451 -0.55 -19.07 31.06
C THR D 451 -1.23 -17.75 31.44
N LYS D 452 -2.52 -17.68 31.11
CA LYS D 452 -3.47 -16.60 31.43
C LYS D 452 -4.83 -17.26 31.65
N PRO D 453 -5.74 -16.60 32.41
CA PRO D 453 -7.18 -16.87 32.30
C PRO D 453 -7.69 -16.81 30.86
N LYS D 454 -8.65 -17.67 30.52
CA LYS D 454 -9.31 -17.73 29.19
C LYS D 454 -10.73 -17.20 29.31
N ASP D 455 -11.03 -16.14 28.57
CA ASP D 455 -12.42 -15.61 28.42
C ASP D 455 -12.93 -15.12 29.78
N PHE D 456 -12.01 -14.51 30.53
CA PHE D 456 -12.29 -13.81 31.81
C PHE D 456 -12.69 -12.37 31.51
N TYR D 457 -13.95 -12.02 31.75
CA TYR D 457 -14.51 -10.66 31.66
C TYR D 457 -14.92 -10.18 33.07
N MET D 458 -14.70 -8.90 33.34
CA MET D 458 -15.16 -8.25 34.58
C MET D 458 -15.77 -6.88 34.25
N ARG D 459 -16.35 -6.23 35.25
CA ARG D 459 -16.83 -4.85 35.14
C ARG D 459 -16.20 -4.03 36.26
N ALA D 460 -15.94 -2.76 35.98
CA ALA D 460 -15.35 -1.79 36.91
C ALA D 460 -16.38 -0.70 37.23
N ILE D 461 -16.69 -0.57 38.52
CA ILE D 461 -17.62 0.44 39.08
C ILE D 461 -16.75 1.39 39.87
N LEU D 462 -16.72 2.67 39.48
CA LEU D 462 -16.03 3.72 40.26
C LEU D 462 -16.53 3.75 41.71
N ARG D 463 -15.62 4.06 42.64
CA ARG D 463 -15.89 4.20 44.11
C ARG D 463 -16.28 5.65 44.42
N ASP D 464 -16.59 6.00 45.67
CA ASP D 464 -17.08 7.35 46.09
C ASP D 464 -18.45 7.65 45.47
CHA HEM E . 26.88 -28.67 -14.22
CHB HEM E . 27.17 -25.02 -11.15
CHC HEM E . 25.96 -21.97 -14.85
CHD HEM E . 25.12 -25.79 -17.61
C1A HEM E . 27.12 -27.92 -13.10
C2A HEM E . 27.44 -28.50 -11.85
C3A HEM E . 27.50 -27.51 -11.00
C4A HEM E . 27.21 -26.28 -11.68
CMA HEM E . 27.85 -27.76 -9.57
CAA HEM E . 27.70 -29.94 -11.45
CBA HEM E . 26.47 -30.76 -11.00
CGA HEM E . 26.85 -32.08 -10.31
O1A HEM E . 25.92 -32.91 -10.05
O2A HEM E . 28.05 -32.35 -9.98
C1B HEM E . 26.85 -23.83 -11.90
C2B HEM E . 26.85 -22.51 -11.38
C3B HEM E . 26.52 -21.63 -12.40
C4B HEM E . 26.33 -22.47 -13.58
CMB HEM E . 27.18 -22.16 -9.97
CAB HEM E . 26.42 -20.12 -12.50
CBB HEM E . 26.85 -19.21 -11.60
C1C HEM E . 25.62 -22.75 -15.96
C2C HEM E . 25.37 -22.29 -17.28
C3C HEM E . 25.14 -23.36 -18.08
C4C HEM E . 25.24 -24.50 -17.21
CMC HEM E . 25.36 -20.87 -17.73
CAC HEM E . 24.83 -23.40 -19.52
CBC HEM E . 24.82 -22.43 -20.42
C1D HEM E . 25.53 -26.86 -16.88
C2D HEM E . 25.41 -28.22 -17.43
C3D HEM E . 25.91 -29.02 -16.49
C4D HEM E . 26.33 -28.17 -15.36
CMD HEM E . 24.89 -28.72 -18.76
CAD HEM E . 26.01 -30.51 -16.70
CBD HEM E . 27.36 -30.92 -17.32
CGD HEM E . 27.62 -32.43 -17.19
O1D HEM E . 27.60 -33.07 -16.07
O2D HEM E . 27.86 -33.06 -18.26
NA HEM E . 26.98 -26.56 -12.97
NB HEM E . 26.56 -23.74 -13.20
NC HEM E . 25.54 -24.11 -15.94
ND HEM E . 26.09 -26.87 -15.66
FE HEM E . 26.42 -25.37 -14.51
O1 DAO F . 19.36 -34.13 -3.15
O2 DAO F . 19.47 -33.79 -0.95
C1 DAO F . 19.53 -33.36 -2.14
C2 DAO F . 19.80 -31.86 -2.36
C3 DAO F . 20.75 -31.46 -3.50
C4 DAO F . 20.42 -30.10 -4.12
C5 DAO F . 21.27 -29.67 -5.36
C6 DAO F . 20.69 -30.08 -6.76
C7 DAO F . 20.79 -29.04 -7.90
C8 DAO F . 20.42 -29.57 -9.31
C9 DAO F . 20.32 -28.53 -10.47
C10 DAO F . 19.29 -28.88 -11.57
C11 DAO F . 19.57 -28.47 -13.05
C12 DAO F . 18.87 -29.32 -14.15
CHA HEM G . -7.07 21.36 -30.63
CHB HEM G . -6.78 17.89 -33.93
CHC HEM G . -2.49 16.54 -31.98
CHD HEM G . -3.16 19.49 -28.26
C1A HEM G . -7.34 20.56 -31.73
C2A HEM G . -8.48 20.69 -32.56
C3A HEM G . -8.37 19.71 -33.50
C4A HEM G . -7.20 18.98 -33.24
CMA HEM G . -9.32 19.39 -34.64
CAA HEM G . -9.56 21.75 -32.47
CBA HEM G . -10.53 21.43 -31.34
CGA HEM G . -11.87 22.07 -31.55
O1A HEM G . -12.81 21.92 -30.71
O2A HEM G . -11.99 22.77 -32.59
C1B HEM G . -5.57 17.20 -33.64
C2B HEM G . -5.13 16.11 -34.47
C3B HEM G . -3.92 15.68 -33.92
C4B HEM G . -3.61 16.63 -32.78
CMB HEM G . -5.91 15.55 -35.65
CAB HEM G . -2.99 14.66 -34.40
CBB HEM G . -3.02 14.25 -35.65
C1C HEM G . -2.25 17.22 -30.79
C2C HEM G . -1.08 17.16 -30.00
C3C HEM G . -1.27 18.05 -28.94
C4C HEM G . -2.57 18.58 -29.09
CMC HEM G . 0.12 16.27 -30.28
CAC HEM G . -0.34 18.36 -27.84
CBC HEM G . 0.97 18.07 -27.81
C1D HEM G . -4.29 20.23 -28.65
C2D HEM G . -4.85 21.25 -27.80
C3D HEM G . -5.91 21.79 -28.45
C4D HEM G . -6.01 21.09 -29.70
CMD HEM G . -4.31 21.61 -26.42
CAD HEM G . -6.83 22.89 -28.00
CBD HEM G . -6.21 24.26 -28.40
CGD HEM G . -7.04 25.45 -27.89
O1D HEM G . -8.33 25.42 -27.94
O2D HEM G . -6.44 26.46 -27.41
NA HEM G . -6.56 19.48 -32.17
NB HEM G . -4.64 17.47 -32.70
NC HEM G . -3.12 18.09 -30.26
ND HEM G . -5.00 20.19 -29.81
FE HEM G . -4.77 18.96 -31.31
O1 DAO H . -19.61 16.45 -31.05
O2 DAO H . -20.36 14.39 -31.70
C1 DAO H . -19.46 15.28 -31.64
C2 DAO H . -18.18 14.97 -32.40
C3 DAO H . -16.97 14.47 -31.66
C4 DAO H . -16.09 15.60 -31.15
C5 DAO H . -14.65 15.21 -30.88
C6 DAO H . -14.15 15.66 -29.56
C7 DAO H . -12.65 15.61 -29.34
C8 DAO H . -12.27 15.58 -27.84
C9 DAO H . -10.79 15.69 -27.48
C10 DAO H . -10.54 15.75 -26.00
C11 DAO H . -9.44 16.62 -25.49
C12 DAO H . -9.65 16.90 -24.00
CHA HEM I . -29.27 26.47 13.01
CHB HEM I . -24.68 27.08 11.44
CHC HEM I . -23.08 24.96 15.56
CHD HEM I . -27.59 23.69 16.70
C1A HEM I . -28.17 26.87 12.26
C2A HEM I . -28.25 27.51 11.01
C3A HEM I . -26.96 27.68 10.55
C4A HEM I . -26.07 27.11 11.52
CMA HEM I . -26.53 28.29 9.22
CAA HEM I . -29.51 27.88 10.26
CBA HEM I . -29.88 26.76 9.25
CGA HEM I . -31.00 27.21 8.38
O1A HEM I . -31.57 26.52 7.51
O2A HEM I . -31.35 28.36 8.57
C1B HEM I . -23.84 26.56 12.46
C2B HEM I . -22.42 26.57 12.38
C3B HEM I . -21.98 25.98 13.54
C4B HEM I . -23.17 25.59 14.31
CMB HEM I . -21.61 27.12 11.21
CAB HEM I . -20.64 25.79 14.11
CBB HEM I . -19.59 26.50 13.74
C1C HEM I . -24.15 24.42 16.24
C2C HEM I . -24.09 23.77 17.49
C3C HEM I . -25.37 23.35 17.81
C4C HEM I . -26.22 23.84 16.76
CMC HEM I . -22.83 23.52 18.28
CAC HEM I . -25.85 22.65 19.05
CBC HEM I . -25.15 22.60 20.20
C1D HEM I . -28.37 24.34 15.76
C2D HEM I . -29.83 24.18 15.77
C3D HEM I . -30.28 24.96 14.77
C4D HEM I . -29.13 25.61 14.12
CMD HEM I . -30.67 23.36 16.71
CAD HEM I . -31.71 25.14 14.39
CBD HEM I . -32.35 26.22 15.29
CGD HEM I . -33.73 26.63 14.83
O1D HEM I . -34.06 26.58 13.62
O2D HEM I . -34.56 27.04 15.67
NA HEM I . -26.82 26.62 12.57
NB HEM I . -24.23 25.97 13.63
NC HEM I . -25.42 24.50 15.81
ND HEM I . -27.98 25.20 14.76
FE HEM I . -26.20 25.71 14.25
O1 DAO J . -30.28 22.50 -1.04
O2 DAO J . -28.14 22.21 -1.73
C1 DAO J . -29.02 22.55 -0.86
C2 DAO J . -28.52 23.07 0.49
C3 DAO J . -27.07 22.83 0.88
C4 DAO J . -26.79 23.16 2.34
C5 DAO J . -27.83 22.63 3.36
C6 DAO J . -27.27 22.39 4.75
C7 DAO J . -28.20 21.73 5.74
C8 DAO J . -27.51 21.17 6.98
C9 DAO J . -28.32 20.16 7.77
C10 DAO J . -27.84 19.83 9.20
C11 DAO J . -28.88 19.86 10.31
C12 DAO J . -29.68 18.59 10.65
CHA HEM K . 13.55 -14.90 32.66
CHB HEM K . 9.26 -15.10 34.83
CHC HEM K . 8.68 -10.32 34.04
CHD HEM K . 12.58 -10.43 31.22
C1A HEM K . 12.44 -15.38 33.37
C2A HEM K . 12.30 -16.72 33.90
C3A HEM K . 11.12 -16.78 34.49
C4A HEM K . 10.49 -15.51 34.34
CMA HEM K . 10.61 -18.05 35.13
CAA HEM K . 13.26 -17.86 33.82
CBA HEM K . 13.13 -18.45 32.43
CGA HEM K . 13.78 -19.81 32.39
O1A HEM K . 13.74 -20.41 31.27
O2A HEM K . 14.35 -20.28 33.41
C1B HEM K . 8.75 -13.79 34.77
C2B HEM K . 7.52 -13.46 35.34
C3B HEM K . 7.28 -12.15 35.11
C4B HEM K . 8.51 -11.65 34.44
CMB HEM K . 6.64 -14.45 36.01
CAB HEM K . 6.21 -11.30 35.57
CBB HEM K . 5.38 -11.60 36.55
C1C HEM K . 9.69 -9.87 33.20
C2C HEM K . 9.86 -8.57 32.72
C3C HEM K . 10.98 -8.61 31.88
C4C HEM K . 11.48 -9.97 31.90
CMC HEM K . 8.97 -7.39 33.07
CAC HEM K . 11.68 -7.48 31.16
CBC HEM K . 11.49 -6.23 31.49
C1D HEM K . 13.16 -11.68 31.36
C2D HEM K . 14.36 -12.07 30.64
C3D HEM K . 14.68 -13.33 31.02
C4D HEM K . 13.64 -13.67 32.02
CMD HEM K . 15.14 -11.27 29.61
CAD HEM K . 15.86 -14.10 30.46
CBD HEM K . 17.04 -13.91 31.45
CGD HEM K . 18.32 -14.65 31.15
O1D HEM K . 18.34 -15.88 30.93
O2D HEM K . 19.39 -13.98 31.18
NA HEM K . 11.33 -14.65 33.69
NB HEM K . 9.31 -12.68 34.25
NC HEM K . 10.66 -10.69 32.70
ND HEM K . 12.77 -12.66 32.24
FE HEM K . 11.20 -12.65 33.35
O1 DAO L . 8.43 -26.32 27.37
O2 DAO L . 6.73 -27.78 27.66
C1 DAO L . 7.29 -26.65 27.86
C2 DAO L . 6.59 -25.67 28.81
C3 DAO L . 6.50 -24.19 28.43
C4 DAO L . 7.39 -23.25 29.29
C5 DAO L . 7.13 -21.74 29.09
C6 DAO L . 8.10 -20.95 28.17
C7 DAO L . 8.13 -19.42 28.40
C8 DAO L . 8.24 -18.59 27.13
C9 DAO L . 8.79 -17.17 27.27
C10 DAO L . 9.71 -16.75 26.11
C11 DAO L . 9.82 -15.30 25.72
C12 DAO L . 11.03 -14.97 24.84
#